data_1YZD
# 
_entry.id   1YZD 
# 
_audit_conform.dict_name       mmcif_pdbx.dic 
_audit_conform.dict_version    5.387 
_audit_conform.dict_location   http://mmcif.pdb.org/dictionaries/ascii/mmcif_pdbx.dic 
# 
loop_
_database_2.database_id 
_database_2.database_code 
_database_2.pdbx_database_accession 
_database_2.pdbx_DOI 
PDB   1YZD         pdb_00001yzd 10.2210/pdb1yzd/pdb 
NDB   AR0059       ?            ?                   
RCSB  RCSB032102   ?            ?                   
WWPDB D_1000032102 ?            ?                   
# 
loop_
_pdbx_audit_revision_history.ordinal 
_pdbx_audit_revision_history.data_content_type 
_pdbx_audit_revision_history.major_revision 
_pdbx_audit_revision_history.minor_revision 
_pdbx_audit_revision_history.revision_date 
1 'Structure model' 1 0 2005-10-18 
2 'Structure model' 1 1 2008-04-30 
3 'Structure model' 1 2 2011-07-13 
4 'Structure model' 1 3 2011-11-16 
5 'Structure model' 1 4 2024-02-14 
# 
_pdbx_audit_revision_details.ordinal             1 
_pdbx_audit_revision_details.revision_ordinal    1 
_pdbx_audit_revision_details.data_content_type   'Structure model' 
_pdbx_audit_revision_details.provider            repository 
_pdbx_audit_revision_details.type                'Initial release' 
_pdbx_audit_revision_details.description         ? 
_pdbx_audit_revision_details.details             ? 
# 
loop_
_pdbx_audit_revision_group.ordinal 
_pdbx_audit_revision_group.revision_ordinal 
_pdbx_audit_revision_group.data_content_type 
_pdbx_audit_revision_group.group 
1 2 'Structure model' 'Version format compliance' 
2 3 'Structure model' 'Version format compliance' 
3 4 'Structure model' 'Atomic model'              
4 5 'Structure model' 'Data collection'           
5 5 'Structure model' 'Database references'       
6 5 'Structure model' 'Derived calculations'      
# 
loop_
_pdbx_audit_revision_category.ordinal 
_pdbx_audit_revision_category.revision_ordinal 
_pdbx_audit_revision_category.data_content_type 
_pdbx_audit_revision_category.category 
1 5 'Structure model' chem_comp_atom         
2 5 'Structure model' chem_comp_bond         
3 5 'Structure model' database_2             
4 5 'Structure model' pdbx_struct_conn_angle 
5 5 'Structure model' struct_conn            
6 5 'Structure model' struct_site            
# 
loop_
_pdbx_audit_revision_item.ordinal 
_pdbx_audit_revision_item.revision_ordinal 
_pdbx_audit_revision_item.data_content_type 
_pdbx_audit_revision_item.item 
1  5 'Structure model' '_database_2.pdbx_DOI'                        
2  5 'Structure model' '_database_2.pdbx_database_accession'         
3  5 'Structure model' '_pdbx_struct_conn_angle.ptnr1_auth_comp_id'  
4  5 'Structure model' '_pdbx_struct_conn_angle.ptnr1_auth_seq_id'   
5  5 'Structure model' '_pdbx_struct_conn_angle.ptnr1_label_asym_id' 
6  5 'Structure model' '_pdbx_struct_conn_angle.ptnr1_label_atom_id' 
7  5 'Structure model' '_pdbx_struct_conn_angle.ptnr1_label_comp_id' 
8  5 'Structure model' '_pdbx_struct_conn_angle.ptnr1_label_seq_id'  
9  5 'Structure model' '_pdbx_struct_conn_angle.ptnr3_auth_comp_id'  
10 5 'Structure model' '_pdbx_struct_conn_angle.ptnr3_auth_seq_id'   
11 5 'Structure model' '_pdbx_struct_conn_angle.ptnr3_label_asym_id' 
12 5 'Structure model' '_pdbx_struct_conn_angle.ptnr3_label_atom_id' 
13 5 'Structure model' '_pdbx_struct_conn_angle.ptnr3_label_comp_id' 
14 5 'Structure model' '_pdbx_struct_conn_angle.ptnr3_label_seq_id'  
15 5 'Structure model' '_pdbx_struct_conn_angle.value'               
16 5 'Structure model' '_struct_conn.conn_type_id'                   
17 5 'Structure model' '_struct_conn.id'                             
18 5 'Structure model' '_struct_conn.pdbx_dist_value'                
19 5 'Structure model' '_struct_conn.pdbx_leaving_atom_flag'         
20 5 'Structure model' '_struct_conn.ptnr1_auth_asym_id'             
21 5 'Structure model' '_struct_conn.ptnr1_auth_comp_id'             
22 5 'Structure model' '_struct_conn.ptnr1_auth_seq_id'              
23 5 'Structure model' '_struct_conn.ptnr1_label_asym_id'            
24 5 'Structure model' '_struct_conn.ptnr1_label_atom_id'            
25 5 'Structure model' '_struct_conn.ptnr1_label_comp_id'            
26 5 'Structure model' '_struct_conn.ptnr1_label_seq_id'             
27 5 'Structure model' '_struct_conn.ptnr2_auth_asym_id'             
28 5 'Structure model' '_struct_conn.ptnr2_auth_comp_id'             
29 5 'Structure model' '_struct_conn.ptnr2_auth_seq_id'              
30 5 'Structure model' '_struct_conn.ptnr2_label_asym_id'            
31 5 'Structure model' '_struct_conn.ptnr2_label_atom_id'            
32 5 'Structure model' '_struct_conn.ptnr2_label_comp_id'            
33 5 'Structure model' '_struct_conn.ptnr2_label_seq_id'             
34 5 'Structure model' '_struct_site.pdbx_auth_asym_id'              
35 5 'Structure model' '_struct_site.pdbx_auth_comp_id'              
36 5 'Structure model' '_struct_site.pdbx_auth_seq_id'               
# 
_pdbx_database_status.status_code                     REL 
_pdbx_database_status.entry_id                        1YZD 
_pdbx_database_status.recvd_initial_deposition_date   2005-02-28 
_pdbx_database_status.deposit_site                    RCSB 
_pdbx_database_status.process_site                    RCSB 
_pdbx_database_status.status_code_sf                  REL 
_pdbx_database_status.status_code_mr                  ? 
_pdbx_database_status.SG_entry                        ? 
_pdbx_database_status.pdb_format_compatible           Y 
_pdbx_database_status.status_code_cs                  ? 
_pdbx_database_status.status_code_nmr_data            ? 
_pdbx_database_status.methods_development_category    ? 
# 
loop_
_pdbx_database_related.db_name 
_pdbx_database_related.db_id 
_pdbx_database_related.details 
_pdbx_database_related.content_type 
PDB 1YRM . unspecified 
PDB 1YY0 . unspecified 
# 
loop_
_audit_author.name 
_audit_author.pdbx_ordinal 
'Gherghe, C.M.' 1 
'Krahn, J.M.'   2 
'Weeks, K.M.'   3 
# 
_citation.id                        primary 
_citation.title                     
;Crystal structures, reactivity and inferred acylation transition States for 2'-amine substituted RNA.
;
_citation.journal_abbrev            J.Am.Chem.Soc. 
_citation.journal_volume            127 
_citation.page_first                13622 
_citation.page_last                 13628 
_citation.year                      2005 
_citation.journal_id_ASTM           JACSAT 
_citation.country                   US 
_citation.journal_id_ISSN           0002-7863 
_citation.journal_id_CSD            0004 
_citation.book_publisher            ? 
_citation.pdbx_database_id_PubMed   16190727 
_citation.pdbx_database_id_DOI      10.1021/ja053647y 
# 
loop_
_citation_author.citation_id 
_citation_author.name 
_citation_author.ordinal 
_citation_author.identifier_ORCID 
primary 'Gherghe, C.M.' 1 ? 
primary 'Krahn, J.M.'   2 ? 
primary 'Weeks, K.M.'   3 ? 
# 
loop_
_entity.id 
_entity.type 
_entity.src_method 
_entity.pdbx_description 
_entity.formula_weight 
_entity.pdbx_number_of_molecules 
_entity.pdbx_ec 
_entity.pdbx_mutation 
_entity.pdbx_fragment 
_entity.details 
1 polymer     syn 
;RNA 5'-R(*GP*CP*AP*GP*AP*(A5M)P*UP*UP*AP*AP*GP*UP*CP*UP*GP*C)-3'
;
5097.094 3  ? ? ? ? 
2 non-polymer syn 'CALCIUM ION'                                                      40.078   1  ? ? ? ? 
3 water       nat water                                                              18.015   29 ? ? ? ? 
# 
_entity_poly.entity_id                      1 
_entity_poly.type                           polyribonucleotide 
_entity_poly.nstd_linkage                   no 
_entity_poly.nstd_monomer                   yes 
_entity_poly.pdbx_seq_one_letter_code       'GCAGA(A5M)UUAAGUCUGC' 
_entity_poly.pdbx_seq_one_letter_code_can   GCAGACUUAAGUCUGC 
_entity_poly.pdbx_strand_id                 B,A,C 
_entity_poly.pdbx_target_identifier         ? 
# 
loop_
_pdbx_entity_nonpoly.entity_id 
_pdbx_entity_nonpoly.name 
_pdbx_entity_nonpoly.comp_id 
2 'CALCIUM ION' CA  
3 water         HOH 
# 
loop_
_entity_poly_seq.entity_id 
_entity_poly_seq.num 
_entity_poly_seq.mon_id 
_entity_poly_seq.hetero 
1 1  G   n 
1 2  C   n 
1 3  A   n 
1 4  G   n 
1 5  A   n 
1 6  A5M n 
1 7  U   n 
1 8  U   n 
1 9  A   n 
1 10 A   n 
1 11 G   n 
1 12 U   n 
1 13 C   n 
1 14 U   n 
1 15 G   n 
1 16 C   n 
# 
_pdbx_entity_src_syn.entity_id              1 
_pdbx_entity_src_syn.pdbx_src_id            1 
_pdbx_entity_src_syn.pdbx_alt_source_flag   sample 
_pdbx_entity_src_syn.pdbx_beg_seq_num       ? 
_pdbx_entity_src_syn.pdbx_end_seq_num       ? 
_pdbx_entity_src_syn.organism_scientific    ? 
_pdbx_entity_src_syn.organism_common_name   ? 
_pdbx_entity_src_syn.ncbi_taxonomy_id       ? 
_pdbx_entity_src_syn.details                'chemically synthesized' 
# 
loop_
_chem_comp.id 
_chem_comp.type 
_chem_comp.mon_nstd_flag 
_chem_comp.name 
_chem_comp.pdbx_synonyms 
_chem_comp.formula 
_chem_comp.formula_weight 
A   'RNA linking' y "ADENOSINE-5'-MONOPHOSPHATE"         ? 'C10 H14 N5 O7 P' 347.221 
A5M 'RNA linking' n "2'-AMINE-CYTIDINE-5'-MONOPHOSPHATE" ? 'C9 H15 N4 O7 P'  322.212 
C   'RNA linking' y "CYTIDINE-5'-MONOPHOSPHATE"          ? 'C9 H14 N3 O8 P'  323.197 
CA  non-polymer   . 'CALCIUM ION'                        ? 'Ca 2'            40.078  
G   'RNA linking' y "GUANOSINE-5'-MONOPHOSPHATE"         ? 'C10 H14 N5 O8 P' 363.221 
HOH non-polymer   . WATER                                ? 'H2 O'            18.015  
U   'RNA linking' y "URIDINE-5'-MONOPHOSPHATE"           ? 'C9 H13 N2 O9 P'  324.181 
# 
loop_
_pdbx_poly_seq_scheme.asym_id 
_pdbx_poly_seq_scheme.entity_id 
_pdbx_poly_seq_scheme.seq_id 
_pdbx_poly_seq_scheme.mon_id 
_pdbx_poly_seq_scheme.ndb_seq_num 
_pdbx_poly_seq_scheme.pdb_seq_num 
_pdbx_poly_seq_scheme.auth_seq_num 
_pdbx_poly_seq_scheme.pdb_mon_id 
_pdbx_poly_seq_scheme.auth_mon_id 
_pdbx_poly_seq_scheme.pdb_strand_id 
_pdbx_poly_seq_scheme.pdb_ins_code 
_pdbx_poly_seq_scheme.hetero 
A 1 1  G   1  1  1  G   G   B . n 
A 1 2  C   2  2  2  C   C   B . n 
A 1 3  A   3  3  3  A   A   B . n 
A 1 4  G   4  4  4  G   G   B . n 
A 1 5  A   5  5  5  A   A   B . n 
A 1 6  A5M 6  6  6  A5M A5M B . n 
A 1 7  U   7  7  7  U   U   B . n 
A 1 8  U   8  8  8  U   U   B . n 
A 1 9  A   9  9  9  A   A   B . n 
A 1 10 A   10 10 10 A   A   B . n 
A 1 11 G   11 11 11 G   G   B . n 
A 1 12 U   12 12 12 U   U   B . n 
A 1 13 C   13 13 13 C   C   B . n 
A 1 14 U   14 14 14 U   U   B . n 
A 1 15 G   15 15 15 G   G   B . n 
A 1 16 C   16 16 16 C   C   B . n 
B 1 1  G   1  1  1  G   G   A . n 
B 1 2  C   2  2  2  C   C   A . n 
B 1 3  A   3  3  3  A   A   A . n 
B 1 4  G   4  4  4  G   G   A . n 
B 1 5  A   5  5  5  A   A   A . n 
B 1 6  A5M 6  6  6  A5M A5M A . n 
B 1 7  U   7  7  7  U   U   A . n 
B 1 8  U   8  8  8  U   U   A . n 
B 1 9  A   9  9  9  A   A   A . n 
B 1 10 A   10 10 10 A   A   A . n 
B 1 11 G   11 11 11 G   G   A . n 
B 1 12 U   12 12 12 U   U   A . n 
B 1 13 C   13 13 13 C   C   A . n 
B 1 14 U   14 14 14 U   U   A . n 
B 1 15 G   15 15 15 G   G   A . n 
B 1 16 C   16 16 16 C   C   A . n 
C 1 1  G   1  1  1  G   G   C . n 
C 1 2  C   2  2  2  C   C   C . n 
C 1 3  A   3  3  3  A   A   C . n 
C 1 4  G   4  4  4  G   G   C . n 
C 1 5  A   5  5  5  A   A   C . n 
C 1 6  A5M 6  6  6  A5M A5M C . n 
C 1 7  U   7  7  7  U   U   C . n 
C 1 8  U   8  8  8  U   U   C . n 
C 1 9  A   9  9  9  A   A   C . n 
C 1 10 A   10 10 10 A   A   C . n 
C 1 11 G   11 11 11 G   G   C . n 
C 1 12 U   12 12 12 U   U   C . n 
C 1 13 C   13 13 13 C   C   C . n 
C 1 14 U   14 14 14 U   U   C . n 
C 1 15 G   15 15 15 G   G   C . n 
C 1 16 C   16 16 16 C   C   C . n 
# 
loop_
_pdbx_nonpoly_scheme.asym_id 
_pdbx_nonpoly_scheme.entity_id 
_pdbx_nonpoly_scheme.mon_id 
_pdbx_nonpoly_scheme.ndb_seq_num 
_pdbx_nonpoly_scheme.pdb_seq_num 
_pdbx_nonpoly_scheme.auth_seq_num 
_pdbx_nonpoly_scheme.pdb_mon_id 
_pdbx_nonpoly_scheme.auth_mon_id 
_pdbx_nonpoly_scheme.pdb_strand_id 
_pdbx_nonpoly_scheme.pdb_ins_code 
D 2 CA  1  17 1  CA  CA  A . 
E 3 HOH 1  17 2  HOH HOH B . 
E 3 HOH 2  18 3  HOH HOH B . 
E 3 HOH 3  19 9  HOH HOH B . 
E 3 HOH 4  20 10 HOH HOH B . 
E 3 HOH 5  21 11 HOH HOH B . 
E 3 HOH 6  22 12 HOH HOH B . 
E 3 HOH 7  23 17 HOH HOH B . 
E 3 HOH 8  24 22 HOH HOH B . 
E 3 HOH 9  25 23 HOH HOH B . 
E 3 HOH 10 26 26 HOH HOH B . 
E 3 HOH 11 27 28 HOH HOH B . 
E 3 HOH 12 28 29 HOH HOH B . 
E 3 HOH 13 29 30 HOH HOH B . 
F 3 HOH 1  18 4  HOH HOH A . 
F 3 HOH 2  19 5  HOH HOH A . 
F 3 HOH 3  20 6  HOH HOH A . 
F 3 HOH 4  21 13 HOH HOH A . 
F 3 HOH 5  22 14 HOH HOH A . 
F 3 HOH 6  23 18 HOH HOH A . 
F 3 HOH 7  24 20 HOH HOH A . 
F 3 HOH 8  25 24 HOH HOH A . 
F 3 HOH 9  26 25 HOH HOH A . 
F 3 HOH 10 27 27 HOH HOH A . 
G 3 HOH 1  17 7  HOH HOH C . 
G 3 HOH 2  18 8  HOH HOH C . 
G 3 HOH 3  19 15 HOH HOH C . 
G 3 HOH 4  20 16 HOH HOH C . 
G 3 HOH 5  21 19 HOH HOH C . 
G 3 HOH 6  22 21 HOH HOH C . 
# 
loop_
_software.name 
_software.classification 
_software.version 
_software.citation_id 
_software.pdbx_ordinal 
CNS          refinement       1.1            ? 1 
CrystalClear 'data reduction' '(MSC/RIGAKU)' ? 2 
SCALEPACK    'data scaling'   .              ? 3 
AMoRE        phasing          .              ? 4 
# 
_cell.entry_id           1YZD 
_cell.length_a           43.000 
_cell.length_b           43.000 
_cell.length_c           121.000 
_cell.angle_alpha        90.00 
_cell.angle_beta         90.00 
_cell.angle_gamma        120.00 
_cell.Z_PDB              18 
_cell.pdbx_unique_axis   ? 
# 
_symmetry.entry_id                         1YZD 
_symmetry.space_group_name_H-M             'P 31 2 1' 
_symmetry.pdbx_full_space_group_name_H-M   ? 
_symmetry.cell_setting                     ? 
_symmetry.Int_Tables_number                152 
_symmetry.space_group_name_Hall            ? 
# 
_exptl.entry_id          1YZD 
_exptl.method            'X-RAY DIFFRACTION' 
_exptl.crystals_number   1 
# 
_exptl_crystal.id                    1 
_exptl_crystal.density_meas          ? 
_exptl_crystal.density_Matthews      2.11 
_exptl_crystal.density_percent_sol   41.76 
_exptl_crystal.description           ? 
_exptl_crystal.F_000                 ? 
_exptl_crystal.preparation           ? 
# 
_exptl_crystal_grow.crystal_id      1 
_exptl_crystal_grow.method          'VAPOR DIFFUSION, SITTING DROP' 
_exptl_crystal_grow.temp            273 
_exptl_crystal_grow.temp_details    ? 
_exptl_crystal_grow.pH              8.0 
_exptl_crystal_grow.pdbx_details    
'MPD, sodium cacodylate, spermidine, magnesium chloride, calcium chloride, pH 8.0, VAPOR DIFFUSION, SITTING DROP, temperature 273K' 
_exptl_crystal_grow.pdbx_pH_range   . 
# 
loop_
_exptl_crystal_grow_comp.crystal_id 
_exptl_crystal_grow_comp.id 
_exptl_crystal_grow_comp.sol_id 
_exptl_crystal_grow_comp.name 
_exptl_crystal_grow_comp.volume 
_exptl_crystal_grow_comp.conc 
_exptl_crystal_grow_comp.details 
1 1  1 MPD                  ? ? ? 
1 2  1 'sodium cacodylate'  ? ? ? 
1 3  1 spermidine           ? ? ? 
1 4  1 'magnesium chloride' ? ? ? 
1 5  1 'calcium chloride'   ? ? ? 
1 6  1 H2O                  ? ? ? 
1 7  2 MPD                  ? ? ? 
1 8  2 'sodium cacodylate'  ? ? ? 
1 9  2 'magnesium chloride' ? ? ? 
1 10 2 'calcium chloride'   ? ? ? 
# 
_diffrn.id                     1 
_diffrn.ambient_temp           100 
_diffrn.ambient_temp_details   ? 
_diffrn.crystal_id             1 
# 
_diffrn_detector.diffrn_id              1 
_diffrn_detector.detector               'IMAGE PLATE' 
_diffrn_detector.type                   'RIGAKU RAXIS IV++' 
_diffrn_detector.pdbx_collection_date   2004-02-24 
_diffrn_detector.details                ? 
# 
_diffrn_radiation.diffrn_id                        1 
_diffrn_radiation.wavelength_id                    1 
_diffrn_radiation.pdbx_monochromatic_or_laue_m_l   M 
_diffrn_radiation.monochromator                    ? 
_diffrn_radiation.pdbx_diffrn_protocol             'SINGLE WAVELENGTH' 
_diffrn_radiation.pdbx_scattering_type             x-ray 
# 
_diffrn_radiation_wavelength.id           1 
_diffrn_radiation_wavelength.wavelength   1.5418 
_diffrn_radiation_wavelength.wt           1.0 
# 
_diffrn_source.diffrn_id                   1 
_diffrn_source.source                      'ROTATING ANODE' 
_diffrn_source.type                        RIGAKU 
_diffrn_source.pdbx_synchrotron_site       ? 
_diffrn_source.pdbx_synchrotron_beamline   ? 
_diffrn_source.pdbx_wavelength             1.5418 
_diffrn_source.pdbx_wavelength_list        ? 
# 
_reflns.entry_id                     1YZD 
_reflns.observed_criterion_sigma_I   1.0 
_reflns.observed_criterion_sigma_F   ? 
_reflns.d_resolution_low             31.7 
_reflns.d_resolution_high            2.18 
_reflns.number_obs                   6646 
_reflns.number_all                   7277 
_reflns.percent_possible_obs         91.4 
_reflns.pdbx_Rmerge_I_obs            0.077 
_reflns.pdbx_Rsym_value              0.06 
_reflns.pdbx_netI_over_sigmaI        15.20 
_reflns.B_iso_Wilson_estimate        28.7 
_reflns.pdbx_redundancy              21.79 
_reflns.R_free_details               ? 
_reflns.pdbx_chi_squared             ? 
_reflns.pdbx_scaling_rejects         ? 
_reflns.pdbx_diffrn_id               1 
_reflns.pdbx_ordinal                 1 
# 
_reflns_shell.d_res_high             2.18 
_reflns_shell.d_res_low              2.28 
_reflns_shell.percent_possible_all   57.4 
_reflns_shell.Rmerge_I_obs           0.387 
_reflns_shell.pdbx_Rsym_value        0.37 
_reflns_shell.meanI_over_sigI_obs    3.37 
_reflns_shell.pdbx_redundancy        ? 
_reflns_shell.percent_possible_obs   ? 
_reflns_shell.number_unique_all      405 
_reflns_shell.number_measured_all    ? 
_reflns_shell.number_measured_obs    ? 
_reflns_shell.number_unique_obs      ? 
_reflns_shell.pdbx_chi_squared       ? 
_reflns_shell.pdbx_diffrn_id         ? 
_reflns_shell.pdbx_ordinal           1 
# 
_refine.entry_id                                 1YZD 
_refine.ls_number_reflns_obs                     5556 
_refine.ls_number_reflns_all                     5567 
_refine.pdbx_ls_sigma_I                          ? 
_refine.pdbx_ls_sigma_F                          0.0 
_refine.pdbx_data_cutoff_high_absF               852998.37 
_refine.pdbx_data_cutoff_low_absF                0.000000 
_refine.pdbx_data_cutoff_high_rms_absF           ? 
_refine.ls_d_res_low                             8.07 
_refine.ls_d_res_high                            2.35 
_refine.ls_percent_reflns_obs                    98.0 
_refine.ls_R_factor_obs                          0.236 
_refine.ls_R_factor_all                          0.265 
_refine.ls_R_factor_R_work                       0.236 
_refine.ls_R_factor_R_free                       0.292 
_refine.ls_R_factor_R_free_error                 0.017 
_refine.ls_R_factor_R_free_error_details         ? 
_refine.ls_percent_reflns_R_free                 5.4 
_refine.ls_number_reflns_R_free                  301 
_refine.ls_number_parameters                     ? 
_refine.ls_number_restraints                     ? 
_refine.occupancy_min                            ? 
_refine.occupancy_max                            ? 
_refine.correlation_coeff_Fo_to_Fc               ? 
_refine.correlation_coeff_Fo_to_Fc_free          ? 
_refine.B_iso_mean                               30.5 
_refine.aniso_B[1][1]                            4.45 
_refine.aniso_B[2][2]                            4.45 
_refine.aniso_B[3][3]                            -8.91 
_refine.aniso_B[1][2]                            2.19 
_refine.aniso_B[1][3]                            0.00 
_refine.aniso_B[2][3]                            0.00 
_refine.solvent_model_details                    'FLAT MODEL' 
_refine.solvent_model_param_ksol                 0.405429 
_refine.solvent_model_param_bsol                 32.0361 
_refine.pdbx_solvent_vdw_probe_radii             ? 
_refine.pdbx_solvent_ion_probe_radii             ? 
_refine.pdbx_solvent_shrinkage_radii             ? 
_refine.pdbx_ls_cross_valid_method               THROUGHOUT 
_refine.details                                  ? 
_refine.pdbx_starting_model                      ? 
_refine.pdbx_method_to_determine_struct          'MOLECULAR REPLACEMENT' 
_refine.pdbx_isotropic_thermal_model             RESTRAINED 
_refine.pdbx_stereochemistry_target_values       ? 
_refine.pdbx_stereochem_target_val_spec_case     ? 
_refine.pdbx_R_Free_selection_details            RANDOM 
_refine.pdbx_overall_ESU_R                       ? 
_refine.pdbx_overall_ESU_R_Free                  ? 
_refine.overall_SU_ML                            ? 
_refine.overall_SU_B                             ? 
_refine.ls_redundancy_reflns_obs                 ? 
_refine.overall_SU_R_Cruickshank_DPI             ? 
_refine.overall_SU_R_free                        ? 
_refine.ls_wR_factor_R_free                      ? 
_refine.ls_wR_factor_R_work                      ? 
_refine.overall_FOM_free_R_set                   ? 
_refine.overall_FOM_work_R_set                   ? 
_refine.pdbx_refine_id                           'X-RAY DIFFRACTION' 
_refine.pdbx_diffrn_id                           1 
_refine.pdbx_TLS_residual_ADP_flag               ? 
_refine.pdbx_overall_phase_error                 ? 
_refine.pdbx_overall_SU_R_free_Cruickshank_DPI   ? 
_refine.pdbx_overall_SU_R_Blow_DPI               ? 
_refine.pdbx_overall_SU_R_free_Blow_DPI          ? 
# 
_refine_analyze.entry_id                        1YZD 
_refine_analyze.Luzzati_coordinate_error_obs    0.33 
_refine_analyze.Luzzati_sigma_a_obs             0.39 
_refine_analyze.Luzzati_d_res_low_obs           5.00 
_refine_analyze.Luzzati_coordinate_error_free   0.50 
_refine_analyze.Luzzati_sigma_a_free            0.56 
_refine_analyze.Luzzati_d_res_low_free          ? 
_refine_analyze.number_disordered_residues      ? 
_refine_analyze.occupancy_sum_hydrogen          ? 
_refine_analyze.occupancy_sum_non_hydrogen      ? 
_refine_analyze.pdbx_refine_id                  'X-RAY DIFFRACTION' 
# 
_refine_hist.pdbx_refine_id                   'X-RAY DIFFRACTION' 
_refine_hist.cycle_id                         LAST 
_refine_hist.pdbx_number_atoms_protein        0 
_refine_hist.pdbx_number_atoms_nucleic_acid   1011 
_refine_hist.pdbx_number_atoms_ligand         1 
_refine_hist.number_atoms_solvent             29 
_refine_hist.number_atoms_total               1041 
_refine_hist.d_res_high                       2.35 
_refine_hist.d_res_low                        8.07 
# 
loop_
_refine_ls_restr.type 
_refine_ls_restr.dev_ideal 
_refine_ls_restr.dev_ideal_target 
_refine_ls_restr.weight 
_refine_ls_restr.number 
_refine_ls_restr.pdbx_refine_id 
_refine_ls_restr.pdbx_restraint_function 
c_bond_d           0.005 ?    ? ? 'X-RAY DIFFRACTION' ? 
c_angle_deg        0.9   ?    ? ? 'X-RAY DIFFRACTION' ? 
c_dihedral_angle_d 6.9   ?    ? ? 'X-RAY DIFFRACTION' ? 
c_improper_angle_d 1.33  ?    ? ? 'X-RAY DIFFRACTION' ? 
c_mcbond_it        0.00  1.50 ? ? 'X-RAY DIFFRACTION' ? 
c_mcangle_it       0.00  2.00 ? ? 'X-RAY DIFFRACTION' ? 
c_scbond_it        1.46  2.00 ? ? 'X-RAY DIFFRACTION' ? 
c_scangle_it       1.92  2.50 ? ? 'X-RAY DIFFRACTION' ? 
# 
_refine_ls_shell.pdbx_total_number_of_bins_used   6 
_refine_ls_shell.d_res_high                       2.35 
_refine_ls_shell.d_res_low                        2.49 
_refine_ls_shell.number_reflns_R_work             824 
_refine_ls_shell.R_factor_R_work                  0.302 
_refine_ls_shell.percent_reflns_obs               92.8 
_refine_ls_shell.R_factor_R_free                  0.415 
_refine_ls_shell.R_factor_R_free_error            0.067 
_refine_ls_shell.percent_reflns_R_free            4.4 
_refine_ls_shell.number_reflns_R_free             38 
_refine_ls_shell.redundancy_reflns_obs            ? 
_refine_ls_shell.pdbx_refine_id                   'X-RAY DIFFRACTION' 
_refine_ls_shell.number_reflns_all                ? 
_refine_ls_shell.R_factor_all                     ? 
# 
loop_
_pdbx_xplor_file.serial_no 
_pdbx_xplor_file.param_file 
_pdbx_xplor_file.topol_file 
_pdbx_xplor_file.pdbx_refine_id 
1 C2N.PARAM     C2N.TOP     'X-RAY DIFFRACTION' 
2 DNA-RNA.PARAM DNA-RNA.TOP 'X-RAY DIFFRACTION' 
3 WATER.PARAM   WATER.TOP   'X-RAY DIFFRACTION' 
4 ION.PARAM     ION.TOP     'X-RAY DIFFRACTION' 
# 
_struct.entry_id                  1YZD 
_struct.title                     
;Crystal structure of an RNA duplex containing a site specific 2'-amine substitution at a C-G Watson-Crick base pair
;
_struct.pdbx_model_details        ? 
_struct.pdbx_CASP_flag            ? 
_struct.pdbx_model_type_details   ? 
# 
_struct_keywords.entry_id        1YZD 
_struct_keywords.pdbx_keywords   RNA 
_struct_keywords.text            
;2'-AMINE, RNA, DUPLEX
;
# 
loop_
_struct_asym.id 
_struct_asym.pdbx_blank_PDB_chainid_flag 
_struct_asym.pdbx_modified 
_struct_asym.entity_id 
_struct_asym.details 
A N N 1 ? 
B N N 1 ? 
C N N 1 ? 
D N N 2 ? 
E N N 3 ? 
F N N 3 ? 
G N N 3 ? 
# 
_struct_ref.id                         1 
_struct_ref.entity_id                  1 
_struct_ref.db_name                    PDB 
_struct_ref.db_code                    1YZD 
_struct_ref.pdbx_db_accession          1YZD 
_struct_ref.pdbx_db_isoform            ? 
_struct_ref.pdbx_seq_one_letter_code   ? 
_struct_ref.pdbx_align_begin           ? 
# 
loop_
_struct_ref_seq.align_id 
_struct_ref_seq.ref_id 
_struct_ref_seq.pdbx_PDB_id_code 
_struct_ref_seq.pdbx_strand_id 
_struct_ref_seq.seq_align_beg 
_struct_ref_seq.pdbx_seq_align_beg_ins_code 
_struct_ref_seq.seq_align_end 
_struct_ref_seq.pdbx_seq_align_end_ins_code 
_struct_ref_seq.pdbx_db_accession 
_struct_ref_seq.db_align_beg 
_struct_ref_seq.pdbx_db_align_beg_ins_code 
_struct_ref_seq.db_align_end 
_struct_ref_seq.pdbx_db_align_end_ins_code 
_struct_ref_seq.pdbx_auth_seq_align_beg 
_struct_ref_seq.pdbx_auth_seq_align_end 
1 1 1YZD B 1 ? 16 ? 1YZD 1 ? 16 ? 1 16 
2 1 1YZD A 1 ? 16 ? 1YZD 1 ? 16 ? 1 16 
3 1 1YZD C 1 ? 16 ? 1YZD 1 ? 16 ? 1 16 
# 
loop_
_pdbx_struct_assembly.id 
_pdbx_struct_assembly.details 
_pdbx_struct_assembly.method_details 
_pdbx_struct_assembly.oligomeric_details 
_pdbx_struct_assembly.oligomeric_count 
1 author_defined_assembly ? dimeric 2 
2 author_defined_assembly ? dimeric 2 
# 
loop_
_pdbx_struct_assembly_gen.assembly_id 
_pdbx_struct_assembly_gen.oper_expression 
_pdbx_struct_assembly_gen.asym_id_list 
1 1   A,B,D,E,F 
2 1,2 C,G       
# 
loop_
_pdbx_struct_oper_list.id 
_pdbx_struct_oper_list.type 
_pdbx_struct_oper_list.name 
_pdbx_struct_oper_list.symmetry_operation 
_pdbx_struct_oper_list.matrix[1][1] 
_pdbx_struct_oper_list.matrix[1][2] 
_pdbx_struct_oper_list.matrix[1][3] 
_pdbx_struct_oper_list.vector[1] 
_pdbx_struct_oper_list.matrix[2][1] 
_pdbx_struct_oper_list.matrix[2][2] 
_pdbx_struct_oper_list.matrix[2][3] 
_pdbx_struct_oper_list.vector[2] 
_pdbx_struct_oper_list.matrix[3][1] 
_pdbx_struct_oper_list.matrix[3][2] 
_pdbx_struct_oper_list.matrix[3][3] 
_pdbx_struct_oper_list.vector[3] 
1 'identity operation'         1_555 x,y,z              1.0000000000  0.0000000000 0.0000000000  0.0000000000   0.0000000000 1.0000000000  0.0000000000  0.0000000000   0.0000000000  0.0000000000  1.0000000000 0.0000000000   
2 'crystal symmetry operation' 6_765 -x+2,-x+y+1,-z+1/3 -0.9068542309 0.0215287462 -0.4208941874 -56.7943766171 0.0215287462 -0.9950240691 -0.0972811134 -15.7431776686 -0.4208941874 -0.0972811134 0.9018783000 -13.3741138146 
# 
loop_
_struct_biol.id 
_struct_biol.pdbx_parent_biol_id 
_struct_biol.details 
1 ? ? 
2 ? ? 
# 
loop_
_struct_conn.id 
_struct_conn.conn_type_id 
_struct_conn.pdbx_leaving_atom_flag 
_struct_conn.pdbx_PDB_id 
_struct_conn.ptnr1_label_asym_id 
_struct_conn.ptnr1_label_comp_id 
_struct_conn.ptnr1_label_seq_id 
_struct_conn.ptnr1_label_atom_id 
_struct_conn.pdbx_ptnr1_label_alt_id 
_struct_conn.pdbx_ptnr1_PDB_ins_code 
_struct_conn.pdbx_ptnr1_standard_comp_id 
_struct_conn.ptnr1_symmetry 
_struct_conn.ptnr2_label_asym_id 
_struct_conn.ptnr2_label_comp_id 
_struct_conn.ptnr2_label_seq_id 
_struct_conn.ptnr2_label_atom_id 
_struct_conn.pdbx_ptnr2_label_alt_id 
_struct_conn.pdbx_ptnr2_PDB_ins_code 
_struct_conn.ptnr1_auth_asym_id 
_struct_conn.ptnr1_auth_comp_id 
_struct_conn.ptnr1_auth_seq_id 
_struct_conn.ptnr2_auth_asym_id 
_struct_conn.ptnr2_auth_comp_id 
_struct_conn.ptnr2_auth_seq_id 
_struct_conn.ptnr2_symmetry 
_struct_conn.pdbx_ptnr3_label_atom_id 
_struct_conn.pdbx_ptnr3_label_seq_id 
_struct_conn.pdbx_ptnr3_label_comp_id 
_struct_conn.pdbx_ptnr3_label_asym_id 
_struct_conn.pdbx_ptnr3_label_alt_id 
_struct_conn.pdbx_ptnr3_PDB_ins_code 
_struct_conn.details 
_struct_conn.pdbx_dist_value 
_struct_conn.pdbx_value_order 
_struct_conn.pdbx_role 
covale1  covale both ? A A   5  "O3'" ? ? ? 1_555 A A5M 6  P  ? ? B A   5  B A5M 6  1_555 ? ? ? ? ? ? ?            1.606 ? ? 
covale2  covale both ? A A5M 6  "O3'" ? ? ? 1_555 A U   7  P  ? ? B A5M 6  B U   7  1_555 ? ? ? ? ? ? ?            1.601 ? ? 
covale3  covale both ? B A   5  "O3'" ? ? ? 1_555 B A5M 6  P  ? ? A A   5  A A5M 6  1_555 ? ? ? ? ? ? ?            1.609 ? ? 
covale4  covale both ? B A5M 6  "O3'" ? ? ? 1_555 B U   7  P  ? ? A A5M 6  A U   7  1_555 ? ? ? ? ? ? ?            1.612 ? ? 
covale5  covale both ? C A   5  "O3'" ? ? ? 1_555 C A5M 6  P  ? ? C A   5  C A5M 6  1_555 ? ? ? ? ? ? ?            1.609 ? ? 
covale6  covale both ? C A5M 6  "O3'" ? ? ? 1_555 C U   7  P  ? ? C A5M 6  C U   7  1_555 ? ? ? ? ? ? ?            1.607 ? ? 
metalc1  metalc ?    ? B C   16 "O2'" ? ? ? 1_555 D CA  .  CA ? ? A C   16 A CA  17 1_555 ? ? ? ? ? ? ?            2.442 ? ? 
metalc2  metalc ?    ? B C   16 "O3'" ? ? ? 1_555 D CA  .  CA ? ? A C   16 A CA  17 1_555 ? ? ? ? ? ? ?            2.559 ? ? 
metalc3  metalc ?    ? D CA  .  CA    ? ? ? 1_555 F HOH .  O  ? ? A CA  17 A HOH 26 1_555 ? ? ? ? ? ? ?            2.072 ? ? 
hydrog1  hydrog ?    ? A G   1  N1    ? ? ? 1_555 B C   16 N3 ? ? B G   1  A C   16 1_555 ? ? ? ? ? ? WATSON-CRICK ?     ? ? 
hydrog2  hydrog ?    ? A G   1  N2    ? ? ? 1_555 B C   16 O2 ? ? B G   1  A C   16 1_555 ? ? ? ? ? ? WATSON-CRICK ?     ? ? 
hydrog3  hydrog ?    ? A G   1  O6    ? ? ? 1_555 B C   16 N4 ? ? B G   1  A C   16 1_555 ? ? ? ? ? ? WATSON-CRICK ?     ? ? 
hydrog4  hydrog ?    ? A C   2  N3    ? ? ? 1_555 B G   15 N1 ? ? B C   2  A G   15 1_555 ? ? ? ? ? ? WATSON-CRICK ?     ? ? 
hydrog5  hydrog ?    ? A C   2  N4    ? ? ? 1_555 B G   15 O6 ? ? B C   2  A G   15 1_555 ? ? ? ? ? ? WATSON-CRICK ?     ? ? 
hydrog6  hydrog ?    ? A C   2  O2    ? ? ? 1_555 B G   15 N2 ? ? B C   2  A G   15 1_555 ? ? ? ? ? ? WATSON-CRICK ?     ? ? 
hydrog7  hydrog ?    ? A A   3  N1    ? ? ? 1_555 B U   14 N3 ? ? B A   3  A U   14 1_555 ? ? ? ? ? ? WATSON-CRICK ?     ? ? 
hydrog8  hydrog ?    ? A A   3  N6    ? ? ? 1_555 B U   14 O4 ? ? B A   3  A U   14 1_555 ? ? ? ? ? ? WATSON-CRICK ?     ? ? 
hydrog9  hydrog ?    ? A G   4  N1    ? ? ? 1_555 B C   13 N3 ? ? B G   4  A C   13 1_555 ? ? ? ? ? ? WATSON-CRICK ?     ? ? 
hydrog10 hydrog ?    ? A G   4  N2    ? ? ? 1_555 B C   13 O2 ? ? B G   4  A C   13 1_555 ? ? ? ? ? ? WATSON-CRICK ?     ? ? 
hydrog11 hydrog ?    ? A G   4  O6    ? ? ? 1_555 B C   13 N4 ? ? B G   4  A C   13 1_555 ? ? ? ? ? ? WATSON-CRICK ?     ? ? 
hydrog12 hydrog ?    ? A A   5  N1    ? ? ? 1_555 B U   12 N3 ? ? B A   5  A U   12 1_555 ? ? ? ? ? ? WATSON-CRICK ?     ? ? 
hydrog13 hydrog ?    ? A A   5  N6    ? ? ? 1_555 B U   12 O4 ? ? B A   5  A U   12 1_555 ? ? ? ? ? ? WATSON-CRICK ?     ? ? 
hydrog14 hydrog ?    ? A A5M 6  N3    ? ? ? 1_555 B G   11 N1 ? ? B A5M 6  A G   11 1_555 ? ? ? ? ? ? WATSON-CRICK ?     ? ? 
hydrog15 hydrog ?    ? A A5M 6  N4    ? ? ? 1_555 B G   11 O6 ? ? B A5M 6  A G   11 1_555 ? ? ? ? ? ? WATSON-CRICK ?     ? ? 
hydrog16 hydrog ?    ? A A5M 6  O2    ? ? ? 1_555 B G   11 N2 ? ? B A5M 6  A G   11 1_555 ? ? ? ? ? ? WATSON-CRICK ?     ? ? 
hydrog17 hydrog ?    ? A U   7  N3    ? ? ? 1_555 B A   10 N1 ? ? B U   7  A A   10 1_555 ? ? ? ? ? ? WATSON-CRICK ?     ? ? 
hydrog18 hydrog ?    ? A U   7  O4    ? ? ? 1_555 B A   10 N6 ? ? B U   7  A A   10 1_555 ? ? ? ? ? ? WATSON-CRICK ?     ? ? 
hydrog19 hydrog ?    ? A U   8  N3    ? ? ? 1_555 B A   9  N1 ? ? B U   8  A A   9  1_555 ? ? ? ? ? ? WATSON-CRICK ?     ? ? 
hydrog20 hydrog ?    ? A U   8  O4    ? ? ? 1_555 B A   9  N6 ? ? B U   8  A A   9  1_555 ? ? ? ? ? ? WATSON-CRICK ?     ? ? 
hydrog21 hydrog ?    ? A A   9  N1    ? ? ? 1_555 B U   8  N3 ? ? B A   9  A U   8  1_555 ? ? ? ? ? ? WATSON-CRICK ?     ? ? 
hydrog22 hydrog ?    ? A A   9  N6    ? ? ? 1_555 B U   8  O4 ? ? B A   9  A U   8  1_555 ? ? ? ? ? ? WATSON-CRICK ?     ? ? 
hydrog23 hydrog ?    ? A A   10 N1    ? ? ? 1_555 B U   7  N3 ? ? B A   10 A U   7  1_555 ? ? ? ? ? ? WATSON-CRICK ?     ? ? 
hydrog24 hydrog ?    ? A A   10 N6    ? ? ? 1_555 B U   7  O4 ? ? B A   10 A U   7  1_555 ? ? ? ? ? ? WATSON-CRICK ?     ? ? 
hydrog25 hydrog ?    ? A G   11 N1    ? ? ? 1_555 B A5M 6  N3 ? ? B G   11 A A5M 6  1_555 ? ? ? ? ? ? WATSON-CRICK ?     ? ? 
hydrog26 hydrog ?    ? A G   11 N2    ? ? ? 1_555 B A5M 6  O2 ? ? B G   11 A A5M 6  1_555 ? ? ? ? ? ? WATSON-CRICK ?     ? ? 
hydrog27 hydrog ?    ? A G   11 O6    ? ? ? 1_555 B A5M 6  N4 ? ? B G   11 A A5M 6  1_555 ? ? ? ? ? ? WATSON-CRICK ?     ? ? 
hydrog28 hydrog ?    ? A U   12 N3    ? ? ? 1_555 B A   5  N1 ? ? B U   12 A A   5  1_555 ? ? ? ? ? ? WATSON-CRICK ?     ? ? 
hydrog29 hydrog ?    ? A U   12 O4    ? ? ? 1_555 B A   5  N6 ? ? B U   12 A A   5  1_555 ? ? ? ? ? ? WATSON-CRICK ?     ? ? 
hydrog30 hydrog ?    ? A C   13 N3    ? ? ? 1_555 B G   4  N1 ? ? B C   13 A G   4  1_555 ? ? ? ? ? ? WATSON-CRICK ?     ? ? 
hydrog31 hydrog ?    ? A C   13 N4    ? ? ? 1_555 B G   4  O6 ? ? B C   13 A G   4  1_555 ? ? ? ? ? ? WATSON-CRICK ?     ? ? 
hydrog32 hydrog ?    ? A C   13 O2    ? ? ? 1_555 B G   4  N2 ? ? B C   13 A G   4  1_555 ? ? ? ? ? ? WATSON-CRICK ?     ? ? 
hydrog33 hydrog ?    ? A U   14 N3    ? ? ? 1_555 B A   3  N1 ? ? B U   14 A A   3  1_555 ? ? ? ? ? ? WATSON-CRICK ?     ? ? 
hydrog34 hydrog ?    ? A U   14 O4    ? ? ? 1_555 B A   3  N6 ? ? B U   14 A A   3  1_555 ? ? ? ? ? ? WATSON-CRICK ?     ? ? 
hydrog35 hydrog ?    ? A G   15 N1    ? ? ? 1_555 B C   2  N3 ? ? B G   15 A C   2  1_555 ? ? ? ? ? ? WATSON-CRICK ?     ? ? 
hydrog36 hydrog ?    ? A G   15 N2    ? ? ? 1_555 B C   2  O2 ? ? B G   15 A C   2  1_555 ? ? ? ? ? ? WATSON-CRICK ?     ? ? 
hydrog37 hydrog ?    ? A G   15 O6    ? ? ? 1_555 B C   2  N4 ? ? B G   15 A C   2  1_555 ? ? ? ? ? ? WATSON-CRICK ?     ? ? 
hydrog38 hydrog ?    ? A C   16 N3    ? ? ? 1_555 B G   1  N1 ? ? B C   16 A G   1  1_555 ? ? ? ? ? ? WATSON-CRICK ?     ? ? 
hydrog39 hydrog ?    ? A C   16 N4    ? ? ? 1_555 B G   1  O6 ? ? B C   16 A G   1  1_555 ? ? ? ? ? ? WATSON-CRICK ?     ? ? 
hydrog40 hydrog ?    ? A C   16 O2    ? ? ? 1_555 B G   1  N2 ? ? B C   16 A G   1  1_555 ? ? ? ? ? ? WATSON-CRICK ?     ? ? 
hydrog41 hydrog ?    ? C G   1  N1    ? ? ? 1_555 C C   16 N3 ? ? C G   1  C C   16 6_765 ? ? ? ? ? ? WATSON-CRICK ?     ? ? 
hydrog42 hydrog ?    ? C G   1  N2    ? ? ? 1_555 C C   16 O2 ? ? C G   1  C C   16 6_765 ? ? ? ? ? ? WATSON-CRICK ?     ? ? 
hydrog43 hydrog ?    ? C G   1  O6    ? ? ? 1_555 C C   16 N4 ? ? C G   1  C C   16 6_765 ? ? ? ? ? ? WATSON-CRICK ?     ? ? 
hydrog44 hydrog ?    ? C C   2  N3    ? ? ? 1_555 C G   15 N1 ? ? C C   2  C G   15 6_765 ? ? ? ? ? ? WATSON-CRICK ?     ? ? 
hydrog45 hydrog ?    ? C C   2  N4    ? ? ? 1_555 C G   15 O6 ? ? C C   2  C G   15 6_765 ? ? ? ? ? ? WATSON-CRICK ?     ? ? 
hydrog46 hydrog ?    ? C C   2  O2    ? ? ? 1_555 C G   15 N2 ? ? C C   2  C G   15 6_765 ? ? ? ? ? ? WATSON-CRICK ?     ? ? 
hydrog47 hydrog ?    ? C A   3  N1    ? ? ? 1_555 C U   14 N3 ? ? C A   3  C U   14 6_765 ? ? ? ? ? ? WATSON-CRICK ?     ? ? 
hydrog48 hydrog ?    ? C A   3  N6    ? ? ? 1_555 C U   14 O4 ? ? C A   3  C U   14 6_765 ? ? ? ? ? ? WATSON-CRICK ?     ? ? 
hydrog49 hydrog ?    ? C G   4  N1    ? ? ? 1_555 C C   13 N3 ? ? C G   4  C C   13 6_765 ? ? ? ? ? ? WATSON-CRICK ?     ? ? 
hydrog50 hydrog ?    ? C G   4  N2    ? ? ? 1_555 C C   13 O2 ? ? C G   4  C C   13 6_765 ? ? ? ? ? ? WATSON-CRICK ?     ? ? 
hydrog51 hydrog ?    ? C G   4  O6    ? ? ? 1_555 C C   13 N4 ? ? C G   4  C C   13 6_765 ? ? ? ? ? ? WATSON-CRICK ?     ? ? 
hydrog52 hydrog ?    ? C A   5  N1    ? ? ? 1_555 C U   12 N3 ? ? C A   5  C U   12 6_765 ? ? ? ? ? ? WATSON-CRICK ?     ? ? 
hydrog53 hydrog ?    ? C A   5  N6    ? ? ? 1_555 C U   12 O4 ? ? C A   5  C U   12 6_765 ? ? ? ? ? ? WATSON-CRICK ?     ? ? 
hydrog54 hydrog ?    ? C A5M 6  N3    ? ? ? 1_555 C G   11 N1 ? ? C A5M 6  C G   11 6_765 ? ? ? ? ? ? WATSON-CRICK ?     ? ? 
hydrog55 hydrog ?    ? C A5M 6  N4    ? ? ? 1_555 C G   11 O6 ? ? C A5M 6  C G   11 6_765 ? ? ? ? ? ? WATSON-CRICK ?     ? ? 
hydrog56 hydrog ?    ? C A5M 6  O2    ? ? ? 1_555 C G   11 N2 ? ? C A5M 6  C G   11 6_765 ? ? ? ? ? ? WATSON-CRICK ?     ? ? 
hydrog57 hydrog ?    ? C U   7  N3    ? ? ? 1_555 C A   10 N1 ? ? C U   7  C A   10 6_765 ? ? ? ? ? ? WATSON-CRICK ?     ? ? 
hydrog58 hydrog ?    ? C U   7  O4    ? ? ? 1_555 C A   10 N6 ? ? C U   7  C A   10 6_765 ? ? ? ? ? ? WATSON-CRICK ?     ? ? 
hydrog59 hydrog ?    ? C U   8  N3    ? ? ? 1_555 C A   9  N1 ? ? C U   8  C A   9  6_765 ? ? ? ? ? ? WATSON-CRICK ?     ? ? 
hydrog60 hydrog ?    ? C U   8  O4    ? ? ? 1_555 C A   9  N6 ? ? C U   8  C A   9  6_765 ? ? ? ? ? ? WATSON-CRICK ?     ? ? 
hydrog61 hydrog ?    ? C A   9  N1    ? ? ? 1_555 C U   8  N3 ? ? C A   9  C U   8  6_765 ? ? ? ? ? ? WATSON-CRICK ?     ? ? 
hydrog62 hydrog ?    ? C A   9  N6    ? ? ? 1_555 C U   8  O4 ? ? C A   9  C U   8  6_765 ? ? ? ? ? ? WATSON-CRICK ?     ? ? 
hydrog63 hydrog ?    ? C A   10 N1    ? ? ? 1_555 C U   7  N3 ? ? C A   10 C U   7  6_765 ? ? ? ? ? ? WATSON-CRICK ?     ? ? 
hydrog64 hydrog ?    ? C A   10 N6    ? ? ? 1_555 C U   7  O4 ? ? C A   10 C U   7  6_765 ? ? ? ? ? ? WATSON-CRICK ?     ? ? 
hydrog65 hydrog ?    ? C G   11 N1    ? ? ? 1_555 C A5M 6  N3 ? ? C G   11 C A5M 6  6_765 ? ? ? ? ? ? WATSON-CRICK ?     ? ? 
hydrog66 hydrog ?    ? C G   11 N2    ? ? ? 1_555 C A5M 6  O2 ? ? C G   11 C A5M 6  6_765 ? ? ? ? ? ? WATSON-CRICK ?     ? ? 
hydrog67 hydrog ?    ? C G   11 O6    ? ? ? 1_555 C A5M 6  N4 ? ? C G   11 C A5M 6  6_765 ? ? ? ? ? ? WATSON-CRICK ?     ? ? 
hydrog68 hydrog ?    ? C U   12 N3    ? ? ? 1_555 C A   5  N1 ? ? C U   12 C A   5  6_765 ? ? ? ? ? ? WATSON-CRICK ?     ? ? 
hydrog69 hydrog ?    ? C U   12 O4    ? ? ? 1_555 C A   5  N6 ? ? C U   12 C A   5  6_765 ? ? ? ? ? ? WATSON-CRICK ?     ? ? 
hydrog70 hydrog ?    ? C C   13 N3    ? ? ? 1_555 C G   4  N1 ? ? C C   13 C G   4  6_765 ? ? ? ? ? ? WATSON-CRICK ?     ? ? 
hydrog71 hydrog ?    ? C C   13 N4    ? ? ? 1_555 C G   4  O6 ? ? C C   13 C G   4  6_765 ? ? ? ? ? ? WATSON-CRICK ?     ? ? 
hydrog72 hydrog ?    ? C C   13 O2    ? ? ? 1_555 C G   4  N2 ? ? C C   13 C G   4  6_765 ? ? ? ? ? ? WATSON-CRICK ?     ? ? 
hydrog73 hydrog ?    ? C U   14 N3    ? ? ? 1_555 C A   3  N1 ? ? C U   14 C A   3  6_765 ? ? ? ? ? ? WATSON-CRICK ?     ? ? 
hydrog74 hydrog ?    ? C U   14 O4    ? ? ? 1_555 C A   3  N6 ? ? C U   14 C A   3  6_765 ? ? ? ? ? ? WATSON-CRICK ?     ? ? 
hydrog75 hydrog ?    ? C G   15 N1    ? ? ? 1_555 C C   2  N3 ? ? C G   15 C C   2  6_765 ? ? ? ? ? ? WATSON-CRICK ?     ? ? 
hydrog76 hydrog ?    ? C G   15 N2    ? ? ? 1_555 C C   2  O2 ? ? C G   15 C C   2  6_765 ? ? ? ? ? ? WATSON-CRICK ?     ? ? 
hydrog77 hydrog ?    ? C G   15 O6    ? ? ? 1_555 C C   2  N4 ? ? C G   15 C C   2  6_765 ? ? ? ? ? ? WATSON-CRICK ?     ? ? 
hydrog78 hydrog ?    ? C C   16 N3    ? ? ? 1_555 C G   1  N1 ? ? C C   16 C G   1  6_765 ? ? ? ? ? ? WATSON-CRICK ?     ? ? 
hydrog79 hydrog ?    ? C C   16 N4    ? ? ? 1_555 C G   1  O6 ? ? C C   16 C G   1  6_765 ? ? ? ? ? ? WATSON-CRICK ?     ? ? 
hydrog80 hydrog ?    ? C C   16 O2    ? ? ? 1_555 C G   1  N2 ? ? C C   16 C G   1  6_765 ? ? ? ? ? ? WATSON-CRICK ?     ? ? 
# 
loop_
_struct_conn_type.id 
_struct_conn_type.criteria 
_struct_conn_type.reference 
covale ? ? 
metalc ? ? 
hydrog ? ? 
# 
loop_
_pdbx_struct_conn_angle.id 
_pdbx_struct_conn_angle.ptnr1_label_atom_id 
_pdbx_struct_conn_angle.ptnr1_label_alt_id 
_pdbx_struct_conn_angle.ptnr1_label_asym_id 
_pdbx_struct_conn_angle.ptnr1_label_comp_id 
_pdbx_struct_conn_angle.ptnr1_label_seq_id 
_pdbx_struct_conn_angle.ptnr1_auth_atom_id 
_pdbx_struct_conn_angle.ptnr1_auth_asym_id 
_pdbx_struct_conn_angle.ptnr1_auth_comp_id 
_pdbx_struct_conn_angle.ptnr1_auth_seq_id 
_pdbx_struct_conn_angle.ptnr1_PDB_ins_code 
_pdbx_struct_conn_angle.ptnr1_symmetry 
_pdbx_struct_conn_angle.ptnr2_label_atom_id 
_pdbx_struct_conn_angle.ptnr2_label_alt_id 
_pdbx_struct_conn_angle.ptnr2_label_asym_id 
_pdbx_struct_conn_angle.ptnr2_label_comp_id 
_pdbx_struct_conn_angle.ptnr2_label_seq_id 
_pdbx_struct_conn_angle.ptnr2_auth_atom_id 
_pdbx_struct_conn_angle.ptnr2_auth_asym_id 
_pdbx_struct_conn_angle.ptnr2_auth_comp_id 
_pdbx_struct_conn_angle.ptnr2_auth_seq_id 
_pdbx_struct_conn_angle.ptnr2_PDB_ins_code 
_pdbx_struct_conn_angle.ptnr2_symmetry 
_pdbx_struct_conn_angle.ptnr3_label_atom_id 
_pdbx_struct_conn_angle.ptnr3_label_alt_id 
_pdbx_struct_conn_angle.ptnr3_label_asym_id 
_pdbx_struct_conn_angle.ptnr3_label_comp_id 
_pdbx_struct_conn_angle.ptnr3_label_seq_id 
_pdbx_struct_conn_angle.ptnr3_auth_atom_id 
_pdbx_struct_conn_angle.ptnr3_auth_asym_id 
_pdbx_struct_conn_angle.ptnr3_auth_comp_id 
_pdbx_struct_conn_angle.ptnr3_auth_seq_id 
_pdbx_struct_conn_angle.ptnr3_PDB_ins_code 
_pdbx_struct_conn_angle.ptnr3_symmetry 
_pdbx_struct_conn_angle.value 
_pdbx_struct_conn_angle.value_esd 
1 "O2'" ? B C 16 ? A C 16 ? 1_555 CA ? D CA . ? A CA 17 ? 1_555 "O3'" ? B C   16 ? A C   16 ? 1_555 70.9  ? 
2 "O2'" ? B C 16 ? A C 16 ? 1_555 CA ? D CA . ? A CA 17 ? 1_555 O     ? F HOH .  ? A HOH 26 ? 1_555 68.7  ? 
3 "O3'" ? B C 16 ? A C 16 ? 1_555 CA ? D CA . ? A CA 17 ? 1_555 O     ? F HOH .  ? A HOH 26 ? 1_555 130.0 ? 
# 
_struct_site.id                   AC1 
_struct_site.pdbx_evidence_code   Software 
_struct_site.pdbx_auth_asym_id    A 
_struct_site.pdbx_auth_comp_id    CA 
_struct_site.pdbx_auth_seq_id     17 
_struct_site.pdbx_auth_ins_code   ? 
_struct_site.pdbx_num_residues    2 
_struct_site.details              'BINDING SITE FOR RESIDUE CA A 17' 
# 
loop_
_struct_site_gen.id 
_struct_site_gen.site_id 
_struct_site_gen.pdbx_num_res 
_struct_site_gen.label_comp_id 
_struct_site_gen.label_asym_id 
_struct_site_gen.label_seq_id 
_struct_site_gen.pdbx_auth_ins_code 
_struct_site_gen.auth_comp_id 
_struct_site_gen.auth_asym_id 
_struct_site_gen.auth_seq_id 
_struct_site_gen.label_atom_id 
_struct_site_gen.label_alt_id 
_struct_site_gen.symmetry 
_struct_site_gen.details 
1 AC1 2 C   B 16 ? C   A 16 . ? 1_555 ? 
2 AC1 2 HOH F .  ? HOH A 26 . ? 1_555 ? 
# 
loop_
_pdbx_struct_mod_residue.id 
_pdbx_struct_mod_residue.label_asym_id 
_pdbx_struct_mod_residue.label_comp_id 
_pdbx_struct_mod_residue.label_seq_id 
_pdbx_struct_mod_residue.auth_asym_id 
_pdbx_struct_mod_residue.auth_comp_id 
_pdbx_struct_mod_residue.auth_seq_id 
_pdbx_struct_mod_residue.PDB_ins_code 
_pdbx_struct_mod_residue.parent_comp_id 
_pdbx_struct_mod_residue.details 
1 A A5M 6 B A5M 6 ? C "2'-AMINE-CYTIDINE-5'-MONOPHOSPHATE" 
2 B A5M 6 A A5M 6 ? C "2'-AMINE-CYTIDINE-5'-MONOPHOSPHATE" 
3 C A5M 6 C A5M 6 ? C "2'-AMINE-CYTIDINE-5'-MONOPHOSPHATE" 
# 
_pdbx_struct_special_symmetry.id              1 
_pdbx_struct_special_symmetry.PDB_model_num   1 
_pdbx_struct_special_symmetry.auth_asym_id    C 
_pdbx_struct_special_symmetry.auth_comp_id    HOH 
_pdbx_struct_special_symmetry.auth_seq_id     19 
_pdbx_struct_special_symmetry.PDB_ins_code    ? 
_pdbx_struct_special_symmetry.label_asym_id   G 
_pdbx_struct_special_symmetry.label_comp_id   HOH 
_pdbx_struct_special_symmetry.label_seq_id    . 
# 
loop_
_chem_comp_atom.comp_id 
_chem_comp_atom.atom_id 
_chem_comp_atom.type_symbol 
_chem_comp_atom.pdbx_aromatic_flag 
_chem_comp_atom.pdbx_stereo_config 
_chem_comp_atom.pdbx_ordinal 
A   OP3    O  N N 1   
A   P      P  N N 2   
A   OP1    O  N N 3   
A   OP2    O  N N 4   
A   "O5'"  O  N N 5   
A   "C5'"  C  N N 6   
A   "C4'"  C  N R 7   
A   "O4'"  O  N N 8   
A   "C3'"  C  N S 9   
A   "O3'"  O  N N 10  
A   "C2'"  C  N R 11  
A   "O2'"  O  N N 12  
A   "C1'"  C  N R 13  
A   N9     N  Y N 14  
A   C8     C  Y N 15  
A   N7     N  Y N 16  
A   C5     C  Y N 17  
A   C6     C  Y N 18  
A   N6     N  N N 19  
A   N1     N  Y N 20  
A   C2     C  Y N 21  
A   N3     N  Y N 22  
A   C4     C  Y N 23  
A   HOP3   H  N N 24  
A   HOP2   H  N N 25  
A   "H5'"  H  N N 26  
A   "H5''" H  N N 27  
A   "H4'"  H  N N 28  
A   "H3'"  H  N N 29  
A   "HO3'" H  N N 30  
A   "H2'"  H  N N 31  
A   "HO2'" H  N N 32  
A   "H1'"  H  N N 33  
A   H8     H  N N 34  
A   H61    H  N N 35  
A   H62    H  N N 36  
A   H2     H  N N 37  
A5M P      P  N N 38  
A5M OP1    O  N N 39  
A5M OP2    O  N N 40  
A5M "O5'"  O  N N 41  
A5M "C5'"  C  N N 42  
A5M "C4'"  C  N R 43  
A5M "O4'"  O  N N 44  
A5M "C1'"  C  N R 45  
A5M N1     N  N N 46  
A5M C6     C  N N 47  
A5M C2     C  N N 48  
A5M O2     O  N N 49  
A5M N3     N  N N 50  
A5M C4     C  N N 51  
A5M N4     N  N N 52  
A5M C5     C  N N 53  
A5M "C2'"  C  N R 54  
A5M "N2'"  N  N N 55  
A5M "C3'"  C  N S 56  
A5M "O3'"  O  N N 57  
A5M OP3    O  N N 58  
A5M HOP2   H  N N 59  
A5M "H5'"  H  N N 60  
A5M "H5''" H  N N 61  
A5M "H4'"  H  N N 62  
A5M "H1'"  H  N N 63  
A5M H6     H  N N 64  
A5M H41    H  N N 65  
A5M H42    H  N N 66  
A5M H5     H  N N 67  
A5M "H2'"  H  N N 68  
A5M "H'1N" H  N N 69  
A5M "H'2N" H  N N 70  
A5M "H3'"  H  N N 71  
A5M "HO3'" H  N N 72  
A5M HOP3   H  N N 73  
C   OP3    O  N N 74  
C   P      P  N N 75  
C   OP1    O  N N 76  
C   OP2    O  N N 77  
C   "O5'"  O  N N 78  
C   "C5'"  C  N N 79  
C   "C4'"  C  N R 80  
C   "O4'"  O  N N 81  
C   "C3'"  C  N S 82  
C   "O3'"  O  N N 83  
C   "C2'"  C  N R 84  
C   "O2'"  O  N N 85  
C   "C1'"  C  N R 86  
C   N1     N  N N 87  
C   C2     C  N N 88  
C   O2     O  N N 89  
C   N3     N  N N 90  
C   C4     C  N N 91  
C   N4     N  N N 92  
C   C5     C  N N 93  
C   C6     C  N N 94  
C   HOP3   H  N N 95  
C   HOP2   H  N N 96  
C   "H5'"  H  N N 97  
C   "H5''" H  N N 98  
C   "H4'"  H  N N 99  
C   "H3'"  H  N N 100 
C   "HO3'" H  N N 101 
C   "H2'"  H  N N 102 
C   "HO2'" H  N N 103 
C   "H1'"  H  N N 104 
C   H41    H  N N 105 
C   H42    H  N N 106 
C   H5     H  N N 107 
C   H6     H  N N 108 
CA  CA     CA N N 109 
G   OP3    O  N N 110 
G   P      P  N N 111 
G   OP1    O  N N 112 
G   OP2    O  N N 113 
G   "O5'"  O  N N 114 
G   "C5'"  C  N N 115 
G   "C4'"  C  N R 116 
G   "O4'"  O  N N 117 
G   "C3'"  C  N S 118 
G   "O3'"  O  N N 119 
G   "C2'"  C  N R 120 
G   "O2'"  O  N N 121 
G   "C1'"  C  N R 122 
G   N9     N  Y N 123 
G   C8     C  Y N 124 
G   N7     N  Y N 125 
G   C5     C  Y N 126 
G   C6     C  N N 127 
G   O6     O  N N 128 
G   N1     N  N N 129 
G   C2     C  N N 130 
G   N2     N  N N 131 
G   N3     N  N N 132 
G   C4     C  Y N 133 
G   HOP3   H  N N 134 
G   HOP2   H  N N 135 
G   "H5'"  H  N N 136 
G   "H5''" H  N N 137 
G   "H4'"  H  N N 138 
G   "H3'"  H  N N 139 
G   "HO3'" H  N N 140 
G   "H2'"  H  N N 141 
G   "HO2'" H  N N 142 
G   "H1'"  H  N N 143 
G   H8     H  N N 144 
G   H1     H  N N 145 
G   H21    H  N N 146 
G   H22    H  N N 147 
HOH O      O  N N 148 
HOH H1     H  N N 149 
HOH H2     H  N N 150 
U   OP3    O  N N 151 
U   P      P  N N 152 
U   OP1    O  N N 153 
U   OP2    O  N N 154 
U   "O5'"  O  N N 155 
U   "C5'"  C  N N 156 
U   "C4'"  C  N R 157 
U   "O4'"  O  N N 158 
U   "C3'"  C  N S 159 
U   "O3'"  O  N N 160 
U   "C2'"  C  N R 161 
U   "O2'"  O  N N 162 
U   "C1'"  C  N R 163 
U   N1     N  N N 164 
U   C2     C  N N 165 
U   O2     O  N N 166 
U   N3     N  N N 167 
U   C4     C  N N 168 
U   O4     O  N N 169 
U   C5     C  N N 170 
U   C6     C  N N 171 
U   HOP3   H  N N 172 
U   HOP2   H  N N 173 
U   "H5'"  H  N N 174 
U   "H5''" H  N N 175 
U   "H4'"  H  N N 176 
U   "H3'"  H  N N 177 
U   "HO3'" H  N N 178 
U   "H2'"  H  N N 179 
U   "HO2'" H  N N 180 
U   "H1'"  H  N N 181 
U   H3     H  N N 182 
U   H5     H  N N 183 
U   H6     H  N N 184 
# 
loop_
_chem_comp_bond.comp_id 
_chem_comp_bond.atom_id_1 
_chem_comp_bond.atom_id_2 
_chem_comp_bond.value_order 
_chem_comp_bond.pdbx_aromatic_flag 
_chem_comp_bond.pdbx_stereo_config 
_chem_comp_bond.pdbx_ordinal 
A   OP3   P      sing N N 1   
A   OP3   HOP3   sing N N 2   
A   P     OP1    doub N N 3   
A   P     OP2    sing N N 4   
A   P     "O5'"  sing N N 5   
A   OP2   HOP2   sing N N 6   
A   "O5'" "C5'"  sing N N 7   
A   "C5'" "C4'"  sing N N 8   
A   "C5'" "H5'"  sing N N 9   
A   "C5'" "H5''" sing N N 10  
A   "C4'" "O4'"  sing N N 11  
A   "C4'" "C3'"  sing N N 12  
A   "C4'" "H4'"  sing N N 13  
A   "O4'" "C1'"  sing N N 14  
A   "C3'" "O3'"  sing N N 15  
A   "C3'" "C2'"  sing N N 16  
A   "C3'" "H3'"  sing N N 17  
A   "O3'" "HO3'" sing N N 18  
A   "C2'" "O2'"  sing N N 19  
A   "C2'" "C1'"  sing N N 20  
A   "C2'" "H2'"  sing N N 21  
A   "O2'" "HO2'" sing N N 22  
A   "C1'" N9     sing N N 23  
A   "C1'" "H1'"  sing N N 24  
A   N9    C8     sing Y N 25  
A   N9    C4     sing Y N 26  
A   C8    N7     doub Y N 27  
A   C8    H8     sing N N 28  
A   N7    C5     sing Y N 29  
A   C5    C6     sing Y N 30  
A   C5    C4     doub Y N 31  
A   C6    N6     sing N N 32  
A   C6    N1     doub Y N 33  
A   N6    H61    sing N N 34  
A   N6    H62    sing N N 35  
A   N1    C2     sing Y N 36  
A   C2    N3     doub Y N 37  
A   C2    H2     sing N N 38  
A   N3    C4     sing Y N 39  
A5M P     OP1    doub N N 40  
A5M P     OP2    sing N N 41  
A5M P     "O5'"  sing N N 42  
A5M P     OP3    sing N N 43  
A5M OP2   HOP2   sing N N 44  
A5M "O5'" "C5'"  sing N N 45  
A5M "C5'" "C4'"  sing N N 46  
A5M "C5'" "H5'"  sing N N 47  
A5M "C5'" "H5''" sing N N 48  
A5M "C4'" "O4'"  sing N N 49  
A5M "C4'" "C3'"  sing N N 50  
A5M "C4'" "H4'"  sing N N 51  
A5M "O4'" "C1'"  sing N N 52  
A5M "C1'" N1     sing N N 53  
A5M "C1'" "C2'"  sing N N 54  
A5M "C1'" "H1'"  sing N N 55  
A5M N1    C6     sing N N 56  
A5M N1    C2     sing N N 57  
A5M C6    C5     doub N N 58  
A5M C6    H6     sing N N 59  
A5M C2    O2     doub N N 60  
A5M C2    N3     sing N N 61  
A5M N3    C4     doub N N 62  
A5M C4    N4     sing N N 63  
A5M C4    C5     sing N N 64  
A5M N4    H41    sing N N 65  
A5M N4    H42    sing N N 66  
A5M C5    H5     sing N N 67  
A5M "C2'" "N2'"  sing N N 68  
A5M "C2'" "C3'"  sing N N 69  
A5M "C2'" "H2'"  sing N N 70  
A5M "N2'" "H'1N" sing N N 71  
A5M "N2'" "H'2N" sing N N 72  
A5M "C3'" "O3'"  sing N N 73  
A5M "C3'" "H3'"  sing N N 74  
A5M "O3'" "HO3'" sing N N 75  
A5M OP3   HOP3   sing N N 76  
C   OP3   P      sing N N 77  
C   OP3   HOP3   sing N N 78  
C   P     OP1    doub N N 79  
C   P     OP2    sing N N 80  
C   P     "O5'"  sing N N 81  
C   OP2   HOP2   sing N N 82  
C   "O5'" "C5'"  sing N N 83  
C   "C5'" "C4'"  sing N N 84  
C   "C5'" "H5'"  sing N N 85  
C   "C5'" "H5''" sing N N 86  
C   "C4'" "O4'"  sing N N 87  
C   "C4'" "C3'"  sing N N 88  
C   "C4'" "H4'"  sing N N 89  
C   "O4'" "C1'"  sing N N 90  
C   "C3'" "O3'"  sing N N 91  
C   "C3'" "C2'"  sing N N 92  
C   "C3'" "H3'"  sing N N 93  
C   "O3'" "HO3'" sing N N 94  
C   "C2'" "O2'"  sing N N 95  
C   "C2'" "C1'"  sing N N 96  
C   "C2'" "H2'"  sing N N 97  
C   "O2'" "HO2'" sing N N 98  
C   "C1'" N1     sing N N 99  
C   "C1'" "H1'"  sing N N 100 
C   N1    C2     sing N N 101 
C   N1    C6     sing N N 102 
C   C2    O2     doub N N 103 
C   C2    N3     sing N N 104 
C   N3    C4     doub N N 105 
C   C4    N4     sing N N 106 
C   C4    C5     sing N N 107 
C   N4    H41    sing N N 108 
C   N4    H42    sing N N 109 
C   C5    C6     doub N N 110 
C   C5    H5     sing N N 111 
C   C6    H6     sing N N 112 
G   OP3   P      sing N N 113 
G   OP3   HOP3   sing N N 114 
G   P     OP1    doub N N 115 
G   P     OP2    sing N N 116 
G   P     "O5'"  sing N N 117 
G   OP2   HOP2   sing N N 118 
G   "O5'" "C5'"  sing N N 119 
G   "C5'" "C4'"  sing N N 120 
G   "C5'" "H5'"  sing N N 121 
G   "C5'" "H5''" sing N N 122 
G   "C4'" "O4'"  sing N N 123 
G   "C4'" "C3'"  sing N N 124 
G   "C4'" "H4'"  sing N N 125 
G   "O4'" "C1'"  sing N N 126 
G   "C3'" "O3'"  sing N N 127 
G   "C3'" "C2'"  sing N N 128 
G   "C3'" "H3'"  sing N N 129 
G   "O3'" "HO3'" sing N N 130 
G   "C2'" "O2'"  sing N N 131 
G   "C2'" "C1'"  sing N N 132 
G   "C2'" "H2'"  sing N N 133 
G   "O2'" "HO2'" sing N N 134 
G   "C1'" N9     sing N N 135 
G   "C1'" "H1'"  sing N N 136 
G   N9    C8     sing Y N 137 
G   N9    C4     sing Y N 138 
G   C8    N7     doub Y N 139 
G   C8    H8     sing N N 140 
G   N7    C5     sing Y N 141 
G   C5    C6     sing N N 142 
G   C5    C4     doub Y N 143 
G   C6    O6     doub N N 144 
G   C6    N1     sing N N 145 
G   N1    C2     sing N N 146 
G   N1    H1     sing N N 147 
G   C2    N2     sing N N 148 
G   C2    N3     doub N N 149 
G   N2    H21    sing N N 150 
G   N2    H22    sing N N 151 
G   N3    C4     sing N N 152 
HOH O     H1     sing N N 153 
HOH O     H2     sing N N 154 
U   OP3   P      sing N N 155 
U   OP3   HOP3   sing N N 156 
U   P     OP1    doub N N 157 
U   P     OP2    sing N N 158 
U   P     "O5'"  sing N N 159 
U   OP2   HOP2   sing N N 160 
U   "O5'" "C5'"  sing N N 161 
U   "C5'" "C4'"  sing N N 162 
U   "C5'" "H5'"  sing N N 163 
U   "C5'" "H5''" sing N N 164 
U   "C4'" "O4'"  sing N N 165 
U   "C4'" "C3'"  sing N N 166 
U   "C4'" "H4'"  sing N N 167 
U   "O4'" "C1'"  sing N N 168 
U   "C3'" "O3'"  sing N N 169 
U   "C3'" "C2'"  sing N N 170 
U   "C3'" "H3'"  sing N N 171 
U   "O3'" "HO3'" sing N N 172 
U   "C2'" "O2'"  sing N N 173 
U   "C2'" "C1'"  sing N N 174 
U   "C2'" "H2'"  sing N N 175 
U   "O2'" "HO2'" sing N N 176 
U   "C1'" N1     sing N N 177 
U   "C1'" "H1'"  sing N N 178 
U   N1    C2     sing N N 179 
U   N1    C6     sing N N 180 
U   C2    O2     doub N N 181 
U   C2    N3     sing N N 182 
U   N3    C4     sing N N 183 
U   N3    H3     sing N N 184 
U   C4    O4     doub N N 185 
U   C4    C5     sing N N 186 
U   C5    C6     doub N N 187 
U   C5    H5     sing N N 188 
U   C6    H6     sing N N 189 
# 
_ndb_struct_conf_na.entry_id   1YZD 
_ndb_struct_conf_na.feature    'a-form double helix' 
# 
loop_
_ndb_struct_na_base_pair.model_number 
_ndb_struct_na_base_pair.i_label_asym_id 
_ndb_struct_na_base_pair.i_label_comp_id 
_ndb_struct_na_base_pair.i_label_seq_id 
_ndb_struct_na_base_pair.i_symmetry 
_ndb_struct_na_base_pair.j_label_asym_id 
_ndb_struct_na_base_pair.j_label_comp_id 
_ndb_struct_na_base_pair.j_label_seq_id 
_ndb_struct_na_base_pair.j_symmetry 
_ndb_struct_na_base_pair.shear 
_ndb_struct_na_base_pair.stretch 
_ndb_struct_na_base_pair.stagger 
_ndb_struct_na_base_pair.buckle 
_ndb_struct_na_base_pair.propeller 
_ndb_struct_na_base_pair.opening 
_ndb_struct_na_base_pair.pair_number 
_ndb_struct_na_base_pair.pair_name 
_ndb_struct_na_base_pair.i_auth_asym_id 
_ndb_struct_na_base_pair.i_auth_seq_id 
_ndb_struct_na_base_pair.i_PDB_ins_code 
_ndb_struct_na_base_pair.j_auth_asym_id 
_ndb_struct_na_base_pair.j_auth_seq_id 
_ndb_struct_na_base_pair.j_PDB_ins_code 
_ndb_struct_na_base_pair.hbond_type_28 
_ndb_struct_na_base_pair.hbond_type_12 
1 A G   1  1_555 B C   16 1_555 -0.428 -0.301 -0.070 -3.546 -6.358  1.514  1  B_G1:C16_A   B 1  ? A 16 ? 19 1 
1 A C   2  1_555 B G   15 1_555 0.374  -0.330 -0.383 5.674  -18.494 2.445  2  B_C2:G15_A   B 2  ? A 15 ? 19 1 
1 A A   3  1_555 B U   14 1_555 -0.056 -0.172 0.006  -5.406 -15.657 6.243  3  B_A3:U14_A   B 3  ? A 14 ? 20 1 
1 A G   4  1_555 B C   13 1_555 -0.407 -0.312 0.104  -2.711 -16.396 0.623  4  B_G4:C13_A   B 4  ? A 13 ? 19 1 
1 A A   5  1_555 B U   12 1_555 0.152  -0.324 -0.210 -6.361 -15.487 4.330  5  B_A5:U12_A   B 5  ? A 12 ? 20 1 
1 A A5M 6  1_555 B G   11 1_555 0.346  -0.360 -0.135 3.939  -16.521 3.611  6  B_A5M6:G11_A B 6  ? A 11 ? 19 1 
1 A U   7  1_555 B A   10 1_555 -0.246 -0.220 -0.208 0.489  -15.681 -0.107 7  B_U7:A10_A   B 7  ? A 10 ? 20 1 
1 A U   8  1_555 B A   9  1_555 -0.013 -0.187 0.153  6.649  -11.798 8.087  8  B_U8:A9_A    B 8  ? A 9  ? 20 1 
1 A A   9  1_555 B U   8  1_555 -0.009 -0.176 0.203  0.369  -21.318 7.383  9  B_A9:U8_A    B 9  ? A 8  ? 20 1 
1 A A   10 1_555 B U   7  1_555 0.241  -0.349 -0.247 -4.805 -16.153 -3.264 10 B_A10:U7_A   B 10 ? A 7  ? 20 1 
1 A G   11 1_555 B A5M 6  1_555 -0.475 -0.209 -0.062 -8.215 -20.955 6.884  11 B_G11:A5M6_A B 11 ? A 6  ? 19 1 
1 A U   12 1_555 B A   5  1_555 -0.068 -0.194 0.087  -4.605 -9.562  -4.777 12 B_U12:A5_A   B 12 ? A 5  ? 20 1 
1 A C   13 1_555 B G   4  1_555 -0.195 -0.153 0.058  -0.668 -16.932 1.599  13 B_C13:G4_A   B 13 ? A 4  ? 19 1 
1 A U   14 1_555 B A   3  1_555 0.138  -0.223 0.136  -6.244 -11.794 6.634  14 B_U14:A3_A   B 14 ? A 3  ? 20 1 
1 A G   15 1_555 B C   2  1_555 -0.367 -0.341 -0.014 -4.982 -12.275 4.361  15 B_G15:C2_A   B 15 ? A 2  ? 19 1 
1 A C   16 1_555 B G   1  1_555 1.067  -0.471 -0.044 2.223  -16.280 2.155  16 B_C16:G1_A   B 16 ? A 1  ? 19 1 
1 C G   1  1_555 C C   16 6_765 0.033  -0.128 -0.261 -4.023 -7.465  0.129  17 C_G1:C16_C   C 1  ? C 16 ? 19 1 
1 C C   2  1_555 C G   15 6_765 0.193  -0.324 -0.056 3.708  -14.363 4.026  18 C_C2:G15_C   C 2  ? C 15 ? 19 1 
1 C A   3  1_555 C U   14 6_765 -0.381 -0.249 0.087  1.338  -11.965 5.925  19 C_A3:U14_C   C 3  ? C 14 ? 20 1 
1 C G   4  1_555 C C   13 6_765 -0.231 -0.322 -0.146 -1.248 -12.887 1.203  20 C_G4:C13_C   C 4  ? C 13 ? 19 1 
1 C A   5  1_555 C U   12 6_765 -0.219 -0.399 -0.305 1.855  -10.431 -0.888 21 C_A5:U12_C   C 5  ? C 12 ? 20 1 
1 C A5M 6  1_555 C G   11 6_765 0.108  -0.003 0.432  -2.190 -15.622 6.884  22 C_A5M6:G11_C C 6  ? C 11 ? 19 1 
1 C U   7  1_555 C A   10 6_765 0.452  -0.206 -0.138 3.468  -12.001 -0.900 23 C_U7:A10_C   C 7  ? C 10 ? 20 1 
1 C U   8  1_555 C A   9  6_765 0.029  -0.200 -0.256 4.723  -14.772 6.253  24 C_U8:A9_C    C 8  ? C 9  ? 20 1 
1 C A   9  1_555 C U   8  6_765 -0.029 -0.200 -0.256 -4.723 -14.772 6.253  25 C_A9:U8_C    C 9  ? C 8  ? 20 1 
1 C A   10 1_555 C U   7  6_765 -0.452 -0.206 -0.138 -3.468 -12.001 -0.900 26 C_A10:U7_C   C 10 ? C 7  ? 20 1 
1 C G   11 1_555 C A5M 6  6_765 -0.108 -0.003 0.432  2.190  -15.622 6.884  27 C_G11:A5M6_C C 11 ? C 6  ? 19 1 
1 C U   12 1_555 C A   5  6_765 0.219  -0.399 -0.305 -1.855 -10.431 -0.888 28 C_U12:A5_C   C 12 ? C 5  ? 20 1 
1 C C   13 1_555 C G   4  6_765 0.231  -0.322 -0.146 1.248  -12.887 1.203  29 C_C13:G4_C   C 13 ? C 4  ? 19 1 
1 C U   14 1_555 C A   3  6_765 0.381  -0.249 0.087  -1.338 -11.965 5.925  30 C_U14:A3_C   C 14 ? C 3  ? 20 1 
1 C G   15 1_555 C C   2  6_765 -0.193 -0.324 -0.056 -3.708 -14.363 4.026  31 C_G15:C2_C   C 15 ? C 2  ? 19 1 
1 C C   16 1_555 C G   1  6_765 -0.033 -0.128 -0.261 4.023  -7.465  0.129  32 C_C16:G1_C   C 16 ? C 1  ? 19 1 
# 
loop_
_ndb_struct_na_base_pair_step.model_number 
_ndb_struct_na_base_pair_step.i_label_asym_id_1 
_ndb_struct_na_base_pair_step.i_label_comp_id_1 
_ndb_struct_na_base_pair_step.i_label_seq_id_1 
_ndb_struct_na_base_pair_step.i_symmetry_1 
_ndb_struct_na_base_pair_step.j_label_asym_id_1 
_ndb_struct_na_base_pair_step.j_label_comp_id_1 
_ndb_struct_na_base_pair_step.j_label_seq_id_1 
_ndb_struct_na_base_pair_step.j_symmetry_1 
_ndb_struct_na_base_pair_step.i_label_asym_id_2 
_ndb_struct_na_base_pair_step.i_label_comp_id_2 
_ndb_struct_na_base_pair_step.i_label_seq_id_2 
_ndb_struct_na_base_pair_step.i_symmetry_2 
_ndb_struct_na_base_pair_step.j_label_asym_id_2 
_ndb_struct_na_base_pair_step.j_label_comp_id_2 
_ndb_struct_na_base_pair_step.j_label_seq_id_2 
_ndb_struct_na_base_pair_step.j_symmetry_2 
_ndb_struct_na_base_pair_step.shift 
_ndb_struct_na_base_pair_step.slide 
_ndb_struct_na_base_pair_step.rise 
_ndb_struct_na_base_pair_step.tilt 
_ndb_struct_na_base_pair_step.roll 
_ndb_struct_na_base_pair_step.twist 
_ndb_struct_na_base_pair_step.x_displacement 
_ndb_struct_na_base_pair_step.y_displacement 
_ndb_struct_na_base_pair_step.helical_rise 
_ndb_struct_na_base_pair_step.inclination 
_ndb_struct_na_base_pair_step.tip 
_ndb_struct_na_base_pair_step.helical_twist 
_ndb_struct_na_base_pair_step.step_number 
_ndb_struct_na_base_pair_step.step_name 
_ndb_struct_na_base_pair_step.i_auth_asym_id_1 
_ndb_struct_na_base_pair_step.i_auth_seq_id_1 
_ndb_struct_na_base_pair_step.i_PDB_ins_code_1 
_ndb_struct_na_base_pair_step.j_auth_asym_id_1 
_ndb_struct_na_base_pair_step.j_auth_seq_id_1 
_ndb_struct_na_base_pair_step.j_PDB_ins_code_1 
_ndb_struct_na_base_pair_step.i_auth_asym_id_2 
_ndb_struct_na_base_pair_step.i_auth_seq_id_2 
_ndb_struct_na_base_pair_step.i_PDB_ins_code_2 
_ndb_struct_na_base_pair_step.j_auth_asym_id_2 
_ndb_struct_na_base_pair_step.j_auth_seq_id_2 
_ndb_struct_na_base_pair_step.j_PDB_ins_code_2 
1 A G   1  1_555 B C   16 1_555 A C   2  1_555 B G   15 1_555 -0.621 -1.177 2.999 0.626  6.846  37.013 -2.612 1.035  2.736 10.670 
-0.975 37.624 1  BB_G1C2:G15C16_AA   B 1  ? A 16 ? B 2  ? A 15 ? 
1 A C   2  1_555 B G   15 1_555 A A   3  1_555 B U   14 1_555 0.643  -1.474 3.471 -1.722 15.703 29.384 -5.065 -1.397 2.362 28.509 
3.126  33.279 2  BB_C2A3:U14G15_AA   B 2  ? A 15 ? B 3  ? A 14 ? 
1 A A   3  1_555 B U   14 1_555 A G   4  1_555 B C   13 1_555 -0.268 -1.716 3.053 0.274  13.736 29.565 -5.038 0.517  2.070 25.269 
-0.503 32.537 3  BB_A3G4:C13U14_AA   B 3  ? A 14 ? B 4  ? A 13 ? 
1 A G   4  1_555 B C   13 1_555 A A   5  1_555 B U   12 1_555 0.654  -1.243 3.324 4.989  9.719  32.479 -3.614 -0.341 2.909 16.794 
-8.621 34.220 4  BB_G4A5:U12C13_AA   B 4  ? A 13 ? B 5  ? A 12 ? 
1 A A   5  1_555 B U   12 1_555 A A5M 6  1_555 B G   11 1_555 0.424  -1.266 2.963 3.162  4.131  35.727 -2.564 -0.287 2.829 6.690  
-5.120 36.091 5  BB_A5A5M6:G11U12_AA B 5  ? A 12 ? B 6  ? A 11 ? 
1 A A5M 6  1_555 B G   11 1_555 A U   7  1_555 B A   10 1_555 -0.376 -2.230 3.398 0.272  9.227  19.810 -9.096 1.086  2.149 25.132 
-0.740 21.836 6  BB_A5M6U7:A10G11_AA B 6  ? A 11 ? B 7  ? A 10 ? 
1 A U   7  1_555 B A   10 1_555 A U   8  1_555 B A   9  1_555 0.271  -1.011 3.111 -4.525 4.493  35.623 -2.216 -1.028 2.911 7.273  
7.324  36.171 7  BB_U7U8:A9A10_AA    B 7  ? A 10 ? B 8  ? A 9  ? 
1 A U   8  1_555 B A   9  1_555 A A   9  1_555 B U   8  1_555 -0.058 -1.480 3.131 0.293  16.483 32.264 -4.379 0.130  2.147 27.532 
-0.490 36.132 8  BB_U8A9:U8A9_AA     B 8  ? A 9  ? B 9  ? A 8  ? 
1 A A   9  1_555 B U   8  1_555 A A   10 1_555 B U   7  1_555 -0.819 -1.364 3.329 1.391  14.861 33.639 -4.059 1.477  2.492 24.251 
-2.270 36.714 9  BB_A9A10:U7U8_AA    B 9  ? A 8  ? B 10 ? A 7  ? 
1 A A   10 1_555 B U   7  1_555 A G   11 1_555 B A5M 6  1_555 1.597  -1.632 3.304 2.534  18.602 25.031 -6.137 -2.547 1.833 36.997 
-5.040 31.199 10 BB_A10G11:A5M6U7_AA B 10 ? A 7  ? B 11 ? A 6  ? 
1 A G   11 1_555 B A5M 6  1_555 A U   12 1_555 B A   5  1_555 -1.097 -1.795 3.082 -5.566 5.501  30.257 -4.299 1.061  2.871 10.323 
10.444 31.230 11 BB_G11U12:A5A5M6_AA B 11 ? A 6  ? B 12 ? A 5  ? 
1 A U   12 1_555 B A   5  1_555 A C   13 1_555 B G   4  1_555 0.062  -1.410 2.923 -0.135 3.979  33.447 -2.997 -0.127 2.742 6.884  
0.233  33.677 12 BB_U12C13:G4A5_AA   B 12 ? A 5  ? B 13 ? A 4  ? 
1 A C   13 1_555 B G   4  1_555 A U   14 1_555 B A   3  1_555 0.348  -1.159 3.369 0.183  6.774  33.601 -3.030 -0.562 3.086 11.571 
-0.313 34.258 13 BB_C13U14:A3G4_AA   B 13 ? A 4  ? B 14 ? A 3  ? 
1 A U   14 1_555 B A   3  1_555 A G   15 1_555 B C   2  1_555 -0.452 -1.370 3.046 0.256  11.212 30.853 -4.089 0.838  2.410 20.255 
-0.462 32.781 14 BB_U14G15:C2A3_AA   B 14 ? A 3  ? B 15 ? A 2  ? 
1 A G   15 1_555 B C   2  1_555 A C   16 1_555 B G   1  1_555 0.664  -1.037 3.107 1.933  -0.334 39.974 -1.479 -0.759 3.143 -0.488 
-2.826 40.021 15 BB_G15C16:G1C2_AA   B 15 ? A 2  ? B 16 ? A 1  ? 
1 C G   1  1_555 C C   16 6_765 C C   2  1_555 C G   15 6_765 0.191  -1.284 3.093 -1.354 1.250  31.775 -2.556 -0.579 3.031 2.280  
2.471  31.827 16 CC_G1C2:G15C16_CC   C 1  ? C 16 ? C 2  ? C 15 ? 
1 C C   2  1_555 C G   15 6_765 C A   3  1_555 C U   14 6_765 -0.105 -1.478 3.296 -1.033 10.144 29.320 -4.593 0.011  2.651 19.318 
1.968  31.006 17 CC_C2A3:U14G15_CC   C 2  ? C 15 ? C 3  ? C 14 ? 
1 C A   3  1_555 C U   14 6_765 C G   4  1_555 C C   13 6_765 -0.687 -1.553 3.182 -1.830 13.760 31.281 -4.573 0.913  2.347 24.088 
3.203  34.152 18 CC_A3G4:C13U14_CC   C 3  ? C 14 ? C 4  ? C 13 ? 
1 C G   4  1_555 C C   13 6_765 C A   5  1_555 C U   12 6_765 -0.386 -1.334 3.150 0.361  11.390 31.783 -3.959 0.718  2.531 20.011 
-0.634 33.714 19 CC_G4A5:U12C13_CC   C 4  ? C 13 ? C 5  ? C 12 ? 
1 C A   5  1_555 C U   12 6_765 C A5M 6  1_555 C G   11 6_765 1.091  -1.336 3.270 -1.976 10.351 33.982 -3.600 -2.057 2.695 17.205 
3.284  35.533 20 CC_A5A5M6:G11U12_CC C 5  ? C 12 ? C 6  ? C 11 ? 
1 C A5M 6  1_555 C G   11 6_765 C U   7  1_555 C A   10 6_765 -0.949 -1.672 2.906 2.103  10.351 30.754 -4.441 1.992  2.176 18.834 
-3.826 32.475 21 CC_A5M6U7:A10G11_CC C 6  ? C 11 ? C 7  ? C 10 ? 
1 C U   7  1_555 C A   10 6_765 C U   8  1_555 C A   9  6_765 0.208  -1.270 3.195 0.894  7.399  30.744 -3.610 -0.228 2.825 13.704 
-1.656 31.613 22 CC_U7U8:A9A10_CC    C 7  ? C 10 ? C 8  ? C 9  ? 
1 C U   8  1_555 C A   9  6_765 C A   9  1_555 C U   8  6_765 0.000  -1.208 3.344 0.000  17.930 32.388 -4.180 0.000  2.375 29.495 
0.000  36.903 23 CC_U8A9:U8A9_CC     C 8  ? C 9  ? C 9  ? C 8  ? 
1 C A   9  1_555 C U   8  6_765 C A   10 1_555 C U   7  6_765 -0.208 -1.270 3.195 -0.894 7.399  30.744 -3.610 0.228  2.825 13.704 
1.656  31.613 24 CC_A9A10:U7U8_CC    C 9  ? C 8  ? C 10 ? C 7  ? 
1 C A   10 1_555 C U   7  6_765 C G   11 1_555 C A5M 6  6_765 0.949  -1.672 2.906 -2.103 10.351 30.754 -4.441 -1.992 2.176 18.834 
3.826  32.475 25 CC_A10G11:A5M6U7_CC C 10 ? C 7  ? C 11 ? C 6  ? 
1 C G   11 1_555 C A5M 6  6_765 C U   12 1_555 C A   5  6_765 -1.091 -1.336 3.270 1.976  10.351 33.982 -3.600 2.057  2.695 17.205 
-3.284 35.533 26 CC_G11U12:A5A5M6_CC C 11 ? C 6  ? C 12 ? C 5  ? 
1 C U   12 1_555 C A   5  6_765 C C   13 1_555 C G   4  6_765 0.386  -1.334 3.150 -0.361 11.390 31.783 -3.959 -0.718 2.531 20.011 
0.634  33.714 27 CC_U12C13:G4A5_CC   C 12 ? C 5  ? C 13 ? C 4  ? 
1 C C   13 1_555 C G   4  6_765 C U   14 1_555 C A   3  6_765 0.687  -1.553 3.182 1.830  13.760 31.281 -4.573 -0.913 2.347 24.088 
-3.203 34.152 28 CC_C13U14:A3G4_CC   C 13 ? C 4  ? C 14 ? C 3  ? 
1 C U   14 1_555 C A   3  6_765 C G   15 1_555 C C   2  6_765 0.105  -1.478 3.296 1.033  10.144 29.320 -4.593 -0.011 2.651 19.318 
-1.968 31.006 29 CC_U14G15:C2A3_CC   C 14 ? C 3  ? C 15 ? C 2  ? 
1 C G   15 1_555 C C   2  6_765 C C   16 1_555 C G   1  6_765 -0.191 -1.284 3.093 1.354  1.250  31.775 -2.556 0.579  3.031 2.280  
-2.471 31.827 30 CC_G15C16:G1C2_CC   C 15 ? C 2  ? C 16 ? C 1  ? 
# 
_atom_sites.entry_id                    1YZD 
_atom_sites.fract_transf_matrix[1][1]   -0.02019112 
_atom_sites.fract_transf_matrix[1][2]   0.01733835 
_atom_sites.fract_transf_matrix[1][3]   -0.00358140 
_atom_sites.fract_transf_matrix[2][1]   -0.01511450 
_atom_sites.fract_transf_matrix[2][2]   0.00750923 
_atom_sites.fract_transf_matrix[2][3]   0.02088781 
_atom_sites.fract_transf_matrix[3][1]   0.00514821 
_atom_sites.fract_transf_matrix[3][2]   0.00629714 
_atom_sites.fract_transf_matrix[3][3]   0.00146142 
_atom_sites.fract_transf_vector[1]      0.539174 
_atom_sites.fract_transf_vector[2]      0.778740 
_atom_sites.fract_transf_vector[3]      0.372193 
# 
loop_
_atom_type.symbol 
C  
CA 
N  
O  
P  
# 
loop_
_atom_site.group_PDB 
_atom_site.id 
_atom_site.type_symbol 
_atom_site.label_atom_id 
_atom_site.label_alt_id 
_atom_site.label_comp_id 
_atom_site.label_asym_id 
_atom_site.label_entity_id 
_atom_site.label_seq_id 
_atom_site.pdbx_PDB_ins_code 
_atom_site.Cartn_x 
_atom_site.Cartn_y 
_atom_site.Cartn_z 
_atom_site.occupancy 
_atom_site.B_iso_or_equiv 
_atom_site.pdbx_formal_charge 
_atom_site.auth_seq_id 
_atom_site.auth_comp_id 
_atom_site.auth_asym_id 
_atom_site.auth_atom_id 
_atom_site.pdbx_PDB_model_num 
ATOM   1    O  "O5'" . G   A 1 1  ? 27.506  11.853  6.412   1.00 33.55 ? 1  G   B "O5'" 1 
ATOM   2    C  "C5'" . G   A 1 1  ? 28.434  10.781  6.567   1.00 31.98 ? 1  G   B "C5'" 1 
ATOM   3    C  "C4'" . G   A 1 1  ? 29.018  10.769  7.957   1.00 32.84 ? 1  G   B "C4'" 1 
ATOM   4    O  "O4'" . G   A 1 1  ? 29.339  12.133  8.334   1.00 33.61 ? 1  G   B "O4'" 1 
ATOM   5    C  "C3'" . G   A 1 1  ? 28.083  10.263  9.045   1.00 33.92 ? 1  G   B "C3'" 1 
ATOM   6    O  "O3'" . G   A 1 1  ? 28.221  8.854   9.205   1.00 35.56 ? 1  G   B "O3'" 1 
ATOM   7    C  "C2'" . G   A 1 1  ? 28.583  11.007  10.275  1.00 34.43 ? 1  G   B "C2'" 1 
ATOM   8    O  "O2'" . G   A 1 1  ? 29.720  10.414  10.857  1.00 35.32 ? 1  G   B "O2'" 1 
ATOM   9    C  "C1'" . G   A 1 1  ? 28.956  12.362  9.676   1.00 34.30 ? 1  G   B "C1'" 1 
ATOM   10   N  N9    . G   A 1 1  ? 27.841  13.304  9.665   1.00 36.09 ? 1  G   B N9    1 
ATOM   11   C  C8    . G   A 1 1  ? 27.146  13.751  8.567   1.00 35.47 ? 1  G   B C8    1 
ATOM   12   N  N7    . G   A 1 1  ? 26.227  14.622  8.865   1.00 35.47 ? 1  G   B N7    1 
ATOM   13   C  C5    . G   A 1 1  ? 26.312  14.749  10.244  1.00 35.40 ? 1  G   B C5    1 
ATOM   14   C  C6    . G   A 1 1  ? 25.573  15.558  11.132  1.00 35.57 ? 1  G   B C6    1 
ATOM   15   O  O6    . G   A 1 1  ? 24.672  16.359  10.870  1.00 38.89 ? 1  G   B O6    1 
ATOM   16   N  N1    . G   A 1 1  ? 25.978  15.375  12.447  1.00 34.82 ? 1  G   B N1    1 
ATOM   17   C  C2    . G   A 1 1  ? 26.971  14.526  12.854  1.00 34.12 ? 1  G   B C2    1 
ATOM   18   N  N2    . G   A 1 1  ? 27.212  14.487  14.168  1.00 32.58 ? 1  G   B N2    1 
ATOM   19   N  N3    . G   A 1 1  ? 27.675  13.771  12.034  1.00 33.58 ? 1  G   B N3    1 
ATOM   20   C  C4    . G   A 1 1  ? 27.295  13.933  10.751  1.00 34.40 ? 1  G   B C4    1 
ATOM   21   P  P     . C   A 1 2  ? 26.961  7.974   9.691   1.00 36.33 ? 2  C   B P     1 
ATOM   22   O  OP1   . C   A 1 2  ? 27.346  6.545   9.574   1.00 34.75 ? 2  C   B OP1   1 
ATOM   23   O  OP2   . C   A 1 2  ? 25.756  8.469   8.976   1.00 33.42 ? 2  C   B OP2   1 
ATOM   24   O  "O5'" . C   A 1 2  ? 26.821  8.332   11.236  1.00 32.26 ? 2  C   B "O5'" 1 
ATOM   25   C  "C5'" . C   A 1 2  ? 27.808  7.933   12.171  1.00 31.47 ? 2  C   B "C5'" 1 
ATOM   26   C  "C4'" . C   A 1 2  ? 27.411  8.382   13.554  1.00 33.51 ? 2  C   B "C4'" 1 
ATOM   27   O  "O4'" . C   A 1 2  ? 27.534  9.829   13.656  1.00 35.53 ? 2  C   B "O4'" 1 
ATOM   28   C  "C3'" . C   A 1 2  ? 25.960  8.110   13.900  1.00 33.36 ? 2  C   B "C3'" 1 
ATOM   29   O  "O3'" . C   A 1 2  ? 25.779  6.768   14.338  1.00 32.42 ? 2  C   B "O3'" 1 
ATOM   30   C  "C2'" . C   A 1 2  ? 25.701  9.151   14.985  1.00 33.44 ? 2  C   B "C2'" 1 
ATOM   31   O  "O2'" . C   A 1 2  ? 26.258  8.803   16.236  1.00 34.27 ? 2  C   B "O2'" 1 
ATOM   32   C  "C1'" . C   A 1 2  ? 26.463  10.352  14.424  1.00 33.48 ? 2  C   B "C1'" 1 
ATOM   33   N  N1    . C   A 1 2  ? 25.625  11.172  13.539  1.00 33.52 ? 2  C   B N1    1 
ATOM   34   C  C2    . C   A 1 2  ? 24.888  12.229  14.084  1.00 33.14 ? 2  C   B C2    1 
ATOM   35   O  O2    . C   A 1 2  ? 24.989  12.475  15.298  1.00 35.42 ? 2  C   B O2    1 
ATOM   36   N  N3    . C   A 1 2  ? 24.088  12.959  13.277  1.00 31.86 ? 2  C   B N3    1 
ATOM   37   C  C4    . C   A 1 2  ? 24.013  12.678  11.975  1.00 32.05 ? 2  C   B C4    1 
ATOM   38   N  N4    . C   A 1 2  ? 23.206  13.423  11.215  1.00 29.64 ? 2  C   B N4    1 
ATOM   39   C  C5    . C   A 1 2  ? 24.764  11.618  11.389  1.00 32.93 ? 2  C   B C5    1 
ATOM   40   C  C6    . C   A 1 2  ? 25.552  10.900  12.200  1.00 34.00 ? 2  C   B C6    1 
ATOM   41   P  P     . A   A 1 3  ? 24.425  5.987   13.966  1.00 32.85 ? 3  A   B P     1 
ATOM   42   O  OP1   . A   A 1 3  ? 24.536  4.598   14.477  1.00 33.69 ? 3  A   B OP1   1 
ATOM   43   O  OP2   . A   A 1 3  ? 24.120  6.218   12.532  1.00 34.01 ? 3  A   B OP2   1 
ATOM   44   O  "O5'" . A   A 1 3  ? 23.328  6.740   14.837  1.00 33.47 ? 3  A   B "O5'" 1 
ATOM   45   C  "C5'" . A   A 1 3  ? 23.484  6.830   16.242  1.00 29.95 ? 3  A   B "C5'" 1 
ATOM   46   C  "C4'" . A   A 1 3  ? 22.441  7.736   16.828  1.00 30.06 ? 3  A   B "C4'" 1 
ATOM   47   O  "O4'" . A   A 1 3  ? 22.759  9.122   16.531  1.00 30.43 ? 3  A   B "O4'" 1 
ATOM   48   C  "C3'" . A   A 1 3  ? 21.025  7.589   16.305  1.00 29.28 ? 3  A   B "C3'" 1 
ATOM   49   O  "O3'" . A   A 1 3  ? 20.369  6.469   16.866  1.00 27.31 ? 3  A   B "O3'" 1 
ATOM   50   C  "C2'" . A   A 1 3  ? 20.420  8.901   16.782  1.00 29.18 ? 3  A   B "C2'" 1 
ATOM   51   O  "O2'" . A   A 1 3  ? 20.221  8.907   18.180  1.00 30.06 ? 3  A   B "O2'" 1 
ATOM   52   C  "C1'" . A   A 1 3  ? 21.556  9.870   16.456  1.00 28.87 ? 3  A   B "C1'" 1 
ATOM   53   N  N9    . A   A 1 3  ? 21.414  10.376  15.094  1.00 27.49 ? 3  A   B N9    1 
ATOM   54   C  C8    . A   A 1 3  ? 22.029  9.931   13.954  1.00 25.36 ? 3  A   B C8    1 
ATOM   55   N  N7    . A   A 1 3  ? 21.649  10.558  12.870  1.00 25.48 ? 3  A   B N7    1 
ATOM   56   C  C5    . A   A 1 3  ? 20.730  11.492  13.330  1.00 26.03 ? 3  A   B C5    1 
ATOM   57   C  C6    . A   A 1 3  ? 19.957  12.468  12.671  1.00 24.07 ? 3  A   B C6    1 
ATOM   58   N  N6    . A   A 1 3  ? 19.981  12.662  11.353  1.00 20.87 ? 3  A   B N6    1 
ATOM   59   N  N1    . A   A 1 3  ? 19.145  13.240  13.427  1.00 22.25 ? 3  A   B N1    1 
ATOM   60   C  C2    . A   A 1 3  ? 19.117  13.035  14.749  1.00 22.96 ? 3  A   B C2    1 
ATOM   61   N  N3    . A   A 1 3  ? 19.794  12.150  15.483  1.00 22.69 ? 3  A   B N3    1 
ATOM   62   C  C4    . A   A 1 3  ? 20.588  11.401  14.702  1.00 25.74 ? 3  A   B C4    1 
ATOM   63   P  P     . G   A 1 4  ? 19.270  5.684   16.008  1.00 29.02 ? 4  G   B P     1 
ATOM   64   O  OP1   . G   A 1 4  ? 18.987  4.427   16.736  1.00 32.92 ? 4  G   B OP1   1 
ATOM   65   O  OP2   . G   A 1 4  ? 19.697  5.628   14.587  1.00 32.29 ? 4  G   B OP2   1 
ATOM   66   O  "O5'" . G   A 1 4  ? 17.962  6.593   16.103  1.00 31.79 ? 4  G   B "O5'" 1 
ATOM   67   C  "C5'" . G   A 1 4  ? 17.373  6.875   17.366  1.00 29.33 ? 4  G   B "C5'" 1 
ATOM   68   C  "C4'" . G   A 1 4  ? 16.276  7.901   17.228  1.00 29.45 ? 4  G   B "C4'" 1 
ATOM   69   O  "O4'" . G   A 1 4  ? 16.831  9.192   16.847  1.00 27.37 ? 4  G   B "O4'" 1 
ATOM   70   C  "C3'" . G   A 1 4  ? 15.240  7.636   16.149  1.00 28.98 ? 4  G   B "C3'" 1 
ATOM   71   O  "O3'" . G   A 1 4  ? 14.284  6.657   16.546  1.00 28.08 ? 4  G   B "O3'" 1 
ATOM   72   C  "C2'" . G   A 1 4  ? 14.632  9.024   15.969  1.00 28.91 ? 4  G   B "C2'" 1 
ATOM   73   O  "O2'" . G   A 1 4  ? 13.690  9.390   16.962  1.00 28.99 ? 4  G   B "O2'" 1 
ATOM   74   C  "C1'" . G   A 1 4  ? 15.870  9.911   16.087  1.00 27.53 ? 4  G   B "C1'" 1 
ATOM   75   N  N9    . G   A 1 4  ? 16.414  10.167  14.762  1.00 29.91 ? 4  G   B N9    1 
ATOM   76   C  C8    . G   A 1 4  ? 17.404  9.464   14.128  1.00 29.56 ? 4  G   B C8    1 
ATOM   77   N  N7    . G   A 1 4  ? 17.641  9.893   12.923  1.00 30.12 ? 4  G   B N7    1 
ATOM   78   C  C5    . G   A 1 4  ? 16.762  10.949  12.752  1.00 30.13 ? 4  G   B C5    1 
ATOM   79   C  C6    . G   A 1 4  ? 16.548  11.781  11.634  1.00 30.48 ? 4  G   B C6    1 
ATOM   80   O  O6    . G   A 1 4  ? 17.111  11.745  10.538  1.00 32.69 ? 4  G   B O6    1 
ATOM   81   N  N1    . G   A 1 4  ? 15.553  12.725  11.877  1.00 29.90 ? 4  G   B N1    1 
ATOM   82   C  C2    . G   A 1 4  ? 14.851  12.843  13.051  1.00 31.84 ? 4  G   B C2    1 
ATOM   83   N  N2    . G   A 1 4  ? 13.923  13.804  13.094  1.00 31.60 ? 4  G   B N2    1 
ATOM   84   N  N3    . G   A 1 4  ? 15.046  12.066  14.109  1.00 31.50 ? 4  G   B N3    1 
ATOM   85   C  C4    . G   A 1 4  ? 16.008  11.144  13.886  1.00 30.18 ? 4  G   B C4    1 
ATOM   86   P  P     . A   A 1 5  ? 13.577  5.743   15.427  1.00 29.06 ? 5  A   B P     1 
ATOM   87   O  OP1   . A   A 1 5  ? 12.691  4.780   16.116  1.00 31.35 ? 5  A   B OP1   1 
ATOM   88   O  OP2   . A   A 1 5  ? 14.622  5.246   14.486  1.00 32.06 ? 5  A   B OP2   1 
ATOM   89   O  "O5'" . A   A 1 5  ? 12.644  6.751   14.628  1.00 30.55 ? 5  A   B "O5'" 1 
ATOM   90   C  "C5'" . A   A 1 5  ? 11.628  7.484   15.301  1.00 29.92 ? 5  A   B "C5'" 1 
ATOM   91   C  "C4'" . A   A 1 5  ? 11.037  8.520   14.383  1.00 29.26 ? 5  A   B "C4'" 1 
ATOM   92   O  "O4'" . A   A 1 5  ? 12.035  9.529   14.065  1.00 27.82 ? 5  A   B "O4'" 1 
ATOM   93   C  "C3'" . A   A 1 5  ? 10.610  8.025   13.014  1.00 29.30 ? 5  A   B "C3'" 1 
ATOM   94   O  "O3'" . A   A 1 5  ? 9.349   7.377   13.063  1.00 31.36 ? 5  A   B "O3'" 1 
ATOM   95   C  "C2'" . A   A 1 5  ? 10.539  9.331   12.242  1.00 27.83 ? 5  A   B "C2'" 1 
ATOM   96   O  "O2'" . A   A 1 5  ? 9.395   10.082  12.594  1.00 29.00 ? 5  A   B "O2'" 1 
ATOM   97   C  "C1'" . A   A 1 5  ? 11.778  10.048  12.769  1.00 27.73 ? 5  A   B "C1'" 1 
ATOM   98   N  N9    . A   A 1 5  ? 12.933  9.788   11.915  1.00 27.86 ? 5  A   B N9    1 
ATOM   99   C  C8    . A   A 1 5  ? 13.891  8.813   12.036  1.00 28.28 ? 5  A   B C8    1 
ATOM   100  N  N7    . A   A 1 5  ? 14.771  8.816   11.064  1.00 27.74 ? 5  A   B N7    1 
ATOM   101  C  C5    . A   A 1 5  ? 14.370  9.869   10.255  1.00 28.79 ? 5  A   B C5    1 
ATOM   102  C  C6    . A   A 1 5  ? 14.883  10.391  9.050   1.00 28.49 ? 5  A   B C6    1 
ATOM   103  N  N6    . A   A 1 5  ? 15.940  9.891   8.413   1.00 30.60 ? 5  A   B N6    1 
ATOM   104  N  N1    . A   A 1 5  ? 14.255  11.455  8.513   1.00 28.40 ? 5  A   B N1    1 
ATOM   105  C  C2    . A   A 1 5  ? 13.179  11.945  9.135   1.00 28.87 ? 5  A   B C2    1 
ATOM   106  N  N3    . A   A 1 5  ? 12.596  11.540  10.259  1.00 29.69 ? 5  A   B N3    1 
ATOM   107  C  C4    . A   A 1 5  ? 13.249  10.487  10.777  1.00 28.80 ? 5  A   B C4    1 
HETATM 108  P  P     . A5M A 1 6  ? 8.820   6.578   11.775  1.00 31.39 ? 6  A5M B P     1 
HETATM 109  O  OP1   . A5M A 1 6  ? 7.454   6.077   12.082  1.00 31.46 ? 6  A5M B OP1   1 
HETATM 110  O  OP2   . A5M A 1 6  ? 9.869   5.631   11.329  1.00 32.17 ? 6  A5M B OP2   1 
HETATM 111  O  "O5'" . A5M A 1 6  ? 8.697   7.697   10.654  1.00 33.39 ? 6  A5M B "O5'" 1 
HETATM 112  C  "C5'" . A5M A 1 6  ? 7.743   8.743   10.768  1.00 35.68 ? 6  A5M B "C5'" 1 
HETATM 113  C  "C4'" . A5M A 1 6  ? 7.779   9.599   9.530   1.00 36.78 ? 6  A5M B "C4'" 1 
HETATM 114  O  "O4'" . A5M A 1 6  ? 9.107   10.159  9.377   1.00 37.88 ? 6  A5M B "O4'" 1 
HETATM 115  C  "C1'" . A5M A 1 6  ? 9.447   10.219  8.001   1.00 38.37 ? 6  A5M B "C1'" 1 
HETATM 116  N  N1    . A5M A 1 6  ? 10.685  9.445   7.797   1.00 39.70 ? 6  A5M B N1    1 
HETATM 117  C  C6    . A5M A 1 6  ? 10.948  8.321   8.529   1.00 38.59 ? 6  A5M B C6    1 
HETATM 118  C  C2    . A5M A 1 6  ? 11.600  9.890   6.843   1.00 39.79 ? 6  A5M B C2    1 
HETATM 119  O  O2    . A5M A 1 6  ? 11.321  10.896  6.176   1.00 42.32 ? 6  A5M B O2    1 
HETATM 120  N  N3    . A5M A 1 6  ? 12.761  9.221   6.668   1.00 37.69 ? 6  A5M B N3    1 
HETATM 121  C  C4    . A5M A 1 6  ? 13.018  8.140   7.397   1.00 37.11 ? 6  A5M B C4    1 
HETATM 122  N  N4    . A5M A 1 6  ? 14.183  7.520   7.200   1.00 35.65 ? 6  A5M B N4    1 
HETATM 123  C  C5    . A5M A 1 6  ? 12.093  7.645   8.363   1.00 38.13 ? 6  A5M B C5    1 
HETATM 124  C  "C2'" . A5M A 1 6  ? 8.240   9.722   7.206   1.00 37.12 ? 6  A5M B "C2'" 1 
HETATM 125  N  "N2'" . A5M A 1 6  ? 7.432   10.886  6.782   1.00 37.90 ? 6  A5M B "N2'" 1 
HETATM 126  C  "C3'" . A5M A 1 6  ? 7.546   8.841   8.238   1.00 37.08 ? 6  A5M B "C3'" 1 
HETATM 127  O  "O3'" . A5M A 1 6  ? 6.152   8.707   8.016   1.00 37.98 ? 6  A5M B "O3'" 1 
ATOM   128  P  P     . U   A 1 7  ? 5.625   7.875   6.753   1.00 40.21 ? 7  U   B P     1 
ATOM   129  O  OP1   . U   A 1 7  ? 4.173   8.151   6.589   1.00 41.67 ? 7  U   B OP1   1 
ATOM   130  O  OP2   . U   A 1 7  ? 6.096   6.467   6.848   1.00 39.43 ? 7  U   B OP2   1 
ATOM   131  O  "O5'" . U   A 1 7  ? 6.369   8.590   5.548   1.00 40.85 ? 7  U   B "O5'" 1 
ATOM   132  C  "C5'" . U   A 1 7  ? 6.606   7.901   4.342   1.00 39.17 ? 7  U   B "C5'" 1 
ATOM   133  C  "C4'" . U   A 1 7  ? 7.228   8.829   3.351   1.00 38.06 ? 7  U   B "C4'" 1 
ATOM   134  O  "O4'" . U   A 1 7  ? 8.502   9.296   3.861   1.00 36.82 ? 7  U   B "O4'" 1 
ATOM   135  C  "C3'" . U   A 1 7  ? 7.571   8.160   2.039   1.00 38.30 ? 7  U   B "C3'" 1 
ATOM   136  O  "O3'" . U   A 1 7  ? 6.414   8.119   1.222   1.00 38.28 ? 7  U   B "O3'" 1 
ATOM   137  C  "C2'" . U   A 1 7  ? 8.664   9.067   1.502   1.00 36.81 ? 7  U   B "C2'" 1 
ATOM   138  O  "O2'" . U   A 1 7  ? 8.126   10.253  0.961   1.00 36.94 ? 7  U   B "O2'" 1 
ATOM   139  C  "C1'" . U   A 1 7  ? 9.430   9.396   2.789   1.00 37.90 ? 7  U   B "C1'" 1 
ATOM   140  N  N1    . U   A 1 7  ? 10.568  8.506   3.081   1.00 37.07 ? 7  U   B N1    1 
ATOM   141  C  C2    . U   A 1 7  ? 11.710  8.630   2.303   1.00 38.60 ? 7  U   B C2    1 
ATOM   142  O  O2    . U   A 1 7  ? 11.794  9.407   1.365   1.00 41.73 ? 7  U   B O2    1 
ATOM   143  N  N3    . U   A 1 7  ? 12.752  7.807   2.664   1.00 38.28 ? 7  U   B N3    1 
ATOM   144  C  C4    . U   A 1 7  ? 12.762  6.882   3.695   1.00 37.67 ? 7  U   B C4    1 
ATOM   145  O  O4    . U   A 1 7  ? 13.793  6.244   3.934   1.00 34.71 ? 7  U   B O4    1 
ATOM   146  C  C5    . U   A 1 7  ? 11.536  6.798   4.428   1.00 36.80 ? 7  U   B C5    1 
ATOM   147  C  C6    . U   A 1 7  ? 10.509  7.592   4.105   1.00 36.76 ? 7  U   B C6    1 
ATOM   148  P  P     . U   A 1 8  ? 6.118   6.812   0.339   1.00 39.36 ? 8  U   B P     1 
ATOM   149  O  OP1   . U   A 1 8  ? 4.767   7.007   -0.243  1.00 40.29 ? 8  U   B OP1   1 
ATOM   150  O  OP2   . U   A 1 8  ? 6.407   5.580   1.130   1.00 36.97 ? 8  U   B OP2   1 
ATOM   151  O  "O5'" . U   A 1 8  ? 7.189   6.933   -0.833  1.00 36.62 ? 8  U   B "O5'" 1 
ATOM   152  C  "C5'" . U   A 1 8  ? 7.150   8.034   -1.726  1.00 34.99 ? 8  U   B "C5'" 1 
ATOM   153  C  "C4'" . U   A 1 8  ? 8.362   8.028   -2.622  1.00 34.55 ? 8  U   B "C4'" 1 
ATOM   154  O  "O4'" . U   A 1 8  ? 9.530   8.446   -1.870  1.00 35.54 ? 8  U   B "O4'" 1 
ATOM   155  C  "C3'" . U   A 1 8  ? 8.761   6.679   -3.189  1.00 33.15 ? 8  U   B "C3'" 1 
ATOM   156  O  "O3'" . U   A 1 8  ? 7.970   6.315   -4.306  1.00 33.52 ? 8  U   B "O3'" 1 
ATOM   157  C  "C2'" . U   A 1 8  ? 10.220  6.922   -3.540  1.00 32.49 ? 8  U   B "C2'" 1 
ATOM   158  O  "O2'" . U   A 1 8  ? 10.408  7.715   -4.686  1.00 31.03 ? 8  U   B "O2'" 1 
ATOM   159  C  "C1'" . U   A 1 8  ? 10.668  7.729   -2.328  1.00 32.97 ? 8  U   B "C1'" 1 
ATOM   160  N  N1    . U   A 1 8  ? 11.103  6.829   -1.258  1.00 32.12 ? 8  U   B N1    1 
ATOM   161  C  C2    . U   A 1 8  ? 12.403  6.384   -1.307  1.00 31.97 ? 8  U   B C2    1 
ATOM   162  O  O2    . U   A 1 8  ? 13.174  6.704   -2.194  1.00 32.08 ? 8  U   B O2    1 
ATOM   163  N  N3    . U   A 1 8  ? 12.767  5.549   -0.280  1.00 32.37 ? 8  U   B N3    1 
ATOM   164  C  C4    . U   A 1 8  ? 11.978  5.124   0.761   1.00 29.55 ? 8  U   B C4    1 
ATOM   165  O  O4    . U   A 1 8  ? 12.467  4.400   1.621   1.00 30.93 ? 8  U   B O4    1 
ATOM   166  C  C5    . U   A 1 8  ? 10.637  5.620   0.738   1.00 30.42 ? 8  U   B C5    1 
ATOM   167  C  C6    . U   A 1 8  ? 10.254  6.439   -0.247  1.00 30.75 ? 8  U   B C6    1 
ATOM   168  P  P     . A   A 1 9  ? 7.583   4.775   -4.528  1.00 33.38 ? 9  A   B P     1 
ATOM   169  O  OP1   . A   A 1 9  ? 6.410   4.723   -5.428  1.00 34.28 ? 9  A   B OP1   1 
ATOM   170  O  OP2   . A   A 1 9  ? 7.516   4.097   -3.207  1.00 35.03 ? 9  A   B OP2   1 
ATOM   171  O  "O5'" . A   A 1 9  ? 8.853   4.177   -5.285  1.00 34.31 ? 9  A   B "O5'" 1 
ATOM   172  C  "C5'" . A   A 1 9  ? 9.490   4.886   -6.346  1.00 30.02 ? 9  A   B "C5'" 1 
ATOM   173  C  "C4'" . A   A 1 9  ? 10.877  4.323   -6.598  1.00 30.47 ? 9  A   B "C4'" 1 
ATOM   174  O  "O4'" . A   A 1 9  ? 11.803  4.777   -5.575  1.00 30.43 ? 9  A   B "O4'" 1 
ATOM   175  C  "C3'" . A   A 1 9  ? 10.999  2.810   -6.540  1.00 29.23 ? 9  A   B "C3'" 1 
ATOM   176  O  "O3'" . A   A 1 9  ? 10.541  2.191   -7.726  1.00 26.16 ? 9  A   B "O3'" 1 
ATOM   177  C  "C2'" . A   A 1 9  ? 12.492  2.628   -6.298  1.00 30.98 ? 9  A   B "C2'" 1 
ATOM   178  O  "O2'" . A   A 1 9  ? 13.299  2.808   -7.444  1.00 30.50 ? 9  A   B "O2'" 1 
ATOM   179  C  "C1'" . A   A 1 9  ? 12.762  3.765   -5.315  1.00 30.44 ? 9  A   B "C1'" 1 
ATOM   180  N  N9    . A   A 1 9  ? 12.577  3.314   -3.940  1.00 30.92 ? 9  A   B N9    1 
ATOM   181  C  C8    . A   A 1 9  ? 11.464  3.457   -3.150  1.00 29.07 ? 9  A   B C8    1 
ATOM   182  N  N7    . A   A 1 9  ? 11.597  2.933   -1.957  1.00 28.91 ? 9  A   B N7    1 
ATOM   183  C  C5    . A   A 1 9  ? 12.882  2.411   -1.962  1.00 26.87 ? 9  A   B C5    1 
ATOM   184  C  C6    . A   A 1 9  ? 13.626  1.729   -0.989  1.00 26.31 ? 9  A   B C6    1 
ATOM   185  N  N6    . A   A 1 9  ? 13.162  1.434   0.227   1.00 25.87 ? 9  A   B N6    1 
ATOM   186  N  N1    . A   A 1 9  ? 14.882  1.350   -1.311  1.00 25.65 ? 9  A   B N1    1 
ATOM   187  C  C2    . A   A 1 9  ? 15.342  1.643   -2.530  1.00 26.54 ? 9  A   B C2    1 
ATOM   188  N  N3    . A   A 1 9  ? 14.737  2.278   -3.532  1.00 27.35 ? 9  A   B N3    1 
ATOM   189  C  C4    . A   A 1 9  ? 13.496  2.639   -3.177  1.00 27.65 ? 9  A   B C4    1 
ATOM   190  P  P     . A   A 1 10 ? 9.786   0.778   -7.636  1.00 27.78 ? 10 A   B P     1 
ATOM   191  O  OP1   . A   A 1 10 ? 9.082   0.551   -8.931  1.00 28.02 ? 10 A   B OP1   1 
ATOM   192  O  OP2   . A   A 1 10 ? 9.013   0.721   -6.365  1.00 28.50 ? 10 A   B OP2   1 
ATOM   193  O  "O5'" . A   A 1 10 ? 10.978  -0.271  -7.536  1.00 26.14 ? 10 A   B "O5'" 1 
ATOM   194  C  "C5'" . A   A 1 10 ? 12.058  -0.230  -8.461  1.00 25.77 ? 10 A   B "C5'" 1 
ATOM   195  C  "C4'" . A   A 1 10 ? 13.141  -1.192  -8.042  1.00 27.23 ? 10 A   B "C4'" 1 
ATOM   196  O  "O4'" . A   A 1 10 ? 13.914  -0.648  -6.937  1.00 26.96 ? 10 A   B "O4'" 1 
ATOM   197  C  "C3'" . A   A 1 10 ? 12.635  -2.526  -7.528  1.00 27.64 ? 10 A   B "C3'" 1 
ATOM   198  O  "O3'" . A   A 1 10 ? 12.300  -3.395  -8.595  1.00 27.26 ? 10 A   B "O3'" 1 
ATOM   199  C  "C2'" . A   A 1 10 ? 13.806  -3.010  -6.685  1.00 27.55 ? 10 A   B "C2'" 1 
ATOM   200  O  "O2'" . A   A 1 10 ? 14.851  -3.589  -7.440  1.00 30.71 ? 10 A   B "O2'" 1 
ATOM   201  C  "C1'" . A   A 1 10 ? 14.288  -1.697  -6.061  1.00 27.06 ? 10 A   B "C1'" 1 
ATOM   202  N  N9    . A   A 1 10 ? 13.681  -1.445  -4.755  1.00 26.79 ? 10 A   B N9    1 
ATOM   203  C  C8    . A   A 1 10 ? 12.527  -0.762  -4.479  1.00 26.92 ? 10 A   B C8    1 
ATOM   204  N  N7    . A   A 1 10 ? 12.235  -0.718  -3.203  1.00 27.82 ? 10 A   B N7    1 
ATOM   205  C  C5    . A   A 1 10 ? 13.268  -1.418  -2.603  1.00 26.28 ? 10 A   B C5    1 
ATOM   206  C  C6    . A   A 1 10 ? 13.533  -1.738  -1.267  1.00 25.25 ? 10 A   B C6    1 
ATOM   207  N  N6    . A   A 1 10 ? 12.749  -1.371  -0.256  1.00 25.58 ? 10 A   B N6    1 
ATOM   208  N  N1    . A   A 1 10 ? 14.641  -2.457  -1.002  1.00 24.73 ? 10 A   B N1    1 
ATOM   209  C  C2    . A   A 1 10 ? 15.425  -2.819  -2.018  1.00 24.83 ? 10 A   B C2    1 
ATOM   210  N  N3    . A   A 1 10 ? 15.283  -2.578  -3.316  1.00 24.15 ? 10 A   B N3    1 
ATOM   211  C  C4    . A   A 1 10 ? 14.168  -1.867  -3.544  1.00 24.64 ? 10 A   B C4    1 
ATOM   212  P  P     . G   A 1 11 ? 11.134  -4.479  -8.394  1.00 28.03 ? 11 G   B P     1 
ATOM   213  O  OP1   . G   A 1 11 ? 10.872  -5.155  -9.698  1.00 31.03 ? 11 G   B OP1   1 
ATOM   214  O  OP2   . G   A 1 11 ? 10.012  -3.857  -7.658  1.00 30.56 ? 11 G   B OP2   1 
ATOM   215  O  "O5'" . G   A 1 11 ? 11.838  -5.542  -7.460  1.00 28.30 ? 11 G   B "O5'" 1 
ATOM   216  C  "C5'" . G   A 1 11 ? 11.136  -6.214  -6.450  1.00 27.65 ? 11 G   B "C5'" 1 
ATOM   217  C  "C4'" . G   A 1 11 ? 12.125  -6.781  -5.479  1.00 30.05 ? 11 G   B "C4'" 1 
ATOM   218  O  "O4'" . G   A 1 11 ? 12.802  -5.691  -4.804  1.00 30.39 ? 11 G   B "O4'" 1 
ATOM   219  C  "C3'" . G   A 1 11 ? 11.521  -7.594  -4.359  1.00 30.62 ? 11 G   B "C3'" 1 
ATOM   220  O  "O3'" . G   A 1 11 ? 11.312  -8.915  -4.794  1.00 30.11 ? 11 G   B "O3'" 1 
ATOM   221  C  "C2'" . G   A 1 11 ? 12.590  -7.501  -3.293  1.00 29.58 ? 11 G   B "C2'" 1 
ATOM   222  O  "O2'" . G   A 1 11 ? 13.668  -8.354  -3.601  1.00 30.28 ? 11 G   B "O2'" 1 
ATOM   223  C  "C1'" . G   A 1 11 ? 13.011  -6.038  -3.446  1.00 30.91 ? 11 G   B "C1'" 1 
ATOM   224  N  N9    . G   A 1 11 ? 12.196  -5.147  -2.634  1.00 30.67 ? 11 G   B N9    1 
ATOM   225  C  C8    . G   A 1 11 ? 11.261  -4.245  -3.079  1.00 31.34 ? 11 G   B C8    1 
ATOM   226  N  N7    . G   A 1 11 ? 10.677  -3.591  -2.113  1.00 29.35 ? 11 G   B N7    1 
ATOM   227  C  C5    . G   A 1 11 ? 11.264  -4.091  -0.959  1.00 31.57 ? 11 G   B C5    1 
ATOM   228  C  C6    . G   A 1 11 ? 11.036  -3.768  0.404   1.00 30.61 ? 11 G   B C6    1 
ATOM   229  O  O6    . G   A 1 11 ? 10.241  -2.949  0.880   1.00 33.51 ? 11 G   B O6    1 
ATOM   230  N  N1    . G   A 1 11 ? 11.849  -4.514  1.245   1.00 29.96 ? 11 G   B N1    1 
ATOM   231  C  C2    . G   A 1 11 ? 12.769  -5.446  0.837   1.00 28.68 ? 11 G   B C2    1 
ATOM   232  N  N2    . G   A 1 11 ? 13.476  -6.042  1.809   1.00 25.33 ? 11 G   B N2    1 
ATOM   233  N  N3    . G   A 1 11 ? 12.988  -5.762  -0.430  1.00 28.10 ? 11 G   B N3    1 
ATOM   234  C  C4    . G   A 1 11 ? 12.209  -5.051  -1.267  1.00 30.56 ? 11 G   B C4    1 
ATOM   235  P  P     . U   A 1 12 ? 9.941   -9.632  -4.427  1.00 31.84 ? 12 U   B P     1 
ATOM   236  O  OP1   . U   A 1 12 ? 9.715   -10.756 -5.373  1.00 33.64 ? 12 U   B OP1   1 
ATOM   237  O  OP2   . U   A 1 12 ? 8.927   -8.555  -4.289  1.00 32.44 ? 12 U   B OP2   1 
ATOM   238  O  "O5'" . U   A 1 12 ? 10.224  -10.226 -2.983  1.00 32.19 ? 12 U   B "O5'" 1 
ATOM   239  C  "C5'" . U   A 1 12 ? 11.325  -11.085 -2.775  1.00 28.97 ? 12 U   B "C5'" 1 
ATOM   240  C  "C4'" . U   A 1 12 ? 11.665  -11.132 -1.318  1.00 30.14 ? 12 U   B "C4'" 1 
ATOM   241  O  "O4'" . U   A 1 12 ? 12.051  -9.810  -0.868  1.00 30.22 ? 12 U   B "O4'" 1 
ATOM   242  C  "C3'" . U   A 1 12 ? 10.534  -11.484 -0.373  1.00 28.67 ? 12 U   B "C3'" 1 
ATOM   243  O  "O3'" . U   A 1 12 ? 10.321  -12.883 -0.357  1.00 29.98 ? 12 U   B "O3'" 1 
ATOM   244  C  "C2'" . U   A 1 12 ? 11.111  -11.000 0.944   1.00 27.12 ? 12 U   B "C2'" 1 
ATOM   245  O  "O2'" . U   A 1 12 ? 12.143  -11.859 1.374   1.00 26.52 ? 12 U   B "O2'" 1 
ATOM   246  C  "C1'" . U   A 1 12 ? 11.746  -9.683  0.506   1.00 26.99 ? 12 U   B "C1'" 1 
ATOM   247  N  N1    . U   A 1 12 ? 10.858  -8.531  0.680   1.00 26.65 ? 12 U   B N1    1 
ATOM   248  C  C2    . U   A 1 12 ? 10.586  -8.153  1.968   1.00 24.96 ? 12 U   B C2    1 
ATOM   249  O  O2    . U   A 1 12 ? 10.998  -8.762  2.921   1.00 27.15 ? 12 U   B O2    1 
ATOM   250  N  N3    . U   A 1 12 ? 9.799   -7.047  2.098   1.00 25.61 ? 12 U   B N3    1 
ATOM   251  C  C4    . U   A 1 12 ? 9.238   -6.312  1.088   1.00 26.65 ? 12 U   B C4    1 
ATOM   252  O  O4    . U   A 1 12 ? 8.491   -5.377  1.373   1.00 27.57 ? 12 U   B O4    1 
ATOM   253  C  C5    . U   A 1 12 ? 9.542   -6.783  -0.232  1.00 26.24 ? 12 U   B C5    1 
ATOM   254  C  C6    . U   A 1 12 ? 10.329  -7.852  -0.386  1.00 25.55 ? 12 U   B C6    1 
ATOM   255  P  P     . C   A 1 13 ? 8.853   -13.453 -0.072  1.00 27.57 ? 13 C   B P     1 
ATOM   256  O  OP1   . C   A 1 13 ? 8.845   -14.881 -0.461  1.00 28.73 ? 13 C   B OP1   1 
ATOM   257  O  OP2   . C   A 1 13 ? 7.881   -12.519 -0.689  1.00 28.53 ? 13 C   B OP2   1 
ATOM   258  O  "O5'" . C   A 1 13 ? 8.721   -13.341 1.513   1.00 31.20 ? 13 C   B "O5'" 1 
ATOM   259  C  "C5'" . C   A 1 13 ? 9.638   -14.016 2.366   1.00 31.03 ? 13 C   B "C5'" 1 
ATOM   260  C  "C4'" . C   A 1 13 ? 9.512   -13.512 3.780   1.00 32.45 ? 13 C   B "C4'" 1 
ATOM   261  O  "O4'" . C   A 1 13 ? 9.918   -12.122 3.834   1.00 31.29 ? 13 C   B "O4'" 1 
ATOM   262  C  "C3'" . C   A 1 13 ? 8.111   -13.511 4.370   1.00 33.89 ? 13 C   B "C3'" 1 
ATOM   263  O  "O3'" . C   A 1 13 ? 7.752   -14.800 4.863   1.00 35.37 ? 13 C   B "O3'" 1 
ATOM   264  C  "C2'" . C   A 1 13 ? 8.247   -12.479 5.482   1.00 31.94 ? 13 C   B "C2'" 1 
ATOM   265  O  "O2'" . C   A 1 13 ? 8.908   -12.966 6.624   1.00 32.78 ? 13 C   B "O2'" 1 
ATOM   266  C  "C1'" . C   A 1 13 ? 9.148   -11.444 4.811   1.00 32.57 ? 13 C   B "C1'" 1 
ATOM   267  N  N1    . C   A 1 13 ? 8.371   -10.396 4.142   1.00 33.17 ? 13 C   B N1    1 
ATOM   268  C  C2    . C   A 1 13 ? 7.800   -9.392  4.919   1.00 32.45 ? 13 C   B C2    1 
ATOM   269  O  O2    . C   A 1 13 ? 7.940   -9.436  6.150   1.00 31.08 ? 13 C   B O2    1 
ATOM   270  N  N3    . C   A 1 13 ? 7.110   -8.400  4.315   1.00 32.41 ? 13 C   B N3    1 
ATOM   271  C  C4    . C   A 1 13 ? 6.979   -8.394  2.992   1.00 31.98 ? 13 C   B C4    1 
ATOM   272  N  N4    . C   A 1 13 ? 6.316   -7.382  2.438   1.00 32.71 ? 13 C   B N4    1 
ATOM   273  C  C5    . C   A 1 13 ? 7.531   -9.420  2.175   1.00 32.71 ? 13 C   B C5    1 
ATOM   274  C  C6    . C   A 1 13 ? 8.212   -10.394 2.786   1.00 31.87 ? 13 C   B C6    1 
ATOM   275  P  P     . U   A 1 14 ? 6.221   -15.298 4.778   1.00 33.91 ? 14 U   B P     1 
ATOM   276  O  OP1   . U   A 1 14 ? 6.269   -16.711 5.220   1.00 35.21 ? 14 U   B OP1   1 
ATOM   277  O  OP2   . U   A 1 14 ? 5.631   -14.969 3.459   1.00 35.43 ? 14 U   B OP2   1 
ATOM   278  O  "O5'" . U   A 1 14 ? 5.465   -14.418 5.870   1.00 32.78 ? 14 U   B "O5'" 1 
ATOM   279  C  "C5'" . U   A 1 14 ? 5.793   -14.521 7.252   1.00 32.74 ? 14 U   B "C5'" 1 
ATOM   280  C  "C4'" . U   A 1 14 ? 5.130   -13.411 8.036   1.00 33.72 ? 14 U   B "C4'" 1 
ATOM   281  O  "O4'" . U   A 1 14 ? 5.647   -12.129 7.586   1.00 34.02 ? 14 U   B "O4'" 1 
ATOM   282  C  "C3'" . U   A 1 14 ? 3.630   -13.254 7.851   1.00 34.45 ? 14 U   B "C3'" 1 
ATOM   283  O  "O3'" . U   A 1 14 ? 2.881   -14.199 8.611   1.00 36.30 ? 14 U   B "O3'" 1 
ATOM   284  C  "C2'" . U   A 1 14 ? 3.419   -11.818 8.314   1.00 33.85 ? 14 U   B "C2'" 1 
ATOM   285  O  "O2'" . U   A 1 14 ? 3.499   -11.644 9.712   1.00 32.07 ? 14 U   B "O2'" 1 
ATOM   286  C  "C1'" . U   A 1 14 ? 4.636   -11.135 7.700   1.00 33.55 ? 14 U   B "C1'" 1 
ATOM   287  N  N1    . U   A 1 14 ? 4.357   -10.579 6.368   1.00 32.13 ? 14 U   B N1    1 
ATOM   288  C  C2    . U   A 1 14 ? 3.669   -9.375  6.303   1.00 31.82 ? 14 U   B C2    1 
ATOM   289  O  O2    . U   A 1 14 ? 3.266   -8.785  7.291   1.00 33.24 ? 14 U   B O2    1 
ATOM   290  N  N3    . U   A 1 14 ? 3.469   -8.888  5.037   1.00 30.67 ? 14 U   B N3    1 
ATOM   291  C  C4    . U   A 1 14 ? 3.871   -9.469  3.856   1.00 31.96 ? 14 U   B C4    1 
ATOM   292  O  O4    . U   A 1 14 ? 3.668   -8.882  2.792   1.00 33.51 ? 14 U   B O4    1 
ATOM   293  C  C5    . U   A 1 14 ? 4.550   -10.719 4.007   1.00 31.06 ? 14 U   B C5    1 
ATOM   294  C  C6    . U   A 1 14 ? 4.764   -11.219 5.228   1.00 31.72 ? 14 U   B C6    1 
ATOM   295  P  P     . G   A 1 15 ? 1.350   -14.515 8.207   1.00 38.07 ? 15 G   B P     1 
ATOM   296  O  OP1   . G   A 1 15 ? 0.872   -15.592 9.116   1.00 36.27 ? 15 G   B OP1   1 
ATOM   297  O  OP2   . G   A 1 15 ? 1.268   -14.704 6.740   1.00 37.57 ? 15 G   B OP2   1 
ATOM   298  O  "O5'" . G   A 1 15 ? 0.570   -13.177 8.581   1.00 36.70 ? 15 G   B "O5'" 1 
ATOM   299  C  "C5'" . G   A 1 15 ? 0.372   -12.828 9.943   1.00 39.14 ? 15 G   B "C5'" 1 
ATOM   300  C  "C4'" . G   A 1 15 ? -0.518  -11.623 10.048  1.00 41.26 ? 15 G   B "C4'" 1 
ATOM   301  O  "O4'" . G   A 1 15 ? 0.185   -10.468 9.513   1.00 41.31 ? 15 G   B "O4'" 1 
ATOM   302  C  "C3'" . G   A 1 15 ? -1.803  -11.684 9.240   1.00 41.62 ? 15 G   B "C3'" 1 
ATOM   303  O  "O3'" . G   A 1 15 ? -2.834  -12.442 9.877   1.00 41.73 ? 15 G   B "O3'" 1 
ATOM   304  C  "C2'" . G   A 1 15 ? -2.130  -10.204 9.090   1.00 40.87 ? 15 G   B "C2'" 1 
ATOM   305  O  "O2'" . G   A 1 15 ? -2.665  -9.618  10.260  1.00 40.97 ? 15 G   B "O2'" 1 
ATOM   306  C  "C1'" . G   A 1 15 ? -0.735  -9.628  8.838   1.00 41.20 ? 15 G   B "C1'" 1 
ATOM   307  N  N9    . G   A 1 15 ? -0.395  -9.608  7.417   1.00 39.46 ? 15 G   B N9    1 
ATOM   308  C  C8    . G   A 1 15 ? 0.300   -10.551 6.700   1.00 38.61 ? 15 G   B C8    1 
ATOM   309  N  N7    . G   A 1 15 ? 0.445   -10.229 5.442   1.00 38.35 ? 15 G   B N7    1 
ATOM   310  C  C5    . G   A 1 15 ? -0.192  -9.002  5.329   1.00 37.93 ? 15 G   B C5    1 
ATOM   311  C  C6    . G   A 1 15 ? -0.354  -8.144  4.212   1.00 38.64 ? 15 G   B C6    1 
ATOM   312  O  O6    . G   A 1 15 ? 0.072   -8.285  3.055   1.00 38.41 ? 15 G   B O6    1 
ATOM   313  N  N1    . G   A 1 15 ? -1.090  -7.012  4.544   1.00 38.07 ? 15 G   B N1    1 
ATOM   314  C  C2    . G   A 1 15 ? -1.591  -6.734  5.788   1.00 37.07 ? 15 G   B C2    1 
ATOM   315  N  N2    . G   A 1 15 ? -2.290  -5.609  5.910   1.00 37.10 ? 15 G   B N2    1 
ATOM   316  N  N3    . G   A 1 15 ? -1.423  -7.507  6.836   1.00 37.39 ? 15 G   B N3    1 
ATOM   317  C  C4    . G   A 1 15 ? -0.723  -8.616  6.538   1.00 38.00 ? 15 G   B C4    1 
ATOM   318  P  P     . C   A 1 16 ? -4.019  -13.093 8.983   1.00 43.98 ? 16 C   B P     1 
ATOM   319  O  OP1   . C   A 1 16 ? -4.953  -13.772 9.924   1.00 44.22 ? 16 C   B OP1   1 
ATOM   320  O  OP2   . C   A 1 16 ? -3.418  -13.875 7.872   1.00 42.37 ? 16 C   B OP2   1 
ATOM   321  O  "O5'" . C   A 1 16 ? -4.768  -11.819 8.367   1.00 40.74 ? 16 C   B "O5'" 1 
ATOM   322  C  "C5'" . C   A 1 16 ? -5.277  -10.792 9.225   1.00 38.60 ? 16 C   B "C5'" 1 
ATOM   323  C  "C4'" . C   A 1 16 ? -5.671  -9.562  8.429   1.00 37.73 ? 16 C   B "C4'" 1 
ATOM   324  O  "O4'" . C   A 1 16 ? -4.502  -8.975  7.795   1.00 36.46 ? 16 C   B "O4'" 1 
ATOM   325  C  "C3'" . C   A 1 16 ? -6.639  -9.791  7.280   1.00 35.91 ? 16 C   B "C3'" 1 
ATOM   326  O  "O3'" . C   A 1 16 ? -7.996  -9.946  7.699   1.00 36.75 ? 16 C   B "O3'" 1 
ATOM   327  C  "C2'" . C   A 1 16 ? -6.386  -8.571  6.406   1.00 35.99 ? 16 C   B "C2'" 1 
ATOM   328  O  "O2'" . C   A 1 16 ? -7.032  -7.402  6.866   1.00 36.54 ? 16 C   B "O2'" 1 
ATOM   329  C  "C1'" . C   A 1 16 ? -4.868  -8.421  6.537   1.00 35.54 ? 16 C   B "C1'" 1 
ATOM   330  N  N1    . C   A 1 16 ? -4.143  -9.145  5.475   1.00 33.81 ? 16 C   B N1    1 
ATOM   331  C  C2    . C   A 1 16 ? -3.901  -8.487  4.242   1.00 33.95 ? 16 C   B C2    1 
ATOM   332  O  O2    . C   A 1 16 ? -4.274  -7.306  4.103   1.00 31.45 ? 16 C   B O2    1 
ATOM   333  N  N3    . C   A 1 16 ? -3.264  -9.155  3.249   1.00 30.72 ? 16 C   B N3    1 
ATOM   334  C  C4    . C   A 1 16 ? -2.866  -10.414 3.444   1.00 31.56 ? 16 C   B C4    1 
ATOM   335  N  N4    . C   A 1 16 ? -2.254  -11.038 2.432   1.00 27.40 ? 16 C   B N4    1 
ATOM   336  C  C5    . C   A 1 16 ? -3.082  -11.098 4.691   1.00 32.28 ? 16 C   B C5    1 
ATOM   337  C  C6    . C   A 1 16 ? -3.719  -10.431 5.663   1.00 30.76 ? 16 C   B C6    1 
ATOM   338  O  "O5'" . G   B 1 1  ? -0.953  -4.258  -5.013  1.00 41.71 ? 1  G   A "O5'" 1 
ATOM   339  C  "C5'" . G   B 1 1  ? -1.749  -3.145  -5.428  1.00 38.62 ? 1  G   A "C5'" 1 
ATOM   340  C  "C4'" . G   B 1 1  ? -2.903  -2.931  -4.479  1.00 39.62 ? 1  G   A "C4'" 1 
ATOM   341  O  "O4'" . G   B 1 1  ? -3.581  -4.199  -4.265  1.00 39.57 ? 1  G   A "O4'" 1 
ATOM   342  C  "C3'" . G   B 1 1  ? -2.526  -2.460  -3.081  1.00 39.96 ? 1  G   A "C3'" 1 
ATOM   343  O  "O3'" . G   B 1 1  ? -2.382  -1.033  -3.047  1.00 41.70 ? 1  G   A "O3'" 1 
ATOM   344  C  "C2'" . G   B 1 1  ? -3.709  -2.949  -2.246  1.00 37.83 ? 1  G   A "C2'" 1 
ATOM   345  O  "O2'" . G   B 1 1  ? -4.848  -2.121  -2.369  1.00 36.24 ? 1  G   A "O2'" 1 
ATOM   346  C  "C1'" . G   B 1 1  ? -4.023  -4.285  -2.921  1.00 37.76 ? 1  G   A "C1'" 1 
ATOM   347  N  N9    . G   B 1 1  ? -3.369  -5.434  -2.309  1.00 37.05 ? 1  G   A N9    1 
ATOM   348  C  C8    . G   B 1 1  ? -2.425  -6.239  -2.891  1.00 35.52 ? 1  G   A C8    1 
ATOM   349  N  N7    . G   B 1 1  ? -2.036  -7.211  -2.117  1.00 34.63 ? 1  G   A N7    1 
ATOM   350  C  C5    . G   B 1 1  ? -2.763  -7.036  -0.951  1.00 35.74 ? 1  G   A C5    1 
ATOM   351  C  C6    . G   B 1 1  ? -2.762  -7.790  0.245   1.00 35.07 ? 1  G   A C6    1 
ATOM   352  O  O6    . G   B 1 1  ? -2.093  -8.788  0.518   1.00 36.27 ? 1  G   A O6    1 
ATOM   353  N  N1    . G   B 1 1  ? -3.648  -7.269  1.180   1.00 34.53 ? 1  G   A N1    1 
ATOM   354  C  C2    . G   B 1 1  ? -4.420  -6.152  0.994   1.00 36.17 ? 1  G   A C2    1 
ATOM   355  N  N2    . G   B 1 1  ? -5.188  -5.789  2.034   1.00 37.23 ? 1  G   A N2    1 
ATOM   356  N  N3    . G   B 1 1  ? -4.433  -5.437  -0.126  1.00 36.36 ? 1  G   A N3    1 
ATOM   357  C  C4    . G   B 1 1  ? -3.585  -5.937  -1.049  1.00 36.33 ? 1  G   A C4    1 
ATOM   358  P  P     . C   B 1 2  ? -1.324  -0.359  -2.036  1.00 40.83 ? 2  C   A P     1 
ATOM   359  O  OP1   . C   B 1 2  ? -1.281  1.100   -2.282  1.00 40.19 ? 2  C   A OP1   1 
ATOM   360  O  OP2   . C   B 1 2  ? -0.073  -1.154  -2.098  1.00 42.55 ? 2  C   A OP2   1 
ATOM   361  O  "O5'" . C   B 1 2  ? -1.989  -0.564  -0.613  1.00 40.46 ? 2  C   A "O5'" 1 
ATOM   362  C  "C5'" . C   B 1 2  ? -3.138  0.185   -0.243  1.00 39.50 ? 2  C   A "C5'" 1 
ATOM   363  C  "C4'" . C   B 1 2  ? -3.520  -0.154  1.166   1.00 40.04 ? 2  C   A "C4'" 1 
ATOM   364  O  "O4'" . C   B 1 2  ? -3.887  -1.556  1.214   1.00 38.25 ? 2  C   A "O4'" 1 
ATOM   365  C  "C3'" . C   B 1 2  ? -2.364  -0.023  2.148   1.00 39.24 ? 2  C   A "C3'" 1 
ATOM   366  O  "O3'" . C   B 1 2  ? -2.267  1.307   2.643   1.00 41.47 ? 2  C   A "O3'" 1 
ATOM   367  C  "C2'" . C   B 1 2  ? -2.729  -1.032  3.227   1.00 37.66 ? 2  C   A "C2'" 1 
ATOM   368  O  "O2'" . C   B 1 2  ? -3.635  -0.528  4.185   1.00 35.24 ? 2  C   A "O2'" 1 
ATOM   369  C  "C1'" . C   B 1 2  ? -3.379  -2.139  2.395   1.00 36.98 ? 2  C   A "C1'" 1 
ATOM   370  N  N1    . C   B 1 2  ? -2.441  -3.196  2.006   1.00 35.71 ? 2  C   A N1    1 
ATOM   371  C  C2    . C   B 1 2  ? -2.249  -4.250  2.887   1.00 34.42 ? 2  C   A C2    1 
ATOM   372  O  O2    . C   B 1 2  ? -2.849  -4.222  3.966   1.00 35.39 ? 2  C   A O2    1 
ATOM   373  N  N3    . C   B 1 2  ? -1.411  -5.261  2.547   1.00 31.00 ? 2  C   A N3    1 
ATOM   374  C  C4    . C   B 1 2  ? -0.761  -5.221  1.383   1.00 30.54 ? 2  C   A C4    1 
ATOM   375  N  N4    . C   B 1 2  ? 0.065   -6.229  1.094   1.00 30.67 ? 2  C   A N4    1 
ATOM   376  C  C5    . C   B 1 2  ? -0.929  -4.141  0.463   1.00 32.16 ? 2  C   A C5    1 
ATOM   377  C  C6    . C   B 1 2  ? -1.773  -3.157  0.811   1.00 33.45 ? 2  C   A C6    1 
ATOM   378  P  P     . A   B 1 3  ? -0.858  1.850   3.191   1.00 42.90 ? 3  A   A P     1 
ATOM   379  O  OP1   . A   B 1 3  ? -1.074  3.219   3.721   1.00 42.93 ? 3  A   A OP1   1 
ATOM   380  O  OP2   . A   B 1 3  ? 0.160   1.622   2.131   1.00 42.94 ? 3  A   A OP2   1 
ATOM   381  O  "O5'" . A   B 1 3  ? -0.559  0.904   4.437   1.00 42.47 ? 3  A   A "O5'" 1 
ATOM   382  C  "C5'" . A   B 1 3  ? -1.388  0.962   5.590   1.00 40.66 ? 3  A   A "C5'" 1 
ATOM   383  C  "C4'" . A   B 1 3  ? -0.932  -0.040  6.615   1.00 39.67 ? 3  A   A "C4'" 1 
ATOM   384  O  "O4'" . A   B 1 3  ? -1.201  -1.379  6.144   1.00 38.69 ? 3  A   A "O4'" 1 
ATOM   385  C  "C3'" . A   B 1 3  ? 0.555   -0.061  6.902   1.00 39.90 ? 3  A   A "C3'" 1 
ATOM   386  O  "O3'" . A   B 1 3  ? 0.929   0.955   7.813   1.00 38.32 ? 3  A   A "O3'" 1 
ATOM   387  C  "C2'" . A   B 1 3  ? 0.733   -1.435  7.523   1.00 39.68 ? 3  A   A "C2'" 1 
ATOM   388  O  "O2'" . A   B 1 3  ? 0.340   -1.444  8.881   1.00 38.65 ? 3  A   A "O2'" 1 
ATOM   389  C  "C1'" . A   B 1 3  ? -0.231  -2.271  6.676   1.00 39.68 ? 3  A   A "C1'" 1 
ATOM   390  N  N9    . A   B 1 3  ? 0.426   -2.960  5.561   1.00 40.85 ? 3  A   A N9    1 
ATOM   391  C  C8    . A   B 1 3  ? 0.611   -2.505  4.272   1.00 39.99 ? 3  A   A C8    1 
ATOM   392  N  N7    . A   B 1 3  ? 1.232   -3.361  3.493   1.00 39.04 ? 3  A   A N7    1 
ATOM   393  C  C5    . A   B 1 3  ? 1.472   -4.452  4.320   1.00 39.26 ? 3  A   A C5    1 
ATOM   394  C  C6    . A   B 1 3  ? 2.094   -5.692  4.091   1.00 38.36 ? 3  A   A C6    1 
ATOM   395  N  N6    . A   B 1 3  ? 2.591   -6.065  2.912   1.00 35.45 ? 3  A   A N6    1 
ATOM   396  N  N1    . A   B 1 3  ? 2.182   -6.551  5.130   1.00 39.16 ? 3  A   A N1    1 
ATOM   397  C  C2    . A   B 1 3  ? 1.668   -6.183  6.311   1.00 38.88 ? 3  A   A C2    1 
ATOM   398  N  N3    . A   B 1 3  ? 1.053   -5.054  6.648   1.00 39.11 ? 3  A   A N3    1 
ATOM   399  C  C4    . A   B 1 3  ? 0.987   -4.217  5.596   1.00 39.50 ? 3  A   A C4    1 
ATOM   400  P  P     . G   B 1 4  ? 2.468   1.386   7.910   1.00 40.53 ? 4  G   A P     1 
ATOM   401  O  OP1   . G   B 1 4  ? 2.556   2.552   8.829   1.00 41.14 ? 4  G   A OP1   1 
ATOM   402  O  OP2   . G   B 1 4  ? 3.023   1.487   6.542   1.00 38.12 ? 4  G   A OP2   1 
ATOM   403  O  "O5'" . G   B 1 4  ? 3.139   0.145   8.646   1.00 39.75 ? 4  G   A "O5'" 1 
ATOM   404  C  "C5'" . G   B 1 4  ? 2.789   -0.143  9.992   1.00 38.94 ? 4  G   A "C5'" 1 
ATOM   405  C  "C4'" . G   B 1 4  ? 3.426   -1.423  10.430  1.00 36.73 ? 4  G   A "C4'" 1 
ATOM   406  O  "O4'" . G   B 1 4  ? 2.869   -2.516  9.658   1.00 36.94 ? 4  G   A "O4'" 1 
ATOM   407  C  "C3'" . G   B 1 4  ? 4.911   -1.534  10.160  1.00 37.33 ? 4  G   A "C3'" 1 
ATOM   408  O  "O3'" . G   B 1 4  ? 5.707   -0.826  11.101  1.00 36.78 ? 4  G   A "O3'" 1 
ATOM   409  C  "C2'" . G   B 1 4  ? 5.100   -3.039  10.222  1.00 37.76 ? 4  G   A "C2'" 1 
ATOM   410  O  "O2'" . G   B 1 4  ? 5.055   -3.542  11.545  1.00 35.53 ? 4  G   A "O2'" 1 
ATOM   411  C  "C1'" . G   B 1 4  ? 3.867   -3.501  9.445   1.00 37.66 ? 4  G   A "C1'" 1 
ATOM   412  N  N9    . G   B 1 4  ? 4.139   -3.572  8.010   1.00 38.64 ? 4  G   A N9    1 
ATOM   413  C  C8    . G   B 1 4  ? 3.885   -2.608  7.062   1.00 38.55 ? 4  G   A C8    1 
ATOM   414  N  N7    . G   B 1 4  ? 4.266   -2.957  5.861   1.00 37.42 ? 4  G   A N7    1 
ATOM   415  C  C5    . G   B 1 4  ? 4.798   -4.231  6.024   1.00 37.63 ? 4  G   A C5    1 
ATOM   416  C  C6    . G   B 1 4  ? 5.371   -5.117  5.077   1.00 35.62 ? 4  G   A C6    1 
ATOM   417  O  O6    . G   B 1 4  ? 5.532   -4.944  3.863   1.00 34.51 ? 4  G   A O6    1 
ATOM   418  N  N1    . G   B 1 4  ? 5.790   -6.303  5.671   1.00 35.16 ? 4  G   A N1    1 
ATOM   419  C  C2    . G   B 1 4  ? 5.684   -6.603  7.010   1.00 37.16 ? 4  G   A C2    1 
ATOM   420  N  N2    . G   B 1 4  ? 6.179   -7.795  7.407   1.00 35.27 ? 4  G   A N2    1 
ATOM   421  N  N3    . G   B 1 4  ? 5.140   -5.790  7.901   1.00 37.91 ? 4  G   A N3    1 
ATOM   422  C  C4    . G   B 1 4  ? 4.725   -4.630  7.344   1.00 39.19 ? 4  G   A C4    1 
ATOM   423  P  P     . A   B 1 5  ? 7.179   -0.345  10.673  1.00 34.97 ? 5  A   A P     1 
ATOM   424  O  OP1   . A   B 1 5  ? 7.721   0.541   11.732  1.00 36.27 ? 5  A   A OP1   1 
ATOM   425  O  OP2   . A   B 1 5  ? 7.107   0.152   9.283   1.00 39.22 ? 5  A   A OP2   1 
ATOM   426  O  "O5'" . A   B 1 5  ? 8.009   -1.704  10.664  1.00 36.83 ? 5  A   A "O5'" 1 
ATOM   427  C  "C5'" . A   B 1 5  ? 8.163   -2.467  11.854  1.00 34.56 ? 5  A   A "C5'" 1 
ATOM   428  C  "C4'" . A   B 1 5  ? 8.838   -3.778  11.543  1.00 36.66 ? 5  A   A "C4'" 1 
ATOM   429  O  "O4'" . A   B 1 5  ? 7.986   -4.537  10.643  1.00 36.23 ? 5  A   A "O4'" 1 
ATOM   430  C  "C3'" . A   B 1 5  ? 10.170  -3.710  10.804  1.00 35.43 ? 5  A   A "C3'" 1 
ATOM   431  O  "O3'" . A   B 1 5  ? 11.277  -3.483  11.673  1.00 35.72 ? 5  A   A "O3'" 1 
ATOM   432  C  "C2'" . A   B 1 5  ? 10.237  -5.100  10.191  1.00 34.22 ? 5  A   A "C2'" 1 
ATOM   433  O  "O2'" . A   B 1 5  ? 10.562  -6.097  11.141  1.00 29.76 ? 5  A   A "O2'" 1 
ATOM   434  C  "C1'" . A   B 1 5  ? 8.790   -5.281  9.740   1.00 34.83 ? 5  A   A "C1'" 1 
ATOM   435  N  N9    . A   B 1 5  ? 8.565   -4.756  8.394   1.00 35.50 ? 5  A   A N9    1 
ATOM   436  C  C8    . A   B 1 5  ? 8.005   -3.551  8.033   1.00 35.30 ? 5  A   A C8    1 
ATOM   437  N  N7    . A   B 1 5  ? 7.918   -3.375  6.737   1.00 32.75 ? 5  A   A N7    1 
ATOM   438  C  C5    . A   B 1 5  ? 8.461   -4.539  6.208   1.00 33.18 ? 5  A   A C5    1 
ATOM   439  C  C6    . A   B 1 5  ? 8.655   -4.971  4.892   1.00 30.68 ? 5  A   A C6    1 
ATOM   440  N  N6    . A   B 1 5  ? 8.301   -4.259  3.825   1.00 31.31 ? 5  A   A N6    1 
ATOM   441  N  N1    . A   B 1 5  ? 9.233   -6.170  4.705   1.00 28.56 ? 5  A   A N1    1 
ATOM   442  C  C2    . A   B 1 5  ? 9.588   -6.881  5.773   1.00 33.38 ? 5  A   A C2    1 
ATOM   443  N  N3    . A   B 1 5  ? 9.455   -6.589  7.067   1.00 33.84 ? 5  A   A N3    1 
ATOM   444  C  C4    . A   B 1 5  ? 8.874   -5.389  7.217   1.00 33.97 ? 5  A   A C4    1 
HETATM 445  P  P     . A5M B 1 6  ? 12.497  -2.560  11.174  1.00 36.67 ? 6  A5M A P     1 
HETATM 446  O  OP1   . A5M B 1 6  ? 13.427  -2.416  12.317  1.00 36.39 ? 6  A5M A OP1   1 
HETATM 447  O  OP2   . A5M B 1 6  ? 11.924  -1.346  10.532  1.00 36.40 ? 6  A5M A OP2   1 
HETATM 448  O  "O5'" . A5M B 1 6  ? 13.200  -3.430  10.039  1.00 36.33 ? 6  A5M A "O5'" 1 
HETATM 449  C  "C5'" . A5M B 1 6  ? 13.629  -4.753  10.306  1.00 33.38 ? 6  A5M A "C5'" 1 
HETATM 450  C  "C4'" . A5M B 1 6  ? 13.941  -5.476  9.019   1.00 34.62 ? 6  A5M A "C4'" 1 
HETATM 451  O  "O4'" . A5M B 1 6  ? 12.741  -5.572  8.204   1.00 34.00 ? 6  A5M A "O4'" 1 
HETATM 452  C  "C1'" . A5M B 1 6  ? 13.113  -5.695  6.839   1.00 34.79 ? 6  A5M A "C1'" 1 
HETATM 453  N  N1    . A5M B 1 6  ? 12.450  -4.638  6.061   1.00 35.98 ? 6  A5M A N1    1 
HETATM 454  C  C6    . A5M B 1 6  ? 12.049  -3.466  6.639   1.00 36.07 ? 6  A5M A C6    1 
HETATM 455  C  C2    . A5M B 1 6  ? 12.250  -4.857  4.708   1.00 35.48 ? 6  A5M A C2    1 
HETATM 456  O  O2    . A5M B 1 6  ? 12.642  -5.922  4.220   1.00 37.28 ? 6  A5M A O2    1 
HETATM 457  N  N3    . A5M B 1 6  ? 11.647  -3.909  3.961   1.00 34.33 ? 6  A5M A N3    1 
HETATM 458  C  C4    . A5M B 1 6  ? 11.266  -2.764  4.524   1.00 36.13 ? 6  A5M A C4    1 
HETATM 459  N  N4    . A5M B 1 6  ? 10.694  -1.844  3.740   1.00 34.80 ? 6  A5M A N4    1 
HETATM 460  C  C5    . A5M B 1 6  ? 11.459  -2.506  5.912   1.00 36.26 ? 6  A5M A C5    1 
HETATM 461  C  "C2'" . A5M B 1 6  ? 14.638  -5.580  6.775   1.00 34.16 ? 6  A5M A "C2'" 1 
HETATM 462  N  "N2'" . A5M B 1 6  ? 15.217  -6.927  6.792   1.00 34.10 ? 6  A5M A "N2'" 1 
HETATM 463  C  "C3'" . A5M B 1 6  ? 14.923  -4.821  8.061   1.00 34.62 ? 6  A5M A "C3'" 1 
HETATM 464  O  "O3'" . A5M B 1 6  ? 16.278  -4.952  8.459   1.00 33.38 ? 6  A5M A "O3'" 1 
ATOM   465  P  P     . U   B 1 7  ? 17.308  -3.749  8.160   1.00 38.62 ? 7  U   A P     1 
ATOM   466  O  OP1   . U   B 1 7  ? 18.376  -3.801  9.209   1.00 34.39 ? 7  U   A OP1   1 
ATOM   467  O  OP2   . U   B 1 7  ? 16.529  -2.483  7.946   1.00 33.26 ? 7  U   A OP2   1 
ATOM   468  O  "O5'" . U   B 1 7  ? 17.949  -4.138  6.751   1.00 33.31 ? 7  U   A "O5'" 1 
ATOM   469  C  "C5'" . U   B 1 7  ? 18.649  -5.359  6.583   1.00 27.16 ? 7  U   A "C5'" 1 
ATOM   470  C  "C4'" . U   B 1 7  ? 18.922  -5.596  5.124   1.00 25.46 ? 7  U   A "C4'" 1 
ATOM   471  O  "O4'" . U   B 1 7  ? 17.672  -5.874  4.449   1.00 21.39 ? 7  U   A "O4'" 1 
ATOM   472  C  "C3'" . U   B 1 7  ? 19.468  -4.411  4.343   1.00 24.61 ? 7  U   A "C3'" 1 
ATOM   473  O  "O3'" . U   B 1 7  ? 20.860  -4.211  4.531   1.00 22.95 ? 7  U   A "O3'" 1 
ATOM   474  C  "C2'" . U   B 1 7  ? 19.143  -4.820  2.919   1.00 20.78 ? 7  U   A "C2'" 1 
ATOM   475  O  "O2'" . U   B 1 7  ? 20.011  -5.822  2.448   1.00 21.96 ? 7  U   A "O2'" 1 
ATOM   476  C  "C1'" . U   B 1 7  ? 17.756  -5.424  3.108   1.00 22.61 ? 7  U   A "C1'" 1 
ATOM   477  N  N1    . U   B 1 7  ? 16.698  -4.435  2.875   1.00 23.68 ? 7  U   A N1    1 
ATOM   478  C  C2    . U   B 1 7  ? 16.297  -4.239  1.561   1.00 25.36 ? 7  U   A C2    1 
ATOM   479  O  O2    . U   B 1 7  ? 16.794  -4.845  0.616   1.00 24.75 ? 7  U   A O2    1 
ATOM   480  N  N3    . U   B 1 7  ? 15.300  -3.312  1.394   1.00 23.26 ? 7  U   A N3    1 
ATOM   481  C  C4    . U   B 1 7  ? 14.683  -2.575  2.377   1.00 23.26 ? 7  U   A C4    1 
ATOM   482  O  O4    . U   B 1 7  ? 13.827  -1.756  2.063   1.00 23.51 ? 7  U   A O4    1 
ATOM   483  C  C5    . U   B 1 7  ? 15.159  -2.827  3.708   1.00 22.86 ? 7  U   A C5    1 
ATOM   484  C  C6    . U   B 1 7  ? 16.125  -3.727  3.904   1.00 22.67 ? 7  U   A C6    1 
ATOM   485  P  P     . U   B 1 8  ? 21.456  -2.718  4.495   1.00 26.23 ? 8  U   A P     1 
ATOM   486  O  OP1   . U   B 1 8  ? 22.906  -2.862  4.777   1.00 25.66 ? 8  U   A OP1   1 
ATOM   487  O  OP2   . U   B 1 8  ? 20.625  -1.800  5.320   1.00 23.16 ? 8  U   A OP2   1 
ATOM   488  O  "O5'" . U   B 1 8  ? 21.308  -2.270  2.975   1.00 25.67 ? 8  U   A "O5'" 1 
ATOM   489  C  "C5'" . U   B 1 8  ? 22.167  -2.821  1.991   1.00 25.11 ? 8  U   A "C5'" 1 
ATOM   490  C  "C4'" . U   B 1 8  ? 21.747  -2.377  0.618   1.00 26.18 ? 8  U   A "C4'" 1 
ATOM   491  O  "O4'" . U   B 1 8  ? 20.376  -2.792  0.372   1.00 25.50 ? 8  U   A "O4'" 1 
ATOM   492  C  "C3'" . U   B 1 8  ? 21.707  -0.879  0.380   1.00 25.22 ? 8  U   A "C3'" 1 
ATOM   493  O  "O3'" . U   B 1 8  ? 23.002  -0.349  0.131   1.00 25.01 ? 8  U   A "O3'" 1 
ATOM   494  C  "C2'" . U   B 1 8  ? 20.798  -0.805  -0.840  1.00 24.42 ? 8  U   A "C2'" 1 
ATOM   495  O  "O2'" . U   B 1 8  ? 21.430  -1.219  -2.031  1.00 23.23 ? 8  U   A "O2'" 1 
ATOM   496  C  "C1'" . U   B 1 8  ? 19.741  -1.848  -0.476  1.00 26.04 ? 8  U   A "C1'" 1 
ATOM   497  N  N1    . U   B 1 8  ? 18.625  -1.224  0.250   1.00 26.68 ? 8  U   A N1    1 
ATOM   498  C  C2    . U   B 1 8  ? 17.660  -0.584  -0.503  1.00 27.23 ? 8  U   A C2    1 
ATOM   499  O  O2    . U   B 1 8  ? 17.672  -0.571  -1.712  1.00 26.16 ? 8  U   A O2    1 
ATOM   500  N  N3    . U   B 1 8  ? 16.677  0.042   0.222   1.00 27.78 ? 8  U   A N3    1 
ATOM   501  C  C4    . U   B 1 8  ? 16.558  0.083   1.589   1.00 27.06 ? 8  U   A C4    1 
ATOM   502  O  O4    . U   B 1 8  ? 15.631  0.710   2.089   1.00 27.62 ? 8  U   A O4    1 
ATOM   503  C  C5    . U   B 1 8  ? 17.576  -0.628  2.303   1.00 26.11 ? 8  U   A C5    1 
ATOM   504  C  C6    . U   B 1 8  ? 18.550  -1.247  1.622   1.00 26.92 ? 8  U   A C6    1 
ATOM   505  P  P     . A   B 1 9  ? 23.345  1.150   0.600   1.00 28.27 ? 9  A   A P     1 
ATOM   506  O  OP1   . A   B 1 9  ? 24.810  1.386   0.446   1.00 29.58 ? 9  A   A OP1   1 
ATOM   507  O  OP2   . A   B 1 9  ? 22.691  1.398   1.910   1.00 29.78 ? 9  A   A OP2   1 
ATOM   508  O  "O5'" . A   B 1 9  ? 22.604  2.061   -0.463  1.00 27.35 ? 9  A   A "O5'" 1 
ATOM   509  C  "C5'" . A   B 1 9  ? 22.969  2.013   -1.823  1.00 27.33 ? 9  A   A "C5'" 1 
ATOM   510  C  "C4'" . A   B 1 9  ? 22.033  2.868   -2.618  1.00 30.02 ? 9  A   A "C4'" 1 
ATOM   511  O  "O4'" . A   B 1 9  ? 20.698  2.296   -2.590  1.00 30.29 ? 9  A   A "O4'" 1 
ATOM   512  C  "C3'" . A   B 1 9  ? 21.824  4.250   -2.038  1.00 30.20 ? 9  A   A "C3'" 1 
ATOM   513  O  "O3'" . A   B 1 9  ? 22.908  5.095   -2.366  1.00 30.76 ? 9  A   A "O3'" 1 
ATOM   514  C  "C2'" . A   B 1 9  ? 20.515  4.658   -2.697  1.00 29.54 ? 9  A   A "C2'" 1 
ATOM   515  O  "O2'" . A   B 1 9  ? 20.687  5.020   -4.047  1.00 28.39 ? 9  A   A "O2'" 1 
ATOM   516  C  "C1'" . A   B 1 9  ? 19.737  3.343   -2.630  1.00 30.73 ? 9  A   A "C1'" 1 
ATOM   517  N  N9    . A   B 1 9  ? 18.910  3.256   -1.427  1.00 31.77 ? 9  A   A N9    1 
ATOM   518  C  C8    . A   B 1 9  ? 19.192  2.612   -0.247  1.00 31.67 ? 9  A   A C8    1 
ATOM   519  N  N7    . A   B 1 9  ? 18.240  2.716   0.648   1.00 31.59 ? 9  A   A N7    1 
ATOM   520  C  C5    . A   B 1 9  ? 17.269  3.482   0.014   1.00 31.39 ? 9  A   A C5    1 
ATOM   521  C  C6    . A   B 1 9  ? 16.010  3.952   0.427   1.00 30.07 ? 9  A   A C6    1 
ATOM   522  N  N6    . A   B 1 9  ? 15.482  3.711   1.629   1.00 29.16 ? 9  A   A N6    1 
ATOM   523  N  N1    . A   B 1 9  ? 15.303  4.696   -0.448  1.00 28.14 ? 9  A   A N1    1 
ATOM   524  C  C2    . A   B 1 9  ? 15.825  4.949   -1.641  1.00 29.31 ? 9  A   A C2    1 
ATOM   525  N  N3    . A   B 1 9  ? 16.989  4.563   -2.148  1.00 32.31 ? 9  A   A N3    1 
ATOM   526  C  C4    . A   B 1 9  ? 17.672  3.824   -1.262  1.00 30.88 ? 9  A   A C4    1 
ATOM   527  P  P     . A   B 1 10 ? 23.184  6.401   -1.482  1.00 31.58 ? 10 A   A P     1 
ATOM   528  O  OP1   . A   B 1 10 ? 24.474  6.996   -1.934  1.00 32.45 ? 10 A   A OP1   1 
ATOM   529  O  OP2   . A   B 1 10 ? 22.992  6.065   -0.049  1.00 31.45 ? 10 A   A OP2   1 
ATOM   530  O  "O5'" . A   B 1 10 ? 22.025  7.394   -1.920  1.00 33.99 ? 10 A   A "O5'" 1 
ATOM   531  C  "C5'" . A   B 1 10 ? 21.907  7.808   -3.270  1.00 35.19 ? 10 A   A "C5'" 1 
ATOM   532  C  "C4'" . A   B 1 10 ? 20.656  8.618   -3.446  1.00 35.34 ? 10 A   A "C4'" 1 
ATOM   533  O  "O4'" . A   B 1 10 ? 19.493  7.774   -3.228  1.00 34.84 ? 10 A   A "O4'" 1 
ATOM   534  C  "C3'" . A   B 1 10 ? 20.479  9.719   -2.423  1.00 36.48 ? 10 A   A "C3'" 1 
ATOM   535  O  "O3'" . A   B 1 10 ? 21.273  10.853  -2.724  1.00 37.78 ? 10 A   A "O3'" 1 
ATOM   536  C  "C2'" . A   B 1 10 ? 18.981  9.966   -2.500  1.00 35.25 ? 10 A   A "C2'" 1 
ATOM   537  O  "O2'" . A   B 1 10 ? 18.608  10.665  -3.669  1.00 34.48 ? 10 A   A "O2'" 1 
ATOM   538  C  "C1'" . A   B 1 10 ? 18.464  8.529   -2.595  1.00 36.08 ? 10 A   A "C1'" 1 
ATOM   539  N  N9    . A   B 1 10 ? 18.199  7.932   -1.282  1.00 35.52 ? 10 A   A N9    1 
ATOM   540  C  C8    . A   B 1 10 ? 19.091  7.270   -0.474  1.00 33.68 ? 10 A   A C8    1 
ATOM   541  N  N7    . A   B 1 10 ? 18.570  6.839   0.650   1.00 32.06 ? 10 A   A N7    1 
ATOM   542  C  C5    . A   B 1 10 ? 17.249  7.250   0.583   1.00 30.87 ? 10 A   A C5    1 
ATOM   543  C  C6    . A   B 1 10 ? 16.177  7.109   1.473   1.00 30.11 ? 10 A   A C6    1 
ATOM   544  N  N6    . A   B 1 10 ? 16.274  6.500   2.657   1.00 28.74 ? 10 A   A N6    1 
ATOM   545  N  N1    . A   B 1 10 ? 14.986  7.622   1.105   1.00 30.90 ? 10 A   A N1    1 
ATOM   546  C  C2    . A   B 1 10 ? 14.896  8.242   -0.078  1.00 32.19 ? 10 A   A C2    1 
ATOM   547  N  N3    . A   B 1 10 ? 15.835  8.447   -1.000  1.00 32.35 ? 10 A   A N3    1 
ATOM   548  C  C4    . A   B 1 10 ? 17.003  7.919   -0.603  1.00 32.91 ? 10 A   A C4    1 
ATOM   549  P  P     . G   B 1 11 ? 21.403  12.030  -1.636  1.00 39.85 ? 11 G   A P     1 
ATOM   550  O  OP1   . G   B 1 11 ? 22.198  13.124  -2.257  1.00 39.77 ? 11 G   A OP1   1 
ATOM   551  O  OP2   . G   B 1 11 ? 21.816  11.484  -0.316  1.00 37.96 ? 11 G   A OP2   1 
ATOM   552  O  "O5'" . G   B 1 11 ? 19.897  12.505  -1.541  1.00 37.27 ? 11 G   A "O5'" 1 
ATOM   553  C  "C5'" . G   B 1 11 ? 19.403  13.143  -0.398  1.00 36.19 ? 11 G   A "C5'" 1 
ATOM   554  C  "C4'" . G   B 1 11 ? 17.920  13.304  -0.534  1.00 36.37 ? 11 G   A "C4'" 1 
ATOM   555  O  "O4'" . G   B 1 11 ? 17.281  12.007  -0.488  1.00 36.05 ? 11 G   A "O4'" 1 
ATOM   556  C  "C3'" . G   B 1 11 ? 17.300  14.091  0.595   1.00 36.86 ? 11 G   A "C3'" 1 
ATOM   557  O  "O3'" . G   B 1 11 ? 17.399  15.455  0.243   1.00 37.30 ? 11 G   A "O3'" 1 
ATOM   558  C  "C2'" . G   B 1 11 ? 15.872  13.556  0.621   1.00 35.81 ? 11 G   A "C2'" 1 
ATOM   559  O  "O2'" . G   B 1 11 ? 15.060  14.123  -0.386  1.00 32.96 ? 11 G   A "O2'" 1 
ATOM   560  C  "C1'" . G   B 1 11 ? 16.114  12.074  0.317   1.00 34.75 ? 11 G   A "C1'" 1 
ATOM   561  N  N9    . G   B 1 11 ? 16.352  11.244  1.494   1.00 33.69 ? 11 G   A N9    1 
ATOM   562  C  C8    . G   B 1 11 ? 17.518  10.590  1.815   1.00 33.09 ? 11 G   A C8    1 
ATOM   563  N  N7    . G   B 1 11 ? 17.425  9.879   2.904   1.00 33.89 ? 11 G   A N7    1 
ATOM   564  C  C5    . G   B 1 11 ? 16.121  10.086  3.338   1.00 33.64 ? 11 G   A C5    1 
ATOM   565  C  C6    . G   B 1 11 ? 15.433  9.573   4.468   1.00 32.21 ? 11 G   A C6    1 
ATOM   566  O  O6    . G   B 1 11 ? 15.845  8.804   5.341   1.00 30.53 ? 11 G   A O6    1 
ATOM   567  N  N1    . G   B 1 11 ? 14.134  10.051  4.532   1.00 33.20 ? 11 G   A N1    1 
ATOM   568  C  C2    . G   B 1 11 ? 13.565  10.914  3.635   1.00 34.06 ? 11 G   A C2    1 
ATOM   569  N  N2    . G   B 1 11 ? 12.299  11.282  3.890   1.00 33.06 ? 11 G   A N2    1 
ATOM   570  N  N3    . G   B 1 11 ? 14.188  11.391  2.572   1.00 35.10 ? 11 G   A N3    1 
ATOM   571  C  C4    . G   B 1 11 ? 15.452  10.939  2.485   1.00 33.71 ? 11 G   A C4    1 
ATOM   572  P  P     . U   B 1 12 ? 17.797  16.522  1.356   1.00 37.32 ? 12 U   A P     1 
ATOM   573  O  OP1   . U   B 1 12 ? 17.962  17.814  0.639   1.00 37.91 ? 12 U   A OP1   1 
ATOM   574  O  OP2   . U   B 1 12 ? 18.917  15.978  2.169   1.00 36.31 ? 12 U   A OP2   1 
ATOM   575  O  "O5'" . U   B 1 12 ? 16.473  16.589  2.233   1.00 35.47 ? 12 U   A "O5'" 1 
ATOM   576  C  "C5'" . U   B 1 12 ? 15.236  16.927  1.618   1.00 32.99 ? 12 U   A "C5'" 1 
ATOM   577  C  "C4'" . U   B 1 12 ? 14.120  16.856  2.619   1.00 31.76 ? 12 U   A "C4'" 1 
ATOM   578  O  "O4'" . U   B 1 12 ? 13.710  15.482  2.831   1.00 33.65 ? 12 U   A "O4'" 1 
ATOM   579  C  "C3'" . U   B 1 12 ? 14.467  17.363  4.003   1.00 31.25 ? 12 U   A "C3'" 1 
ATOM   580  O  "O3'" . U   B 1 12 ? 14.360  18.773  4.037   1.00 31.09 ? 12 U   A "O3'" 1 
ATOM   581  C  "C2'" . U   B 1 12 ? 13.397  16.690  4.843   1.00 31.21 ? 12 U   A "C2'" 1 
ATOM   582  O  "O2'" . U   B 1 12 ? 12.159  17.344  4.678   1.00 30.53 ? 12 U   A "O2'" 1 
ATOM   583  C  "C1'" . U   B 1 12 ? 13.337  15.307  4.188   1.00 32.15 ? 12 U   A "C1'" 1 
ATOM   584  N  N1    . U   B 1 12 ? 14.282  14.354  4.777   1.00 32.53 ? 12 U   A N1    1 
ATOM   585  C  C2    . U   B 1 12 ? 13.854  13.579  5.840   1.00 32.86 ? 12 U   A C2    1 
ATOM   586  O  O2    . U   B 1 12 ? 12.749  13.682  6.330   1.00 32.31 ? 12 U   A O2    1 
ATOM   587  N  N3    . U   B 1 12 ? 14.781  12.681  6.311   1.00 32.93 ? 12 U   A N3    1 
ATOM   588  C  C4    . U   B 1 12 ? 16.070  12.499  5.848   1.00 34.07 ? 12 U   A C4    1 
ATOM   589  O  O4    . U   B 1 12 ? 16.783  11.634  6.360   1.00 34.38 ? 12 U   A O4    1 
ATOM   590  C  C5    . U   B 1 12 ? 16.443  13.358  4.762   1.00 34.46 ? 12 U   A C5    1 
ATOM   591  C  C6    . U   B 1 12 ? 15.557  14.231  4.275   1.00 33.65 ? 12 U   A C6    1 
ATOM   592  P  P     . C   B 1 13 ? 15.143  19.607  5.158   1.00 30.05 ? 13 C   A P     1 
ATOM   593  O  OP1   . C   B 1 13 ? 14.875  21.027  4.819   1.00 32.75 ? 13 C   A OP1   1 
ATOM   594  O  OP2   . C   B 1 13 ? 16.546  19.142  5.295   1.00 31.69 ? 13 C   A OP2   1 
ATOM   595  O  "O5'" . C   B 1 13 ? 14.361  19.230  6.493   1.00 31.43 ? 13 C   A "O5'" 1 
ATOM   596  C  "C5'" . C   B 1 13 ? 13.012  19.641  6.688   1.00 29.37 ? 13 C   A "C5'" 1 
ATOM   597  C  "C4'" . C   B 1 13 ? 12.470  19.068  7.970   1.00 27.77 ? 13 C   A "C4'" 1 
ATOM   598  O  "O4'" . C   B 1 13 ? 12.352  17.627  7.839   1.00 28.55 ? 13 C   A "O4'" 1 
ATOM   599  C  "C3'" . C   B 1 13 ? 13.361  19.244  9.188   1.00 27.60 ? 13 C   A "C3'" 1 
ATOM   600  O  "O3'" . C   B 1 13 ? 13.222  20.528  9.775   1.00 26.11 ? 13 C   A "O3'" 1 
ATOM   601  C  "C2'" . C   B 1 13 ? 12.851  18.137  10.094  1.00 28.12 ? 13 C   A "C2'" 1 
ATOM   602  O  "O2'" . C   B 1 13 ? 11.613  18.446  10.690  1.00 27.23 ? 13 C   A "O2'" 1 
ATOM   603  C  "C1'" . C   B 1 13 ? 12.639  17.010  9.085   1.00 28.25 ? 13 C   A "C1'" 1 
ATOM   604  N  N1    . C   B 1 13 ? 13.859  16.209  8.940   1.00 29.49 ? 13 C   A N1    1 
ATOM   605  C  C2    . C   B 1 13 ? 14.120  15.225  9.880   1.00 29.70 ? 13 C   A C2    1 
ATOM   606  O  O2    . C   B 1 13 ? 13.314  15.061  10.804  1.00 31.44 ? 13 C   A O2    1 
ATOM   607  N  N3    . C   B 1 13 ? 15.242  14.480  9.768   1.00 29.79 ? 13 C   A N3    1 
ATOM   608  C  C4    . C   B 1 13 ? 16.091  14.704  8.764   1.00 30.71 ? 13 C   A C4    1 
ATOM   609  N  N4    . C   B 1 13 ? 17.197  13.953  8.694   1.00 29.49 ? 13 C   A N4    1 
ATOM   610  C  C5    . C   B 1 13 ? 15.848  15.710  7.787   1.00 29.75 ? 13 C   A C5    1 
ATOM   611  C  C6    . C   B 1 13 ? 14.729  16.430  7.910   1.00 29.95 ? 13 C   A C6    1 
ATOM   612  P  P     . U   B 1 14 ? 14.510  21.242  10.425  1.00 24.85 ? 14 U   A P     1 
ATOM   613  O  OP1   . U   B 1 14 ? 14.130  22.627  10.779  1.00 27.96 ? 14 U   A OP1   1 
ATOM   614  O  OP2   . U   B 1 14 ? 15.669  21.007  9.532   1.00 27.06 ? 14 U   A OP2   1 
ATOM   615  O  "O5'" . U   B 1 14 ? 14.735  20.454  11.788  1.00 24.93 ? 14 U   A "O5'" 1 
ATOM   616  C  "C5'" . U   B 1 14 ? 13.713  20.426  12.777  1.00 21.48 ? 14 U   A "C5'" 1 
ATOM   617  C  "C4'" . U   B 1 14 ? 14.104  19.509  13.905  1.00 21.44 ? 14 U   A "C4'" 1 
ATOM   618  O  "O4'" . U   B 1 14 ? 14.062  18.129  13.455  1.00 21.22 ? 14 U   A "O4'" 1 
ATOM   619  C  "C3'" . U   B 1 14 ? 15.518  19.675  14.438  1.00 21.50 ? 14 U   A "C3'" 1 
ATOM   620  O  "O3'" . U   B 1 14 ? 15.610  20.752  15.357  1.00 18.87 ? 14 U   A "O3'" 1 
ATOM   621  C  "C2'" . U   B 1 14 ? 15.757  18.327  15.108  1.00 20.85 ? 14 U   A "C2'" 1 
ATOM   622  O  "O2'" . U   B 1 14 ? 15.161  18.227  16.385  1.00 20.20 ? 14 U   A "O2'" 1 
ATOM   623  C  "C1'" . U   B 1 14 ? 15.052  17.382  14.134  1.00 20.84 ? 14 U   A "C1'" 1 
ATOM   624  N  N1    . U   B 1 14 ? 15.988  16.850  13.140  1.00 24.00 ? 14 U   A N1    1 
ATOM   625  C  C2    . U   B 1 14 ? 16.704  15.728  13.492  1.00 23.93 ? 14 U   A C2    1 
ATOM   626  O  O2    . U   B 1 14 ? 16.543  15.158  14.552  1.00 22.13 ? 14 U   A O2    1 
ATOM   627  N  N3    . U   B 1 14 ? 17.605  15.295  12.553  1.00 23.50 ? 14 U   A N3    1 
ATOM   628  C  C4    . U   B 1 14 ? 17.844  15.852  11.325  1.00 26.14 ? 14 U   A C4    1 
ATOM   629  O  O4    . U   B 1 14 ? 18.694  15.349  10.589  1.00 29.60 ? 14 U   A O4    1 
ATOM   630  C  C5    . U   B 1 14 ? 17.041  17.004  11.023  1.00 27.01 ? 14 U   A C5    1 
ATOM   631  C  C6    . U   B 1 14 ? 16.161  17.449  11.919  1.00 23.85 ? 14 U   A C6    1 
ATOM   632  P  P     . G   B 1 15 ? 17.009  21.514  15.549  1.00 24.37 ? 15 G   A P     1 
ATOM   633  O  OP1   . G   B 1 15 ? 16.763  22.726  16.358  1.00 24.15 ? 15 G   A OP1   1 
ATOM   634  O  OP2   . G   B 1 15 ? 17.687  21.638  14.232  1.00 24.53 ? 15 G   A OP2   1 
ATOM   635  O  "O5'" . G   B 1 15 ? 17.857  20.521  16.462  1.00 26.51 ? 15 G   A "O5'" 1 
ATOM   636  C  "C5'" . G   B 1 15 ? 17.445  20.257  17.795  1.00 27.37 ? 15 G   A "C5'" 1 
ATOM   637  C  "C4'" . G   B 1 15 ? 18.310  19.192  18.419  1.00 27.98 ? 15 G   A "C4'" 1 
ATOM   638  O  "O4'" . G   B 1 15 ? 18.107  17.925  17.739  1.00 29.01 ? 15 G   A "O4'" 1 
ATOM   639  C  "C3'" . G   B 1 15 ? 19.809  19.399  18.320  1.00 28.03 ? 15 G   A "C3'" 1 
ATOM   640  O  "O3'" . G   B 1 15 ? 20.279  20.354  19.262  1.00 27.26 ? 15 G   A "O3'" 1 
ATOM   641  C  "C2'" . G   B 1 15 ? 20.317  17.989  18.579  1.00 28.48 ? 15 G   A "C2'" 1 
ATOM   642  O  "O2'" . G   B 1 15 ? 20.198  17.588  19.931  1.00 29.36 ? 15 G   A "O2'" 1 
ATOM   643  C  "C1'" . G   B 1 15 ? 19.310  17.177  17.772  1.00 29.29 ? 15 G   A "C1'" 1 
ATOM   644  N  N9    . G   B 1 15 ? 19.757  16.980  16.405  1.00 30.94 ? 15 G   A N9    1 
ATOM   645  C  C8    . G   B 1 15 ? 19.386  17.708  15.304  1.00 31.71 ? 15 G   A C8    1 
ATOM   646  N  N7    . G   B 1 15 ? 19.956  17.300  14.206  1.00 32.31 ? 15 G   A N7    1 
ATOM   647  C  C5    . G   B 1 15 ? 20.752  16.236  14.606  1.00 32.84 ? 15 G   A C5    1 
ATOM   648  C  C6    . G   B 1 15 ? 21.606  15.401  13.852  1.00 31.95 ? 15 G   A C6    1 
ATOM   649  O  O6    . G   B 1 15 ? 21.833  15.440  12.642  1.00 33.44 ? 15 G   A O6    1 
ATOM   650  N  N1    . G   B 1 15 ? 22.232  14.449  14.652  1.00 29.63 ? 15 G   A N1    1 
ATOM   651  C  C2    . G   B 1 15 ? 22.062  14.321  16.007  1.00 30.62 ? 15 G   A C2    1 
ATOM   652  N  N2    . G   B 1 15 ? 22.770  13.349  16.608  1.00 29.58 ? 15 G   A N2    1 
ATOM   653  N  N3    . G   B 1 15 ? 21.256  15.096  16.723  1.00 31.42 ? 15 G   A N3    1 
ATOM   654  C  C4    . G   B 1 15 ? 20.640  16.026  15.962  1.00 31.86 ? 15 G   A C4    1 
ATOM   655  P  P     . C   B 1 16 ? 21.513  21.304  18.868  1.00 25.13 ? 16 C   A P     1 
ATOM   656  O  OP1   . C   B 1 16 ? 21.735  22.274  19.957  1.00 23.79 ? 16 C   A OP1   1 
ATOM   657  O  OP2   . C   B 1 16 ? 21.320  21.795  17.477  1.00 26.37 ? 16 C   A OP2   1 
ATOM   658  O  "O5'" . C   B 1 16 ? 22.737  20.294  18.853  1.00 26.74 ? 16 C   A "O5'" 1 
ATOM   659  C  "C5'" . C   B 1 16 ? 23.094  19.569  20.019  1.00 25.64 ? 16 C   A "C5'" 1 
ATOM   660  C  "C4'" . C   B 1 16 ? 24.192  18.592  19.695  1.00 26.97 ? 16 C   A "C4'" 1 
ATOM   661  O  "O4'" . C   B 1 16 ? 23.693  17.633  18.725  1.00 26.69 ? 16 C   A "O4'" 1 
ATOM   662  C  "C3'" . C   B 1 16 ? 25.416  19.189  19.010  1.00 26.85 ? 16 C   A "C3'" 1 
ATOM   663  O  "O3'" . C   B 1 16 ? 26.295  19.959  19.862  1.00 24.04 ? 16 C   A "O3'" 1 
ATOM   664  C  "C2'" . C   B 1 16 ? 26.016  17.972  18.320  1.00 25.78 ? 16 C   A "C2'" 1 
ATOM   665  O  "O2'" . C   B 1 16 ? 26.751  17.164  19.222  1.00 27.90 ? 16 C   A "O2'" 1 
ATOM   666  C  "C1'" . C   B 1 16 ? 24.751  17.230  17.874  1.00 25.97 ? 16 C   A "C1'" 1 
ATOM   667  N  N1    . C   B 1 16 ? 24.356  17.519  16.493  1.00 26.53 ? 16 C   A N1    1 
ATOM   668  C  C2    . C   B 1 16 ? 24.903  16.748  15.485  1.00 24.93 ? 16 C   A C2    1 
ATOM   669  O  O2    . C   B 1 16 ? 25.708  15.874  15.787  1.00 24.35 ? 16 C   A O2    1 
ATOM   670  N  N3    . C   B 1 16 ? 24.546  16.974  14.210  1.00 25.49 ? 16 C   A N3    1 
ATOM   671  C  C4    . C   B 1 16 ? 23.682  17.945  13.923  1.00 25.94 ? 16 C   A C4    1 
ATOM   672  N  N4    . C   B 1 16 ? 23.370  18.138  12.637  1.00 22.23 ? 16 C   A N4    1 
ATOM   673  C  C5    . C   B 1 16 ? 23.107  18.761  14.937  1.00 24.79 ? 16 C   A C5    1 
ATOM   674  C  C6    . C   B 1 16 ? 23.468  18.515  16.200  1.00 25.58 ? 16 C   A C6    1 
ATOM   675  O  "O5'" . G   C 1 1  ? -34.091 -23.850 -7.265  1.00 23.22 ? 1  G   C "O5'" 1 
ATOM   676  C  "C5'" . G   C 1 1  ? -33.010 -24.639 -6.782  1.00 26.96 ? 1  G   C "C5'" 1 
ATOM   677  C  "C4'" . G   C 1 1  ? -32.381 -25.366 -7.945  1.00 28.21 ? 1  G   C "C4'" 1 
ATOM   678  O  "O4'" . G   C 1 1  ? -33.397 -26.164 -8.614  1.00 31.16 ? 1  G   C "O4'" 1 
ATOM   679  C  "C3'" . G   C 1 1  ? -31.855 -24.444 -9.030  1.00 26.23 ? 1  G   C "C3'" 1 
ATOM   680  O  "O3'" . G   C 1 1  ? -30.536 -24.046 -8.725  1.00 24.78 ? 1  G   C "O3'" 1 
ATOM   681  C  "C2'" . G   C 1 1  ? -31.932 -25.321 -10.269 1.00 27.10 ? 1  G   C "C2'" 1 
ATOM   682  O  "O2'" . G   C 1 1  ? -30.883 -26.260 -10.352 1.00 23.99 ? 1  G   C "O2'" 1 
ATOM   683  C  "C1'" . G   C 1 1  ? -33.247 -26.058 -10.018 1.00 28.48 ? 1  G   C "C1'" 1 
ATOM   684  N  N9    . G   C 1 1  ? -34.416 -25.362 -10.546 1.00 29.81 ? 1  G   C N9    1 
ATOM   685  C  C8    . G   C 1 1  ? -35.369 -24.672 -9.835  1.00 28.90 ? 1  G   C C8    1 
ATOM   686  N  N7    . G   C 1 1  ? -36.317 -24.186 -10.589 1.00 27.91 ? 1  G   C N7    1 
ATOM   687  C  C5    . G   C 1 1  ? -35.967 -24.574 -11.874 1.00 28.13 ? 1  G   C C5    1 
ATOM   688  C  C6    . G   C 1 1  ? -36.630 -24.366 -13.116 1.00 28.67 ? 1  G   C C6    1 
ATOM   689  O  O6    . G   C 1 1  ? -37.692 -23.773 -13.335 1.00 28.29 ? 1  G   C O6    1 
ATOM   690  N  N1    . G   C 1 1  ? -35.931 -24.942 -14.172 1.00 29.16 ? 1  G   C N1    1 
ATOM   691  C  C2    . G   C 1 1  ? -34.745 -25.634 -14.053 1.00 30.55 ? 1  G   C C2    1 
ATOM   692  N  N2    . G   C 1 1  ? -34.214 -26.125 -15.185 1.00 28.63 ? 1  G   C N2    1 
ATOM   693  N  N3    . G   C 1 1  ? -34.122 -25.834 -12.903 1.00 30.86 ? 1  G   C N3    1 
ATOM   694  C  C4    . G   C 1 1  ? -34.787 -25.287 -11.865 1.00 29.78 ? 1  G   C C4    1 
ATOM   695  P  P     . C   C 1 2  ? -30.003 -22.625 -9.236  1.00 24.48 ? 2  C   C P     1 
ATOM   696  O  OP1   . C   C 1 2  ? -28.636 -22.437 -8.695  1.00 26.99 ? 2  C   C OP1   1 
ATOM   697  O  OP2   . C   C 1 2  ? -31.068 -21.626 -8.941  1.00 24.68 ? 2  C   C OP2   1 
ATOM   698  O  "O5'" . C   C 1 2  ? -29.884 -22.823 -10.806 1.00 23.35 ? 2  C   C "O5'" 1 
ATOM   699  C  "C5'" . C   C 1 2  ? -29.001 -23.784 -11.337 1.00 22.96 ? 2  C   C "C5'" 1 
ATOM   700  C  "C4'" . C   C 1 2  ? -29.221 -23.901 -12.810 1.00 25.69 ? 2  C   C "C4'" 1 
ATOM   701  O  "O4'" . C   C 1 2  ? -30.561 -24.408 -13.027 1.00 25.34 ? 2  C   C "O4'" 1 
ATOM   702  C  "C3'" . C   C 1 2  ? -29.220 -22.585 -13.572 1.00 25.70 ? 2  C   C "C3'" 1 
ATOM   703  O  "O3'" . C   C 1 2  ? -27.903 -22.145 -13.871 1.00 27.47 ? 2  C   C "O3'" 1 
ATOM   704  C  "C2'" . C   C 1 2  ? -29.996 -22.961 -14.823 1.00 23.96 ? 2  C   C "C2'" 1 
ATOM   705  O  "O2'" . C   C 1 2  ? -29.226 -23.690 -15.745 1.00 25.38 ? 2  C   C "O2'" 1 
ATOM   706  C  "C1'" . C   C 1 2  ? -31.068 -23.878 -14.238 1.00 25.61 ? 2  C   C "C1'" 1 
ATOM   707  N  N1    . C   C 1 2  ? -32.279 -23.123 -13.942 1.00 24.69 ? 2  C   C N1    1 
ATOM   708  C  C2    . C   C 1 2  ? -33.162 -22.877 -14.981 1.00 27.10 ? 2  C   C C2    1 
ATOM   709  O  O2    . C   C 1 2  ? -32.883 -23.330 -16.109 1.00 25.56 ? 2  C   C O2    1 
ATOM   710  N  N3    . C   C 1 2  ? -34.285 -22.158 -14.741 1.00 24.73 ? 2  C   C N3    1 
ATOM   711  C  C4    . C   C 1 2  ? -34.524 -21.697 -13.513 1.00 26.21 ? 2  C   C C4    1 
ATOM   712  N  N4    . C   C 1 2  ? -35.631 -20.987 -13.314 1.00 27.32 ? 2  C   C N4    1 
ATOM   713  C  C5    . C   C 1 2  ? -33.635 -21.945 -12.428 1.00 27.45 ? 2  C   C C5    1 
ATOM   714  C  C6    . C   C 1 2  ? -32.534 -22.655 -12.685 1.00 26.62 ? 2  C   C C6    1 
ATOM   715  P  P     . A   C 1 3  ? -27.604 -20.570 -14.035 1.00 29.67 ? 3  A   C P     1 
ATOM   716  O  OP1   . A   C 1 3  ? -26.128 -20.410 -14.053 1.00 33.31 ? 3  A   C OP1   1 
ATOM   717  O  OP2   . A   C 1 3  ? -28.406 -19.813 -13.049 1.00 30.54 ? 3  A   C OP2   1 
ATOM   718  O  "O5'" . A   C 1 3  ? -28.131 -20.241 -15.498 1.00 29.02 ? 3  A   C "O5'" 1 
ATOM   719  C  "C5'" . A   C 1 3  ? -27.547 -20.876 -16.627 1.00 28.50 ? 3  A   C "C5'" 1 
ATOM   720  C  "C4'" . A   C 1 3  ? -28.309 -20.522 -17.874 1.00 28.47 ? 3  A   C "C4'" 1 
ATOM   721  O  "O4'" . A   C 1 3  ? -29.643 -21.081 -17.788 1.00 29.19 ? 3  A   C "O4'" 1 
ATOM   722  C  "C3'" . A   C 1 3  ? -28.551 -19.041 -18.116 1.00 28.15 ? 3  A   C "C3'" 1 
ATOM   723  O  "O3'" . A   C 1 3  ? -27.427 -18.416 -18.723 1.00 28.27 ? 3  A   C "O3'" 1 
ATOM   724  C  "C2'" . A   C 1 3  ? -29.756 -19.075 -19.049 1.00 27.47 ? 3  A   C "C2'" 1 
ATOM   725  O  "O2'" . A   C 1 3  ? -29.426 -19.417 -20.378 1.00 27.41 ? 3  A   C "O2'" 1 
ATOM   726  C  "C1'" . A   C 1 3  ? -30.562 -20.219 -18.438 1.00 28.20 ? 3  A   C "C1'" 1 
ATOM   727  N  N9    . A   C 1 3  ? -31.511 -19.743 -17.435 1.00 28.03 ? 3  A   C N9    1 
ATOM   728  C  C8    . A   C 1 3  ? -31.361 -19.731 -16.073 1.00 25.91 ? 3  A   C C8    1 
ATOM   729  N  N7    . A   C 1 3  ? -32.398 -19.250 -15.434 1.00 26.80 ? 3  A   C N7    1 
ATOM   730  C  C5    . A   C 1 3  ? -33.288 -18.920 -16.446 1.00 26.54 ? 3  A   C C5    1 
ATOM   731  C  C6    . A   C 1 3  ? -34.575 -18.361 -16.425 1.00 25.25 ? 3  A   C C6    1 
ATOM   732  N  N6    . A   C 1 3  ? -35.218 -18.030 -15.309 1.00 23.79 ? 3  A   C N6    1 
ATOM   733  N  N1    . A   C 1 3  ? -35.187 -18.151 -17.608 1.00 25.24 ? 3  A   C N1    1 
ATOM   734  C  C2    . A   C 1 3  ? -34.540 -18.487 -18.733 1.00 25.99 ? 3  A   C C2    1 
ATOM   735  N  N3    . A   C 1 3  ? -33.329 -19.020 -18.881 1.00 26.40 ? 3  A   C N3    1 
ATOM   736  C  C4    . A   C 1 3  ? -32.751 -19.215 -17.685 1.00 26.19 ? 3  A   C C4    1 
ATOM   737  P  P     . G   C 1 4  ? -27.186 -16.837 -18.522 1.00 30.82 ? 4  G   C P     1 
ATOM   738  O  OP1   . G   C 1 4  ? -25.847 -16.550 -19.110 1.00 29.60 ? 4  G   C OP1   1 
ATOM   739  O  OP2   . G   C 1 4  ? -27.460 -16.465 -17.102 1.00 28.31 ? 4  G   C OP2   1 
ATOM   740  O  "O5'" . G   C 1 4  ? -28.325 -16.163 -19.410 1.00 26.77 ? 4  G   C "O5'" 1 
ATOM   741  C  "C5'" . G   C 1 4  ? -28.300 -16.265 -20.822 1.00 27.08 ? 4  G   C "C5'" 1 
ATOM   742  C  "C4'" . G   C 1 4  ? -29.485 -15.555 -21.416 1.00 27.01 ? 4  G   C "C4'" 1 
ATOM   743  O  "O4'" . G   C 1 4  ? -30.700 -16.283 -21.101 1.00 27.62 ? 4  G   C "O4'" 1 
ATOM   744  C  "C3'" . G   C 1 4  ? -29.756 -14.163 -20.874 1.00 27.29 ? 4  G   C "C3'" 1 
ATOM   745  O  "O3'" . G   C 1 4  ? -28.934 -13.198 -21.496 1.00 28.19 ? 4  G   C "O3'" 1 
ATOM   746  C  "C2'" . G   C 1 4  ? -31.221 -13.975 -21.240 1.00 28.55 ? 4  G   C "C2'" 1 
ATOM   747  O  "O2'" . G   C 1 4  ? -31.435 -13.660 -22.604 1.00 27.93 ? 4  G   C "O2'" 1 
ATOM   748  C  "C1'" . G   C 1 4  ? -31.772 -15.368 -20.942 1.00 27.52 ? 4  G   C "C1'" 1 
ATOM   749  N  N9    . G   C 1 4  ? -32.253 -15.442 -19.568 1.00 27.64 ? 4  G   C N9    1 
ATOM   750  C  C8    . G   C 1 4  ? -31.598 -15.941 -18.460 1.00 27.16 ? 4  G   C C8    1 
ATOM   751  N  N7    . G   C 1 4  ? -32.309 -15.854 -17.366 1.00 26.34 ? 4  G   C N7    1 
ATOM   752  C  C5    . G   C 1 4  ? -33.502 -15.270 -17.778 1.00 26.42 ? 4  G   C C5    1 
ATOM   753  C  C6    . G   C 1 4  ? -34.673 -14.926 -17.043 1.00 24.76 ? 4  G   C C6    1 
ATOM   754  O  O6    . G   C 1 4  ? -34.919 -15.113 -15.853 1.00 24.18 ? 4  G   C O6    1 
ATOM   755  N  N1    . G   C 1 4  ? -35.624 -14.316 -17.855 1.00 25.64 ? 4  G   C N1    1 
ATOM   756  C  C2    . G   C 1 4  ? -35.482 -14.089 -19.200 1.00 24.42 ? 4  G   C C2    1 
ATOM   757  N  N2    . G   C 1 4  ? -36.498 -13.467 -19.809 1.00 23.15 ? 4  G   C N2    1 
ATOM   758  N  N3    . G   C 1 4  ? -34.418 -14.439 -19.900 1.00 24.88 ? 4  G   C N3    1 
ATOM   759  C  C4    . G   C 1 4  ? -33.474 -15.008 -19.134 1.00 25.80 ? 4  G   C C4    1 
ATOM   760  P  P     . A   C 1 5  ? -28.484 -11.896 -20.678 1.00 30.25 ? 5  A   C P     1 
ATOM   761  O  OP1   . A   C 1 5  ? -27.393 -11.249 -21.458 1.00 30.28 ? 5  A   C OP1   1 
ATOM   762  O  OP2   . A   C 1 5  ? -28.249 -12.312 -19.274 1.00 29.87 ? 5  A   C OP2   1 
ATOM   763  O  "O5'" . A   C 1 5  ? -29.751 -10.939 -20.722 1.00 26.89 ? 5  A   C "O5'" 1 
ATOM   764  C  "C5'" . A   C 1 5  ? -30.255 -10.475 -21.963 1.00 26.10 ? 5  A   C "C5'" 1 
ATOM   765  C  "C4'" . A   C 1 5  ? -31.532 -9.705  -21.750 1.00 26.27 ? 5  A   C "C4'" 1 
ATOM   766  O  "O4'" . A   C 1 5  ? -32.615 -10.606 -21.387 1.00 25.28 ? 5  A   C "O4'" 1 
ATOM   767  C  "C3'" . A   C 1 5  ? -31.504 -8.708  -20.607 1.00 26.55 ? 5  A   C "C3'" 1 
ATOM   768  O  "O3'" . A   C 1 5  ? -30.835 -7.513  -20.978 1.00 28.15 ? 5  A   C "O3'" 1 
ATOM   769  C  "C2'" . A   C 1 5  ? -32.993 -8.511  -20.354 1.00 26.73 ? 5  A   C "C2'" 1 
ATOM   770  O  "O2'" . A   C 1 5  ? -33.600 -7.719  -21.352 1.00 28.29 ? 5  A   C "O2'" 1 
ATOM   771  C  "C1'" . A   C 1 5  ? -33.497 -9.948  -20.487 1.00 26.17 ? 5  A   C "C1'" 1 
ATOM   772  N  N9    . A   C 1 5  ? -33.458 -10.650 -19.205 1.00 26.35 ? 5  A   C N9    1 
ATOM   773  C  C8    . A   C 1 5  ? -32.439 -11.419 -18.695 1.00 25.87 ? 5  A   C C8    1 
ATOM   774  N  N7    . A   C 1 5  ? -32.688 -11.895 -17.501 1.00 24.75 ? 5  A   C N7    1 
ATOM   775  C  C5    . A   C 1 5  ? -33.955 -11.416 -17.209 1.00 24.89 ? 5  A   C C5    1 
ATOM   776  C  C6    . A   C 1 5  ? -34.779 -11.558 -16.085 1.00 25.41 ? 5  A   C C6    1 
ATOM   777  N  N6    . A   C 1 5  ? -34.437 -12.253 -15.007 1.00 26.62 ? 5  A   C N6    1 
ATOM   778  N  N1    . A   C 1 5  ? -35.984 -10.947 -16.106 1.00 27.39 ? 5  A   C N1    1 
ATOM   779  C  C2    . A   C 1 5  ? -36.323 -10.244 -17.194 1.00 24.63 ? 5  A   C C2    1 
ATOM   780  N  N3    . A   C 1 5  ? -35.633 -10.038 -18.309 1.00 23.61 ? 5  A   C N3    1 
ATOM   781  C  C4    . A   C 1 5  ? -34.444 -10.655 -18.252 1.00 23.87 ? 5  A   C C4    1 
HETATM 782  P  P     . A5M C 1 6  ? -30.047 -6.665  -19.862 1.00 30.02 ? 6  A5M C P     1 
HETATM 783  O  OP1   . A5M C 1 6  ? -29.336 -5.555  -20.553 1.00 30.85 ? 6  A5M C OP1   1 
HETATM 784  O  OP2   . A5M C 1 6  ? -29.280 -7.595  -18.996 1.00 32.49 ? 6  A5M C OP2   1 
HETATM 785  O  "O5'" . A5M C 1 6  ? -31.214 -6.041  -18.980 1.00 28.30 ? 6  A5M C "O5'" 1 
HETATM 786  C  "C5'" . A5M C 1 6  ? -32.162 -5.168  -19.561 1.00 25.96 ? 6  A5M C "C5'" 1 
HETATM 787  C  "C4'" . A5M C 1 6  ? -33.357 -5.035  -18.662 1.00 27.26 ? 6  A5M C "C4'" 1 
HETATM 788  O  "O4'" . A5M C 1 6  ? -33.929 -6.352  -18.430 1.00 27.82 ? 6  A5M C "O4'" 1 
HETATM 789  C  "C1'" . A5M C 1 6  ? -34.467 -6.415  -17.117 1.00 27.28 ? 6  A5M C "C1'" 1 
HETATM 790  N  N1    . A5M C 1 6  ? -33.701 -7.407  -16.351 1.00 27.90 ? 6  A5M C N1    1 
HETATM 791  C  C6    . A5M C 1 6  ? -32.527 -7.916  -16.830 1.00 26.67 ? 6  A5M C C6    1 
HETATM 792  C  C2    . A5M C 1 6  ? -34.198 -7.819  -15.112 1.00 26.99 ? 6  A5M C C2    1 
HETATM 793  O  O2    . A5M C 1 6  ? -35.252 -7.326  -14.706 1.00 28.71 ? 6  A5M C O2    1 
HETATM 794  N  N3    . A5M C 1 6  ? -33.517 -8.733  -14.393 1.00 25.42 ? 6  A5M C N3    1 
HETATM 795  C  C4    . A5M C 1 6  ? -32.371 -9.229  -14.867 1.00 28.43 ? 6  A5M C C4    1 
HETATM 796  N  N4    . A5M C 1 6  ? -31.727 -10.140 -14.129 1.00 27.49 ? 6  A5M C N4    1 
HETATM 797  C  C5    . A5M C 1 6  ? -31.833 -8.817  -16.126 1.00 27.36 ? 6  A5M C C5    1 
HETATM 798  C  "C2'" . A5M C 1 6  ? -34.322 -5.016  -16.524 1.00 26.99 ? 6  A5M C "C2'" 1 
HETATM 799  N  "N2'" . A5M C 1 6  ? -35.531 -4.246  -16.872 1.00 26.89 ? 6  A5M C "N2'" 1 
HETATM 800  C  "C3'" . A5M C 1 6  ? -33.075 -4.540  -17.255 1.00 27.54 ? 6  A5M C "C3'" 1 
HETATM 801  O  "O3'" . A5M C 1 6  ? -32.910 -3.130  -17.203 1.00 27.75 ? 6  A5M C "O3'" 1 
ATOM   802  P  P     . U   C 1 7  ? -31.885 -2.494  -16.142 1.00 24.58 ? 7  U   C P     1 
ATOM   803  O  OP1   . U   C 1 7  ? -31.649 -1.093  -16.549 1.00 24.09 ? 7  U   C OP1   1 
ATOM   804  O  OP2   . U   C 1 7  ? -30.744 -3.419  -15.998 1.00 28.31 ? 7  U   C OP2   1 
ATOM   805  O  "O5'" . U   C 1 7  ? -32.696 -2.498  -14.773 1.00 24.66 ? 7  U   C "O5'" 1 
ATOM   806  C  "C5'" . U   C 1 7  ? -33.839 -1.669  -14.615 1.00 23.36 ? 7  U   C "C5'" 1 
ATOM   807  C  "C4'" . U   C 1 7  ? -34.534 -1.977  -13.318 1.00 22.17 ? 7  U   C "C4'" 1 
ATOM   808  O  "O4'" . U   C 1 7  ? -34.931 -3.372  -13.328 1.00 20.51 ? 7  U   C "O4'" 1 
ATOM   809  C  "C3'" . U   C 1 7  ? -33.681 -1.864  -12.063 1.00 22.08 ? 7  U   C "C3'" 1 
ATOM   810  O  "O3'" . U   C 1 7  ? -33.638 -0.534  -11.591 1.00 21.84 ? 7  U   C "O3'" 1 
ATOM   811  C  "C2'" . U   C 1 7  ? -34.459 -2.735  -11.101 1.00 21.45 ? 7  U   C "C2'" 1 
ATOM   812  O  "O2'" . U   C 1 7  ? -35.639 -2.072  -10.696 1.00 20.51 ? 7  U   C "O2'" 1 
ATOM   813  C  "C1'" . U   C 1 7  ? -34.841 -3.894  -12.014 1.00 20.90 ? 7  U   C "C1'" 1 
ATOM   814  N  N1    . U   C 1 7  ? -33.868 -4.997  -12.008 1.00 22.02 ? 7  U   C N1    1 
ATOM   815  C  C2    . U   C 1 7  ? -33.949 -5.893  -10.953 1.00 21.12 ? 7  U   C C2    1 
ATOM   816  O  O2    . U   C 1 7  ? -34.739 -5.761  -10.041 1.00 22.45 ? 7  U   C O2    1 
ATOM   817  N  N3    . U   C 1 7  ? -33.069 -6.939  -11.005 1.00 16.62 ? 7  U   C N3    1 
ATOM   818  C  C4    . U   C 1 7  ? -32.116 -7.166  -11.960 1.00 18.39 ? 7  U   C C4    1 
ATOM   819  O  O4    . U   C 1 7  ? -31.352 -8.117  -11.820 1.00 20.63 ? 7  U   C O4    1 
ATOM   820  C  C5    . U   C 1 7  ? -32.073 -6.190  -13.012 1.00 18.79 ? 7  U   C C5    1 
ATOM   821  C  C6    . U   C 1 7  ? -32.928 -5.163  -13.000 1.00 18.58 ? 7  U   C C6    1 
ATOM   822  P  P     . U   C 1 8  ? -32.335 -0.010  -10.820 1.00 21.64 ? 8  U   C P     1 
ATOM   823  O  OP1   . U   C 1 8  ? -32.453 1.469   -10.717 1.00 22.88 ? 8  U   C OP1   1 
ATOM   824  O  OP2   . U   C 1 8  ? -31.159 -0.611  -11.501 1.00 26.16 ? 8  U   C OP2   1 
ATOM   825  O  "O5'" . U   C 1 8  ? -32.468 -0.625  -9.361  1.00 22.75 ? 8  U   C "O5'" 1 
ATOM   826  C  "C5'" . U   C 1 8  ? -33.558 -0.251  -8.544  1.00 23.11 ? 8  U   C "C5'" 1 
ATOM   827  C  "C4'" . U   C 1 8  ? -33.637 -1.135  -7.334  1.00 24.29 ? 8  U   C "C4'" 1 
ATOM   828  O  "O4'" . U   C 1 8  ? -33.950 -2.489  -7.742  1.00 25.13 ? 8  U   C "O4'" 1 
ATOM   829  C  "C3'" . U   C 1 8  ? -32.364 -1.293  -6.530  1.00 23.04 ? 8  U   C "C3'" 1 
ATOM   830  O  "O3'" . U   C 1 8  ? -32.151 -0.186  -5.680  1.00 24.59 ? 8  U   C "O3'" 1 
ATOM   831  C  "C2'" . U   C 1 8  ? -32.654 -2.571  -5.766  1.00 24.17 ? 8  U   C "C2'" 1 
ATOM   832  O  "O2'" . U   C 1 8  ? -33.559 -2.366  -4.693  1.00 23.58 ? 8  U   C "O2'" 1 
ATOM   833  C  "C1'" . U   C 1 8  ? -33.325 -3.403  -6.862  1.00 24.04 ? 8  U   C "C1'" 1 
ATOM   834  N  N1    . U   C 1 8  ? -32.360 -4.178  -7.647  1.00 22.95 ? 8  U   C N1    1 
ATOM   835  C  C2    . U   C 1 8  ? -31.971 -5.396  -7.149  1.00 23.46 ? 8  U   C C2    1 
ATOM   836  O  O2    . U   C 1 8  ? -32.387 -5.831  -6.085  1.00 24.23 ? 8  U   C O2    1 
ATOM   837  N  N3    . U   C 1 8  ? -31.080 -6.085  -7.937  1.00 20.79 ? 8  U   C N3    1 
ATOM   838  C  C4    . U   C 1 8  ? -30.549 -5.676  -9.141  1.00 20.20 ? 8  U   C C4    1 
ATOM   839  O  O4    . U   C 1 8  ? -29.807 -6.435  -9.761  1.00 21.10 ? 8  U   C O4    1 
ATOM   840  C  C5    . U   C 1 8  ? -30.991 -4.388  -9.584  1.00 20.21 ? 8  U   C C5    1 
ATOM   841  C  C6    . U   C 1 8  ? -31.863 -3.701  -8.842  1.00 23.02 ? 8  U   C C6    1 
ATOM   842  P  P     . A   C 1 9  ? -30.663 0.384   -5.489  1.00 25.35 ? 9  A   C P     1 
ATOM   843  O  OP1   . A   C 1 9  ? -30.806 1.700   -4.815  1.00 28.02 ? 9  A   C OP1   1 
ATOM   844  O  OP2   . A   C 1 9  ? -29.941 0.301   -6.786  1.00 26.33 ? 9  A   C OP2   1 
ATOM   845  O  "O5'" . A   C 1 9  ? -30.037 -0.647  -4.454  1.00 27.34 ? 9  A   C "O5'" 1 
ATOM   846  C  "C5'" . A   C 1 9  ? -30.646 -0.808  -3.176  1.00 27.88 ? 9  A   C "C5'" 1 
ATOM   847  C  "C4'" . A   C 1 9  ? -30.075 -2.001  -2.466  1.00 27.79 ? 9  A   C "C4'" 1 
ATOM   848  O  "O4'" . A   C 1 9  ? -30.490 -3.224  -3.125  1.00 26.35 ? 9  A   C "O4'" 1 
ATOM   849  C  "C3'" . A   C 1 9  ? -28.563 -2.087  -2.460  1.00 29.31 ? 9  A   C "C3'" 1 
ATOM   850  O  "O3'" . A   C 1 9  ? -28.001 -1.234  -1.473  1.00 33.47 ? 9  A   C "O3'" 1 
ATOM   851  C  "C2'" . A   C 1 9  ? -28.349 -3.563  -2.166  1.00 28.06 ? 9  A   C "C2'" 1 
ATOM   852  O  "O2'" . A   C 1 9  ? -28.577 -3.874  -0.810  1.00 28.03 ? 9  A   C "O2'" 1 
ATOM   853  C  "C1'" . A   C 1 9  ? -29.454 -4.191  -3.017  1.00 28.55 ? 9  A   C "C1'" 1 
ATOM   854  N  N9    . A   C 1 9  ? -28.981 -4.496  -4.364  1.00 28.03 ? 9  A   C N9    1 
ATOM   855  C  C8    . A   C 1 9  ? -29.146 -3.741  -5.497  1.00 27.34 ? 9  A   C C8    1 
ATOM   856  N  N7    . A   C 1 9  ? -28.616 -4.272  -6.565  1.00 26.79 ? 9  A   C N7    1 
ATOM   857  C  C5    . A   C 1 9  ? -28.057 -5.455  -6.106  1.00 26.96 ? 9  A   C C5    1 
ATOM   858  C  C6    . A   C 1 9  ? -27.347 -6.474  -6.755  1.00 25.51 ? 9  A   C C6    1 
ATOM   859  N  N6    . A   C 1 9  ? -27.062 -6.456  -8.052  1.00 23.34 ? 9  A   C N6    1 
ATOM   860  N  N1    . A   C 1 9  ? -26.936 -7.525  -6.012  1.00 25.60 ? 9  A   C N1    1 
ATOM   861  C  C2    . A   C 1 9  ? -27.225 -7.534  -4.708  1.00 25.43 ? 9  A   C C2    1 
ATOM   862  N  N3    . A   C 1 9  ? -27.884 -6.632  -3.984  1.00 24.43 ? 9  A   C N3    1 
ATOM   863  C  C4    . A   C 1 9  ? -28.276 -5.605  -4.753  1.00 26.61 ? 9  A   C C4    1 
ATOM   864  P  P     . A   C 1 10 ? -26.558 -0.571  -1.732  1.00 36.10 ? 10 A   C P     1 
ATOM   865  O  OP1   . A   C 1 10 ? -26.346 0.466   -0.688  1.00 36.91 ? 10 A   C OP1   1 
ATOM   866  O  OP2   . A   C 1 10 ? -26.425 -0.205  -3.166  1.00 35.94 ? 10 A   C OP2   1 
ATOM   867  O  "O5'" . A   C 1 10 ? -25.565 -1.773  -1.429  1.00 34.68 ? 10 A   C "O5'" 1 
ATOM   868  C  "C5'" . A   C 1 10 ? -25.577 -2.387  -0.160  1.00 32.82 ? 10 A   C "C5'" 1 
ATOM   869  C  "C4'" . A   C 1 10 ? -24.768 -3.649  -0.185  1.00 34.04 ? 10 A   C "C4'" 1 
ATOM   870  O  "O4'" . A   C 1 10 ? -25.428 -4.650  -1.009  1.00 32.88 ? 10 A   C "O4'" 1 
ATOM   871  C  "C3'" . A   C 1 10 ? -23.381 -3.551  -0.797  1.00 34.84 ? 10 A   C "C3'" 1 
ATOM   872  O  "O3'" . A   C 1 10 ? -22.437 -2.966  0.095   1.00 36.17 ? 10 A   C "O3'" 1 
ATOM   873  C  "C2'" . A   C 1 10 ? -23.097 -5.022  -1.062  1.00 33.75 ? 10 A   C "C2'" 1 
ATOM   874  O  "O2'" . A   C 1 10 ? -22.837 -5.722  0.134   1.00 34.26 ? 10 A   C "O2'" 1 
ATOM   875  C  "C1'" . A   C 1 10 ? -24.447 -5.478  -1.617  1.00 32.43 ? 10 A   C "C1'" 1 
ATOM   876  N  N9    . A   C 1 10 ? -24.499 -5.264  -3.063  1.00 30.74 ? 10 A   C N9    1 
ATOM   877  C  C8    . A   C 1 10 ? -25.057 -4.212  -3.747  1.00 28.20 ? 10 A   C C8    1 
ATOM   878  N  N7    . A   C 1 10 ? -24.928 -4.303  -5.045  1.00 27.35 ? 10 A   C N7    1 
ATOM   879  C  C5    . A   C 1 10 ? -24.239 -5.493  -5.230  1.00 27.43 ? 10 A   C C5    1 
ATOM   880  C  C6    . A   C 1 10 ? -23.793 -6.163  -6.385  1.00 25.40 ? 10 A   C C6    1 
ATOM   881  N  N6    . A   C 1 10 ? -23.978 -5.705  -7.625  1.00 23.22 ? 10 A   C N6    1 
ATOM   882  N  N1    . A   C 1 10 ? -23.141 -7.332  -6.218  1.00 26.15 ? 10 A   C N1    1 
ATOM   883  C  C2    . A   C 1 10 ? -22.945 -7.787  -4.976  1.00 27.73 ? 10 A   C C2    1 
ATOM   884  N  N3    . A   C 1 10 ? -23.314 -7.251  -3.816  1.00 28.28 ? 10 A   C N3    1 
ATOM   885  C  C4    . A   C 1 10 ? -23.968 -6.094  -4.017  1.00 27.86 ? 10 A   C C4    1 
ATOM   886  P  P     . G   C 1 11 ? -21.313 -1.967  -0.483  1.00 38.57 ? 11 G   C P     1 
ATOM   887  O  OP1   . G   C 1 11 ? -20.651 -1.369  0.707   1.00 38.96 ? 11 G   C OP1   1 
ATOM   888  O  OP2   . G   C 1 11 ? -21.928 -1.079  -1.500  1.00 38.05 ? 11 G   C OP2   1 
ATOM   889  O  "O5'" . G   C 1 11 ? -20.292 -2.946  -1.223  1.00 35.90 ? 11 G   C "O5'" 1 
ATOM   890  C  "C5'" . G   C 1 11 ? -19.784 -4.088  -0.541  1.00 33.26 ? 11 G   C "C5'" 1 
ATOM   891  C  "C4'" . G   C 1 11 ? -19.176 -5.080  -1.509  1.00 32.11 ? 11 G   C "C4'" 1 
ATOM   892  O  "O4'" . G   C 1 11 ? -20.206 -5.680  -2.331  1.00 31.43 ? 11 G   C "O4'" 1 
ATOM   893  C  "C3'" . G   C 1 11 ? -18.159 -4.564  -2.515  1.00 30.07 ? 11 G   C "C3'" 1 
ATOM   894  O  "O3'" . G   C 1 11 ? -16.885 -4.428  -1.903  1.00 29.29 ? 11 G   C "O3'" 1 
ATOM   895  C  "C2'" . G   C 1 11 ? -18.159 -5.698  -3.530  1.00 29.36 ? 11 G   C "C2'" 1 
ATOM   896  O  "O2'" . G   C 1 11 ? -17.456 -6.834  -3.082  1.00 31.00 ? 11 G   C "O2'" 1 
ATOM   897  C  "C1'" . G   C 1 11 ? -19.647 -6.045  -3.582  1.00 30.13 ? 11 G   C "C1'" 1 
ATOM   898  N  N9    . G   C 1 11 ? -20.298 -5.275  -4.630  1.00 28.24 ? 11 G   C N9    1 
ATOM   899  C  C8    . G   C 1 11 ? -21.055 -4.141  -4.500  1.00 27.71 ? 11 G   C C8    1 
ATOM   900  N  N7    . G   C 1 11 ? -21.485 -3.682  -5.643  1.00 28.21 ? 11 G   C N7    1 
ATOM   901  C  C5    . G   C 1 11 ? -20.984 -4.575  -6.579  1.00 27.51 ? 11 G   C C5    1 
ATOM   902  C  C6    . G   C 1 11 ? -21.129 -4.613  -7.986  1.00 26.91 ? 11 G   C C6    1 
ATOM   903  O  O6    . G   C 1 11 ? -21.760 -3.847  -8.709  1.00 25.82 ? 11 G   C O6    1 
ATOM   904  N  N1    . G   C 1 11 ? -20.440 -5.685  -8.544  1.00 28.96 ? 11 G   C N1    1 
ATOM   905  C  C2    . G   C 1 11 ? -19.703 -6.605  -7.834  1.00 28.83 ? 11 G   C C2    1 
ATOM   906  N  N2    . G   C 1 11 ? -19.081 -7.549  -8.546  1.00 27.65 ? 11 G   C N2    1 
ATOM   907  N  N3    . G   C 1 11 ? -19.580 -6.591  -6.522  1.00 27.91 ? 11 G   C N3    1 
ATOM   908  C  C4    . G   C 1 11 ? -20.243 -5.557  -5.965  1.00 27.63 ? 11 G   C C4    1 
ATOM   909  P  P     . U   C 1 12 ? -15.824 -3.355  -2.467  1.00 29.23 ? 12 U   C P     1 
ATOM   910  O  OP1   . U   C 1 12 ? -14.793 -3.254  -1.398  1.00 30.56 ? 12 U   C OP1   1 
ATOM   911  O  OP2   . U   C 1 12 ? -16.501 -2.129  -2.948  1.00 26.69 ? 12 U   C OP2   1 
ATOM   912  O  "O5'" . U   C 1 12 ? -15.173 -4.094  -3.722  1.00 28.91 ? 12 U   C "O5'" 1 
ATOM   913  C  "C5'" . U   C 1 12 ? -14.489 -5.333  -3.552  1.00 29.74 ? 12 U   C "C5'" 1 
ATOM   914  C  "C4'" . U   C 1 12 ? -14.009 -5.859  -4.884  1.00 29.97 ? 12 U   C "C4'" 1 
ATOM   915  O  "O4'" . U   C 1 12 ? -15.118 -6.418  -5.640  1.00 28.52 ? 12 U   C "O4'" 1 
ATOM   916  C  "C3'" . U   C 1 12 ? -13.417 -4.809  -5.809  1.00 30.49 ? 12 U   C "C3'" 1 
ATOM   917  O  "O3'" . U   C 1 12 ? -12.066 -4.538  -5.498  1.00 29.59 ? 12 U   C "O3'" 1 
ATOM   918  C  "C2'" . U   C 1 12 ? -13.567 -5.471  -7.166  1.00 29.45 ? 12 U   C "C2'" 1 
ATOM   919  O  "O2'" . U   C 1 12 ? -12.575 -6.462  -7.343  1.00 30.22 ? 12 U   C "O2'" 1 
ATOM   920  C  "C1'" . U   C 1 12 ? -14.951 -6.112  -7.020  1.00 30.24 ? 12 U   C "C1'" 1 
ATOM   921  N  N1    . U   C 1 12 ? -16.036 -5.204  -7.421  1.00 30.43 ? 12 U   C N1    1 
ATOM   922  C  C2    . U   C 1 12 ? -16.382 -5.164  -8.758  1.00 31.77 ? 12 U   C C2    1 
ATOM   923  O  O2    . U   C 1 12 ? -15.830 -5.840  -9.604  1.00 33.40 ? 12 U   C O2    1 
ATOM   924  N  N3    . U   C 1 12 ? -17.403 -4.302  -9.068  1.00 31.76 ? 12 U   C N3    1 
ATOM   925  C  C4    . U   C 1 12 ? -18.099 -3.492  -8.198  1.00 31.62 ? 12 U   C C4    1 
ATOM   926  O  O4    . U   C 1 12 ? -18.974 -2.744  -8.639  1.00 29.01 ? 12 U   C O4    1 
ATOM   927  C  C5    . U   C 1 12 ? -17.684 -3.591  -6.828  1.00 30.48 ? 12 U   C C5    1 
ATOM   928  C  C6    . U   C 1 12 ? -16.691 -4.420  -6.497  1.00 30.11 ? 12 U   C C6    1 
ATOM   929  P  P     . C   C 1 13 ? -11.499 -3.051  -5.686  1.00 33.01 ? 13 C   C P     1 
ATOM   930  O  OP1   . C   C 1 13 ? -10.127 -3.066  -5.110  1.00 31.03 ? 13 C   C OP1   1 
ATOM   931  O  OP2   . C   C 1 13 ? -12.507 -2.075  -5.187  1.00 33.36 ? 13 C   C OP2   1 
ATOM   932  O  "O5'" . C   C 1 13 ? -11.377 -2.882  -7.263  1.00 29.96 ? 13 C   C "O5'" 1 
ATOM   933  C  "C5'" . C   C 1 13 ? -10.500 -3.728  -7.997  1.00 27.93 ? 13 C   C "C5'" 1 
ATOM   934  C  "C4'" . C   C 1 13 ? -10.759 -3.606  -9.470  1.00 26.47 ? 13 C   C "C4'" 1 
ATOM   935  O  "O4'" . C   C 1 13 ? -12.076 -4.124  -9.791  1.00 25.33 ? 13 C   C "O4'" 1 
ATOM   936  C  "C3'" . C   C 1 13 ? -10.804 -2.197  -10.012 1.00 26.82 ? 13 C   C "C3'" 1 
ATOM   937  O  "O3'" . C   C 1 13 ? -9.505  -1.636  -10.168 1.00 27.88 ? 13 C   C "O3'" 1 
ATOM   938  C  "C2'" . C   C 1 13 ? -11.520 -2.426  -11.331 1.00 26.94 ? 13 C   C "C2'" 1 
ATOM   939  O  "O2'" . C   C 1 13 ? -10.678 -3.039  -12.276 1.00 26.93 ? 13 C   C "O2'" 1 
ATOM   940  C  "C1'" . C   C 1 13 ? -12.599 -3.416  -10.897 1.00 26.83 ? 13 C   C "C1'" 1 
ATOM   941  N  N1    . C   C 1 13 ? -13.805 -2.698  -10.466 1.00 29.14 ? 13 C   C N1    1 
ATOM   942  C  C2    . C   C 1 13 ? -14.723 -2.281  -11.442 1.00 29.80 ? 13 C   C C2    1 
ATOM   943  O  O2    . C   C 1 13 ? -14.519 -2.587  -12.625 1.00 30.60 ? 13 C   C O2    1 
ATOM   944  N  N3    . C   C 1 13 ? -15.803 -1.567  -11.070 1.00 28.46 ? 13 C   C N3    1 
ATOM   945  C  C4    . C   C 1 13 ? -15.997 -1.279  -9.780  1.00 30.21 ? 13 C   C C4    1 
ATOM   946  N  N4    . C   C 1 13 ? -17.074 -0.556  -9.454  1.00 31.11 ? 13 C   C N4    1 
ATOM   947  C  C5    . C   C 1 13 ? -15.096 -1.713  -8.764  1.00 28.90 ? 13 C   C C5    1 
ATOM   948  C  C6    . C   C 1 13 ? -14.024 -2.414  -9.146  1.00 28.40 ? 13 C   C C6    1 
ATOM   949  P  P     . U   C 1 14 ? -9.289  -0.060  -9.909  1.00 28.10 ? 14 U   C P     1 
ATOM   950  O  OP1   . U   C 1 14 ? -7.826  0.223   -9.934  1.00 29.02 ? 14 U   C OP1   1 
ATOM   951  O  OP2   . U   C 1 14 ? -10.093 0.359   -8.728  1.00 28.64 ? 14 U   C OP2   1 
ATOM   952  O  "O5'" . U   C 1 14 ? -9.941  0.600   -11.195 1.00 26.25 ? 14 U   C "O5'" 1 
ATOM   953  C  "C5'" . U   C 1 14 ? -9.459  0.272   -12.486 1.00 27.82 ? 14 U   C "C5'" 1 
ATOM   954  C  "C4'" . U   C 1 14 ? -10.375 0.830   -13.532 1.00 27.74 ? 14 U   C "C4'" 1 
ATOM   955  O  "O4'" . U   C 1 14 ? -11.682 0.211   -13.399 1.00 29.09 ? 14 U   C "O4'" 1 
ATOM   956  C  "C3'" . U   C 1 14 ? -10.678 2.307   -13.389 1.00 28.05 ? 14 U   C "C3'" 1 
ATOM   957  O  "O3'" . U   C 1 14 ? -9.619  3.113   -13.897 1.00 28.55 ? 14 U   C "O3'" 1 
ATOM   958  C  "C2'" . U   C 1 14 ? -11.961 2.420   -14.199 1.00 27.76 ? 14 U   C "C2'" 1 
ATOM   959  O  "O2'" . U   C 1 14 ? -11.738 2.336   -15.587 1.00 28.31 ? 14 U   C "O2'" 1 
ATOM   960  C  "C1'" . U   C 1 14 ? -12.685 1.149   -13.766 1.00 28.43 ? 14 U   C "C1'" 1 
ATOM   961  N  N1    . U   C 1 14 ? -13.558 1.389   -12.611 1.00 29.45 ? 14 U   C N1    1 
ATOM   962  C  C2    . U   C 1 14 ? -14.799 1.931   -12.867 1.00 29.63 ? 14 U   C C2    1 
ATOM   963  O  O2    . U   C 1 14 ? -15.172 2.204   -13.988 1.00 31.00 ? 14 U   C O2    1 
ATOM   964  N  N3    . U   C 1 14 ? -15.586 2.141   -11.761 1.00 30.39 ? 14 U   C N3    1 
ATOM   965  C  C4    . U   C 1 14 ? -15.260 1.863   -10.449 1.00 30.23 ? 14 U   C C4    1 
ATOM   966  O  O4    . U   C 1 14 ? -16.092 2.066   -9.562  1.00 28.37 ? 14 U   C O4    1 
ATOM   967  C  C5    . U   C 1 14 ? -13.950 1.305   -10.265 1.00 28.99 ? 14 U   C C5    1 
ATOM   968  C  C6    . U   C 1 14 ? -13.165 1.094   -11.327 1.00 28.30 ? 14 U   C C6    1 
ATOM   969  P  P     . G   C 1 15 ? -9.384  4.586   -13.293 1.00 28.16 ? 15 G   C P     1 
ATOM   970  O  OP1   . G   C 1 15 ? -8.086  5.105   -13.802 1.00 29.37 ? 15 G   C OP1   1 
ATOM   971  O  OP2   . G   C 1 15 ? -9.620  4.507   -11.835 1.00 27.11 ? 15 G   C OP2   1 
ATOM   972  O  "O5'" . G   C 1 15 ? -10.527 5.437   -13.984 1.00 26.01 ? 15 G   C "O5'" 1 
ATOM   973  C  "C5'" . G   C 1 15 ? -10.654 5.416   -15.390 1.00 27.94 ? 15 G   C "C5'" 1 
ATOM   974  C  "C4'" . G   C 1 15 ? -11.961 6.020   -15.793 1.00 30.10 ? 15 G   C "C4'" 1 
ATOM   975  O  "O4'" . G   C 1 15 ? -13.042 5.212   -15.271 1.00 28.92 ? 15 G   C "O4'" 1 
ATOM   976  C  "C3'" . G   C 1 15 ? -12.233 7.387   -15.201 1.00 30.81 ? 15 G   C "C3'" 1 
ATOM   977  O  "O3'" . G   C 1 15 ? -11.567 8.402   -15.937 1.00 31.63 ? 15 G   C "O3'" 1 
ATOM   978  C  "C2'" . G   C 1 15 ? -13.743 7.475   -15.325 1.00 30.26 ? 15 G   C "C2'" 1 
ATOM   979  O  "O2'" . G   C 1 15 ? -14.154 7.741   -16.654 1.00 29.35 ? 15 G   C "O2'" 1 
ATOM   980  C  "C1'" . G   C 1 15 ? -14.140 6.047   -14.955 1.00 30.60 ? 15 G   C "C1'" 1 
ATOM   981  N  N9    . G   C 1 15 ? -14.475 5.863   -13.546 1.00 30.52 ? 15 G   C N9    1 
ATOM   982  C  C8    . G   C 1 15 ? -13.687 5.327   -12.553 1.00 30.95 ? 15 G   C C8    1 
ATOM   983  N  N7    . G   C 1 15 ? -14.301 5.248   -11.404 1.00 28.74 ? 15 G   C N7    1 
ATOM   984  C  C5    . G   C 1 15 ? -15.559 5.774   -11.655 1.00 28.93 ? 15 G   C C5    1 
ATOM   985  C  C6    . G   C 1 15 ? -16.673 5.941   -10.797 1.00 27.59 ? 15 G   C C6    1 
ATOM   986  O  O6    . G   C 1 15 ? -16.780 5.635   -9.609  1.00 27.93 ? 15 G   C O6    1 
ATOM   987  N  N1    . G   C 1 15 ? -17.740 6.527   -11.459 1.00 27.82 ? 15 G   C N1    1 
ATOM   988  C  C2    . G   C 1 15 ? -17.742 6.898   -12.779 1.00 28.90 ? 15 G   C C2    1 
ATOM   989  N  N2    . G   C 1 15 ? -18.865 7.451   -13.238 1.00 28.09 ? 15 G   C N2    1 
ATOM   990  N  N3    . G   C 1 15 ? -16.713 6.738   -13.591 1.00 28.88 ? 15 G   C N3    1 
ATOM   991  C  C4    . G   C 1 15 ? -15.669 6.174   -12.969 1.00 28.27 ? 15 G   C C4    1 
ATOM   992  P  P     . C   C 1 16 ? -11.123 9.747   -15.186 1.00 29.45 ? 16 C   C P     1 
ATOM   993  O  OP1   . C   C 1 16 ? -10.302 10.532  -16.139 1.00 29.42 ? 16 C   C OP1   1 
ATOM   994  O  OP2   . C   C 1 16 ? -10.562 9.363   -13.863 1.00 30.35 ? 16 C   C OP2   1 
ATOM   995  O  "O5'" . C   C 1 16 ? -12.502 10.512  -14.974 1.00 28.01 ? 16 C   C "O5'" 1 
ATOM   996  C  "C5'" . C   C 1 16 ? -13.239 10.972  -16.102 1.00 24.80 ? 16 C   C "C5'" 1 
ATOM   997  C  "C4'" . C   C 1 16 ? -14.584 11.488  -15.673 1.00 23.68 ? 16 C   C "C4'" 1 
ATOM   998  O  "O4'" . C   C 1 16 ? -15.358 10.404  -15.091 1.00 22.95 ? 16 C   C "O4'" 1 
ATOM   999  C  "C3'" . C   C 1 16 ? -14.560 12.540  -14.577 1.00 23.37 ? 16 C   C "C3'" 1 
ATOM   1000 O  "O3'" . C   C 1 16 ? -14.197 13.856  -15.028 1.00 25.05 ? 16 C   C "O3'" 1 
ATOM   1001 C  "C2'" . C   C 1 16 ? -15.976 12.444  -14.028 1.00 22.94 ? 16 C   C "C2'" 1 
ATOM   1002 O  "O2'" . C   C 1 16 ? -16.911 13.086  -14.870 1.00 22.08 ? 16 C   C "O2'" 1 
ATOM   1003 C  "C1'" . C   C 1 16 ? -16.218 10.934  -14.092 1.00 24.03 ? 16 C   C "C1'" 1 
ATOM   1004 N  N1    . C   C 1 16 ? -15.967 10.247  -12.811 1.00 23.84 ? 16 C   C N1    1 
ATOM   1005 C  C2    . C   C 1 16 ? -17.020 10.147  -11.905 1.00 22.60 ? 16 C   C C2    1 
ATOM   1006 O  O2    . C   C 1 16 ? -18.124 10.601  -12.226 1.00 26.01 ? 16 C   C O2    1 
ATOM   1007 N  N3    . C   C 1 16 ? -16.815 9.560   -10.708 1.00 22.10 ? 16 C   C N3    1 
ATOM   1008 C  C4    . C   C 1 16 ? -15.613 9.080   -10.400 1.00 21.75 ? 16 C   C C4    1 
ATOM   1009 N  N4    . C   C 1 16 ? -15.455 8.544   -9.195  1.00 19.12 ? 16 C   C N4    1 
ATOM   1010 C  C5    . C   C 1 16 ? -14.519 9.139   -11.315 1.00 21.11 ? 16 C   C C5    1 
ATOM   1011 C  C6    . C   C 1 16 ? -14.739 9.729   -12.500 1.00 23.43 ? 16 C   C C6    1 
HETATM 1012 CA CA    . CA  D 2 .  ? 28.066  18.405  20.863  1.00 36.63 ? 17 CA  A CA    1 
HETATM 1013 O  O     . HOH E 3 .  ? 19.940  8.655   10.149  1.00 34.24 ? 17 HOH B O     1 
HETATM 1014 O  O     . HOH E 3 .  ? 2.621   -10.675 -0.183  1.00 29.95 ? 18 HOH B O     1 
HETATM 1015 O  O     . HOH E 3 .  ? 13.176  2.063   5.216   1.00 14.54 ? 19 HOH B O     1 
HETATM 1016 O  O     . HOH E 3 .  ? 11.523  3.360   3.852   1.00 23.47 ? 20 HOH B O     1 
HETATM 1017 O  O     . HOH E 3 .  ? 14.950  0.179   5.645   1.00 30.46 ? 21 HOH B O     1 
HETATM 1018 O  O     . HOH E 3 .  ? 12.427  3.991   6.606   1.00 30.19 ? 22 HOH B O     1 
HETATM 1019 O  O     . HOH E 3 .  ? 21.151  12.738  7.987   1.00 13.46 ? 23 HOH B O     1 
HETATM 1020 O  O     . HOH E 3 .  ? 22.006  17.965  8.128   1.00 36.13 ? 24 HOH B O     1 
HETATM 1021 O  O     . HOH E 3 .  ? 2.400   -17.561 7.590   1.00 28.14 ? 25 HOH B O     1 
HETATM 1022 O  O     . HOH E 3 .  ? 10.026  0.998   1.334   1.00 29.51 ? 26 HOH B O     1 
HETATM 1023 O  O     . HOH E 3 .  ? 24.943  6.768   7.403   1.00 28.31 ? 27 HOH B O     1 
HETATM 1024 O  O     . HOH E 3 .  ? 25.627  17.777  8.039   1.00 36.85 ? 28 HOH B O     1 
HETATM 1025 O  O     . HOH E 3 .  ? 10.285  1.322   5.648   1.00 31.36 ? 29 HOH B O     1 
HETATM 1026 O  O     . HOH F 3 .  ? 10.748  13.021  2.405   1.00 33.72 ? 18 HOH A O     1 
HETATM 1027 O  O     . HOH F 3 .  ? -7.304  -3.486  2.135   1.00 28.86 ? 19 HOH A O     1 
HETATM 1028 O  O     . HOH F 3 .  ? 0.258   -3.946  9.327   1.00 18.18 ? 20 HOH A O     1 
HETATM 1029 O  O     . HOH F 3 .  ? 17.401  -7.316  8.717   1.00 19.13 ? 21 HOH A O     1 
HETATM 1030 O  O     . HOH F 3 .  ? 23.300  6.211   -7.005  1.00 44.02 ? 22 HOH A O     1 
HETATM 1031 O  O     . HOH F 3 .  ? 16.436  14.854  17.359  1.00 32.57 ? 23 HOH A O     1 
HETATM 1032 O  O     . HOH F 3 .  ? 18.711  15.027  21.106  1.00 18.94 ? 24 HOH A O     1 
HETATM 1033 O  O     . HOH F 3 .  ? 25.922  22.512  19.336  1.00 18.55 ? 25 HOH A O     1 
HETATM 1034 O  O     . HOH F 3 .  ? 29.192  16.914  19.967  1.00 25.14 ? 26 HOH A O     1 
HETATM 1035 O  O     . HOH F 3 .  ? 19.966  -1.850  -4.035  1.00 20.49 ? 27 HOH A O     1 
HETATM 1036 O  O     . HOH G 3 .  ? -35.937 -19.920 -10.133 1.00 21.28 ? 17 HOH C O     1 
HETATM 1037 O  O     . HOH G 3 .  ? -16.581 16.198  -15.353 1.00 17.93 ? 18 HOH C O     1 
HETATM 1038 O  O     . HOH G 3 .  ? -26.973 -7.541  -13.129 0.5  47.53 ? 19 HOH C O     1 
HETATM 1039 O  O     . HOH G 3 .  ? -25.443 -6.231  -11.532 1.00 16.74 ? 20 HOH C O     1 
HETATM 1040 O  O     . HOH G 3 .  ? -37.459 -5.767  -14.953 1.00 17.50 ? 21 HOH C O     1 
HETATM 1041 O  O     . HOH G 3 .  ? -14.850 4.844   -7.340  1.00 23.31 ? 22 HOH C O     1 
# 
